data_3GZJ
#
_entry.id   3GZJ
#
_cell.length_a   171.210
_cell.length_b   44.610
_cell.length_c   180.410
_cell.angle_alpha   90.000
_cell.angle_beta   104.440
_cell.angle_gamma   90.000
#
_symmetry.space_group_name_H-M   'C 1 2 1'
#
loop_
_entity.id
_entity.type
_entity.pdbx_description
1 polymer 'Polyneuridine-aldehyde esterase'
2 non-polymer 16-epi-Vellosimine
3 water water
#
_entity_poly.entity_id   1
_entity_poly.type   'polypeptide(L)'
_entity_poly.pdbx_seq_one_letter_code
;AKQQKHFVLVHGGCLGAWIWYKLKPLLESAGHKVTAVDLSAAGINPRRLDEIHTFRDYSEPLMEVMASIPPDEKVVLLGH
SFGGMSLGLAMETYPEKISVAVFMSAMMPDPNHSLTYPFEKYNEKCPADMMLDSQFSTYGNPENPGMSMILGPQFMALKM
FQNCSVEDLELAKMLTRPGSLFFQDLAKAKKFSTERYGSVKRAYIFCNEDKSFPVEFQKWFVESVGADKVKEIKEADAMG
MLSQPREVCKCLLDISDS
;
_entity_poly.pdbx_strand_id   A,B,C,D,E
#
loop_
_chem_comp.id
_chem_comp.type
_chem_comp.name
_chem_comp.formula
EVS non-polymer 16-epi-Vellosimine 'C19 H20 N2 O'
#
# COMPACT_ATOMS: atom_id res chain seq x y z
N GLN A 4 -17.65 -15.42 29.69
CA GLN A 4 -16.59 -14.40 29.95
C GLN A 4 -15.53 -14.48 28.85
N LYS A 5 -15.18 -13.30 28.33
CA LYS A 5 -14.06 -13.12 27.40
C LYS A 5 -13.17 -12.06 28.00
N HIS A 6 -11.92 -12.00 27.51
CA HIS A 6 -10.99 -10.93 27.88
C HIS A 6 -10.73 -10.01 26.66
N PHE A 7 -11.28 -8.79 26.73
CA PHE A 7 -11.02 -7.68 25.80
C PHE A 7 -9.76 -6.85 26.16
N VAL A 8 -8.83 -6.74 25.22
CA VAL A 8 -7.71 -5.82 25.37
C VAL A 8 -7.94 -4.61 24.45
N LEU A 9 -8.00 -3.43 25.05
CA LEU A 9 -8.43 -2.26 24.32
C LEU A 9 -7.26 -1.36 24.07
N VAL A 10 -7.09 -0.96 22.82
CA VAL A 10 -5.91 -0.17 22.37
C VAL A 10 -6.26 1.14 21.70
N HIS A 11 -5.87 2.24 22.35
CA HIS A 11 -6.12 3.63 21.91
C HIS A 11 -5.31 4.06 20.69
N GLY A 12 -5.78 5.08 19.98
CA GLY A 12 -5.00 5.66 18.87
C GLY A 12 -3.90 6.63 19.33
N GLY A 13 -3.38 7.40 18.39
CA GLY A 13 -2.27 8.31 18.67
C GLY A 13 -2.76 9.49 19.47
N CYS A 14 -1.88 10.03 20.31
CA CYS A 14 -2.23 11.22 21.11
C CYS A 14 -3.32 10.98 22.15
N LEU A 15 -3.75 9.73 22.35
CA LEU A 15 -4.80 9.45 23.33
C LEU A 15 -4.30 8.57 24.50
N GLY A 16 -5.19 7.86 25.17
CA GLY A 16 -4.68 6.88 26.09
C GLY A 16 -5.70 5.98 26.64
N ALA A 17 -5.31 5.17 27.60
CA ALA A 17 -6.24 4.13 28.12
C ALA A 17 -7.54 4.78 28.53
N TRP A 18 -7.46 6.08 28.85
CA TRP A 18 -8.61 6.77 29.51
C TRP A 18 -9.81 6.91 28.64
N ILE A 19 -9.62 6.70 27.33
CA ILE A 19 -10.69 6.93 26.37
C ILE A 19 -11.78 5.92 26.54
N TRP A 20 -11.38 4.76 27.10
CA TRP A 20 -12.25 3.57 27.28
C TRP A 20 -13.04 3.62 28.58
N TYR A 21 -13.13 4.78 29.18
CA TYR A 21 -13.61 4.84 30.56
C TYR A 21 -15.12 4.58 30.58
N LYS A 22 -15.74 4.88 29.44
CA LYS A 22 -17.17 4.78 29.23
C LYS A 22 -17.54 3.35 28.77
N LEU A 23 -16.63 2.68 28.03
CA LEU A 23 -16.83 1.30 27.55
C LEU A 23 -16.35 0.19 28.52
N LYS A 24 -15.18 0.34 29.15
CA LYS A 24 -14.82 -0.65 30.18
C LYS A 24 -15.94 -1.03 31.23
N PRO A 25 -16.60 -0.06 31.89
CA PRO A 25 -17.64 -0.52 32.82
C PRO A 25 -18.63 -1.47 32.15
N LEU A 26 -19.03 -1.11 30.92
CA LEU A 26 -20.14 -1.75 30.18
C LEU A 26 -19.87 -3.22 29.88
N LEU A 27 -18.64 -3.47 29.40
CA LEU A 27 -18.22 -4.83 29.15
C LEU A 27 -18.13 -5.65 30.42
N GLU A 28 -17.74 -4.99 31.51
CA GLU A 28 -17.65 -5.66 32.80
C GLU A 28 -19.02 -5.92 33.41
N SER A 29 -19.99 -5.02 33.22
CA SER A 29 -21.37 -5.23 33.72
C SER A 29 -22.14 -6.32 32.94
N ALA A 30 -21.59 -6.71 31.79
CA ALA A 30 -22.07 -7.84 31.04
C ALA A 30 -21.27 -9.10 31.41
N GLY A 31 -20.28 -8.94 32.28
CA GLY A 31 -19.57 -10.06 32.86
C GLY A 31 -18.26 -10.45 32.21
N HIS A 32 -17.55 -9.48 31.62
CA HIS A 32 -16.25 -9.78 30.97
C HIS A 32 -15.08 -9.02 31.58
N LYS A 33 -13.89 -9.55 31.29
CA LYS A 33 -12.64 -9.00 31.73
C LYS A 33 -12.20 -7.99 30.67
N VAL A 34 -11.59 -6.90 31.12
CA VAL A 34 -11.18 -5.79 30.25
C VAL A 34 -9.83 -5.30 30.67
N THR A 35 -8.97 -5.05 29.68
CA THR A 35 -7.68 -4.41 29.88
C THR A 35 -7.66 -3.20 28.95
N ALA A 36 -7.39 -2.03 29.50
CA ALA A 36 -7.15 -0.86 28.74
C ALA A 36 -5.72 -0.44 29.04
N VAL A 37 -4.89 -0.51 28.00
CA VAL A 37 -3.45 -0.27 28.11
C VAL A 37 -3.10 1.21 27.78
N ASP A 38 -2.08 1.83 28.42
CA ASP A 38 -1.44 3.07 27.91
C ASP A 38 -0.16 2.65 27.13
N LEU A 39 -0.05 3.12 25.87
CA LEU A 39 1.12 2.84 25.04
C LEU A 39 2.23 3.79 25.46
N SER A 40 3.47 3.51 25.10
CA SER A 40 4.56 4.34 25.60
C SER A 40 4.38 5.81 25.22
N ALA A 41 4.59 6.72 26.19
CA ALA A 41 4.32 8.16 26.14
C ALA A 41 2.95 8.63 25.83
N ALA A 42 1.96 7.84 26.22
CA ALA A 42 0.56 8.17 26.03
C ALA A 42 -0.12 8.03 27.39
N GLY A 43 -1.20 8.77 27.59
CA GLY A 43 -1.85 8.73 28.90
C GLY A 43 -0.91 9.12 30.02
N ILE A 44 -0.95 8.34 31.07
CA ILE A 44 -0.10 8.54 32.24
C ILE A 44 1.10 7.54 32.20
N ASN A 45 1.40 6.97 31.01
CA ASN A 45 2.64 6.19 30.86
C ASN A 45 3.81 7.15 31.13
N PRO A 46 4.76 6.72 31.99
CA PRO A 46 5.88 7.58 32.45
C PRO A 46 6.94 8.00 31.39
N ARG A 47 7.08 7.25 30.31
CA ARG A 47 7.96 7.61 29.24
C ARG A 47 7.58 8.95 28.55
N ARG A 48 8.61 9.65 28.06
CA ARG A 48 8.41 10.85 27.26
C ARG A 48 8.49 10.54 25.74
N LEU A 49 7.80 11.32 24.91
CA LEU A 49 7.88 10.99 23.50
C LEU A 49 9.34 10.84 23.01
N ASP A 50 10.18 11.84 23.26
CA ASP A 50 11.48 11.86 22.60
C ASP A 50 12.42 10.74 23.03
N GLU A 51 11.97 9.85 23.90
CA GLU A 51 12.77 8.66 24.23
C GLU A 51 12.23 7.38 23.57
N ILE A 52 11.15 7.56 22.78
CA ILE A 52 10.54 6.50 21.97
C ILE A 52 10.66 6.76 20.46
N HIS A 53 11.64 6.10 19.82
CA HIS A 53 11.88 6.26 18.37
C HIS A 53 11.39 5.17 17.41
N THR A 54 11.15 3.96 17.94
CA THR A 54 10.59 2.90 17.14
C THR A 54 9.15 2.62 17.56
N PHE A 55 8.39 2.00 16.65
CA PHE A 55 7.00 1.65 16.83
C PHE A 55 6.83 0.40 17.73
N ARG A 56 7.81 -0.48 17.73
CA ARG A 56 7.79 -1.57 18.68
C ARG A 56 7.91 -1.06 20.12
N ASP A 57 8.80 -0.09 20.35
CA ASP A 57 8.92 0.64 21.62
C ASP A 57 7.58 1.27 22.02
N TYR A 58 6.98 2.01 21.10
CA TYR A 58 5.65 2.56 21.30
C TYR A 58 4.65 1.51 21.72
N SER A 59 4.56 0.41 20.98
CA SER A 59 3.58 -0.68 21.23
C SER A 59 3.93 -1.62 22.40
N GLU A 60 5.07 -1.38 23.05
CA GLU A 60 5.59 -2.27 24.09
C GLU A 60 4.65 -2.60 25.27
N PRO A 61 3.86 -1.61 25.78
CA PRO A 61 2.91 -2.02 26.83
C PRO A 61 1.77 -2.96 26.37
N LEU A 62 1.31 -2.88 25.10
CA LEU A 62 0.39 -3.89 24.54
C LEU A 62 1.05 -5.29 24.52
N MET A 63 2.33 -5.33 24.14
CA MET A 63 3.09 -6.57 23.95
C MET A 63 3.37 -7.24 25.30
N GLU A 64 3.57 -6.41 26.32
CA GLU A 64 3.66 -6.89 27.70
C GLU A 64 2.36 -7.57 28.11
N VAL A 65 1.22 -7.06 27.67
CA VAL A 65 -0.07 -7.67 28.03
C VAL A 65 -0.23 -9.05 27.35
N MET A 66 0.09 -9.11 26.05
CA MET A 66 -0.08 -10.30 25.19
C MET A 66 0.81 -11.45 25.62
N ALA A 67 2.02 -11.13 26.07
CA ALA A 67 2.93 -12.12 26.63
C ALA A 67 2.41 -12.74 27.95
N SER A 68 1.47 -12.08 28.62
CA SER A 68 0.94 -12.57 29.92
C SER A 68 -0.46 -13.23 29.83
N ILE A 69 -0.91 -13.52 28.60
CA ILE A 69 -2.16 -14.24 28.41
C ILE A 69 -1.83 -15.70 28.74
N PRO A 70 -2.53 -16.28 29.72
CA PRO A 70 -2.14 -17.64 30.07
C PRO A 70 -2.31 -18.53 28.84
N PRO A 71 -1.56 -19.66 28.78
CA PRO A 71 -1.66 -20.65 27.69
C PRO A 71 -3.11 -21.05 27.38
N ASP A 72 -3.91 -21.19 28.42
CA ASP A 72 -5.29 -21.66 28.27
C ASP A 72 -6.18 -20.64 27.55
N GLU A 73 -5.82 -19.36 27.57
CA GLU A 73 -6.75 -18.26 27.21
C GLU A 73 -6.57 -17.57 25.84
N LYS A 74 -7.61 -16.87 25.40
CA LYS A 74 -7.50 -15.93 24.28
C LYS A 74 -8.15 -14.59 24.64
N VAL A 75 -7.74 -13.55 23.91
CA VAL A 75 -8.30 -12.22 24.05
C VAL A 75 -8.98 -11.73 22.77
N VAL A 76 -9.98 -10.87 22.94
CA VAL A 76 -10.48 -10.06 21.85
C VAL A 76 -9.74 -8.72 21.91
N LEU A 77 -9.18 -8.26 20.79
CA LEU A 77 -8.57 -6.92 20.74
C LEU A 77 -9.50 -5.95 20.04
N LEU A 78 -9.60 -4.72 20.55
CA LEU A 78 -10.32 -3.59 19.94
C LEU A 78 -9.28 -2.49 19.84
N GLY A 79 -9.08 -1.99 18.62
CA GLY A 79 -8.19 -0.84 18.41
C GLY A 79 -8.92 0.19 17.60
N HIS A 80 -8.52 1.44 17.70
CA HIS A 80 -9.15 2.45 16.90
C HIS A 80 -8.03 3.33 16.35
N SER A 81 -8.27 3.95 15.19
CA SER A 81 -7.33 4.83 14.52
C SER A 81 -5.96 4.15 14.45
N PHE A 82 -4.89 4.87 14.79
CA PHE A 82 -3.53 4.32 14.83
C PHE A 82 -3.38 3.07 15.68
N GLY A 83 -4.37 2.81 16.54
CA GLY A 83 -4.37 1.57 17.31
C GLY A 83 -4.34 0.31 16.48
N GLY A 84 -4.97 0.35 15.31
CA GLY A 84 -4.91 -0.74 14.36
C GLY A 84 -3.51 -1.23 14.06
N MET A 85 -2.53 -0.31 13.98
CA MET A 85 -1.16 -0.78 13.80
C MET A 85 -0.60 -1.62 14.92
N SER A 86 -1.02 -1.33 16.17
CA SER A 86 -0.56 -2.10 17.33
C SER A 86 -1.30 -3.41 17.33
N LEU A 87 -2.56 -3.40 16.94
CA LEU A 87 -3.28 -4.66 16.78
C LEU A 87 -2.44 -5.58 15.84
N GLY A 88 -2.06 -5.07 14.67
CA GLY A 88 -1.17 -5.79 13.71
C GLY A 88 0.09 -6.44 14.26
N LEU A 89 0.87 -5.69 15.04
CA LEU A 89 2.08 -6.26 15.69
C LEU A 89 1.68 -7.32 16.69
N ALA A 90 0.57 -7.11 17.39
CA ALA A 90 0.12 -8.04 18.41
C ALA A 90 -0.20 -9.31 17.68
N MET A 91 -0.93 -9.13 16.58
CA MET A 91 -1.44 -10.25 15.77
C MET A 91 -0.31 -10.99 15.07
N GLU A 92 0.73 -10.29 14.63
CA GLU A 92 1.96 -10.97 14.11
C GLU A 92 2.73 -11.81 15.13
N THR A 93 2.90 -11.24 16.32
CA THR A 93 3.75 -11.83 17.33
C THR A 93 2.99 -12.92 18.13
N TYR A 94 1.68 -12.75 18.32
CA TYR A 94 0.88 -13.67 19.14
C TYR A 94 -0.42 -14.09 18.49
N PRO A 95 -0.35 -14.68 17.28
CA PRO A 95 -1.59 -14.86 16.50
C PRO A 95 -2.63 -15.76 17.20
N GLU A 96 -2.12 -16.81 17.83
CA GLU A 96 -2.87 -17.81 18.55
C GLU A 96 -3.50 -17.34 19.89
N LYS A 97 -3.12 -16.14 20.35
CA LYS A 97 -3.58 -15.62 21.66
C LYS A 97 -4.78 -14.71 21.50
N ILE A 98 -5.19 -14.57 20.23
CA ILE A 98 -6.21 -13.63 19.81
C ILE A 98 -7.29 -14.45 19.11
N SER A 99 -8.51 -14.39 19.63
CA SER A 99 -9.62 -15.04 18.94
C SER A 99 -10.17 -14.20 17.77
N VAL A 100 -10.35 -12.90 17.96
CA VAL A 100 -10.74 -11.97 16.88
C VAL A 100 -10.04 -10.63 17.13
N ALA A 101 -9.47 -10.00 16.08
CA ALA A 101 -8.92 -8.64 16.20
C ALA A 101 -9.94 -7.64 15.64
N VAL A 102 -10.33 -6.67 16.47
CA VAL A 102 -11.40 -5.74 16.09
C VAL A 102 -10.85 -4.36 15.83
N PHE A 103 -11.12 -3.83 14.65
CA PHE A 103 -10.59 -2.56 14.18
C PHE A 103 -11.77 -1.66 14.03
N MET A 104 -11.86 -0.64 14.86
CA MET A 104 -12.94 0.28 14.74
C MET A 104 -12.38 1.55 14.18
N SER A 105 -12.90 1.99 13.03
CA SER A 105 -12.33 3.14 12.35
C SER A 105 -10.81 3.20 12.54
N ALA A 106 -10.13 2.15 12.10
CA ALA A 106 -8.70 1.99 12.28
C ALA A 106 -8.12 1.51 10.98
N MET A 107 -6.81 1.72 10.76
CA MET A 107 -6.15 1.08 9.63
C MET A 107 -5.87 -0.37 9.97
N MET A 108 -6.10 -1.23 8.97
CA MET A 108 -5.99 -2.65 9.15
C MET A 108 -4.82 -3.00 8.25
N PRO A 109 -3.69 -3.44 8.83
CA PRO A 109 -2.55 -3.72 7.92
C PRO A 109 -2.79 -4.95 7.00
N ASP A 110 -1.98 -5.08 5.96
CA ASP A 110 -2.10 -6.12 4.93
C ASP A 110 -0.68 -6.65 4.86
N PRO A 111 -0.47 -7.99 5.09
CA PRO A 111 0.80 -8.72 4.95
C PRO A 111 1.44 -8.55 3.58
N ASN A 112 0.63 -8.12 2.62
CA ASN A 112 1.12 -7.93 1.23
C ASN A 112 1.84 -6.61 0.92
N HIS A 113 1.76 -5.64 1.84
CA HIS A 113 2.37 -4.31 1.62
C HIS A 113 3.33 -3.89 2.75
N SER A 114 4.21 -2.93 2.48
CA SER A 114 4.99 -2.28 3.57
C SER A 114 4.06 -1.77 4.67
N LEU A 115 4.56 -1.69 5.90
CA LEU A 115 3.76 -1.18 7.02
C LEU A 115 3.39 0.30 6.90
N THR A 116 4.05 1.02 6.00
CA THR A 116 3.69 2.44 5.76
C THR A 116 2.56 2.60 4.76
N TYR A 117 2.18 1.51 4.09
CA TYR A 117 1.16 1.58 3.00
C TYR A 117 -0.20 2.26 3.32
N PRO A 118 -0.82 1.96 4.48
CA PRO A 118 -2.07 2.70 4.81
C PRO A 118 -1.84 4.22 4.99
N PHE A 119 -0.62 4.62 5.34
CA PHE A 119 -0.23 6.02 5.49
C PHE A 119 -0.05 6.69 4.14
N GLU A 120 0.64 6.02 3.22
CA GLU A 120 0.71 6.46 1.82
C GLU A 120 -0.65 6.61 1.20
N LYS A 121 -1.50 5.60 1.35
CA LYS A 121 -2.85 5.71 0.84
C LYS A 121 -3.66 6.84 1.49
N TYR A 122 -3.45 7.11 2.77
CA TYR A 122 -4.16 8.25 3.42
C TYR A 122 -3.74 9.62 2.82
N ASN A 123 -2.48 9.78 2.50
CA ASN A 123 -2.03 10.97 1.88
C ASN A 123 -2.58 11.12 0.46
N GLU A 124 -2.72 9.99 -0.23
CA GLU A 124 -3.39 9.91 -1.54
C GLU A 124 -4.84 10.34 -1.47
N LYS A 125 -5.57 9.87 -0.47
CA LYS A 125 -7.03 10.04 -0.40
C LYS A 125 -7.48 11.27 0.37
N CYS A 126 -6.60 11.87 1.17
CA CYS A 126 -7.03 12.98 2.03
C CYS A 126 -6.21 14.21 1.69
N PRO A 127 -6.81 15.42 1.90
CA PRO A 127 -6.10 16.68 1.64
C PRO A 127 -4.98 16.87 2.65
N ALA A 128 -4.01 17.71 2.31
CA ALA A 128 -2.84 17.95 3.19
C ALA A 128 -3.17 18.73 4.47
N ASP A 129 -4.34 19.36 4.49
CA ASP A 129 -4.79 20.23 5.57
C ASP A 129 -5.87 19.56 6.42
N MET A 130 -5.86 18.23 6.37
CA MET A 130 -6.83 17.33 6.96
C MET A 130 -6.81 17.45 8.46
N MET A 131 -5.62 17.68 9.00
CA MET A 131 -5.46 17.86 10.44
C MET A 131 -5.66 19.27 11.06
N LEU A 132 -5.99 20.28 10.23
CA LEU A 132 -6.52 21.55 10.70
C LEU A 132 -5.51 22.24 11.59
N ASP A 133 -5.86 22.55 12.86
CA ASP A 133 -4.93 23.26 13.71
C ASP A 133 -3.95 22.40 14.46
N SER A 134 -3.98 21.11 14.19
CA SER A 134 -2.94 20.24 14.71
C SER A 134 -1.57 20.77 14.24
N GLN A 135 -0.50 20.46 14.97
CA GLN A 135 0.82 20.99 14.60
C GLN A 135 1.90 19.91 14.68
N PHE A 136 2.90 19.98 13.79
CA PHE A 136 3.89 18.93 13.61
C PHE A 136 5.30 19.46 13.76
N SER A 137 6.17 18.64 14.36
CA SER A 137 7.58 19.02 14.49
C SER A 137 8.48 17.82 14.46
N THR A 138 9.68 17.98 13.94
CA THR A 138 10.64 16.90 14.02
C THR A 138 11.26 16.80 15.44
N TYR A 139 11.65 15.57 15.79
CA TYR A 139 12.37 15.25 17.04
C TYR A 139 13.30 14.04 16.80
N GLY A 140 14.14 13.72 17.79
CA GLY A 140 15.19 12.74 17.56
C GLY A 140 16.37 13.42 16.91
N ASN A 141 17.09 12.71 16.07
CA ASN A 141 18.33 13.26 15.50
C ASN A 141 18.08 14.18 14.29
N PRO A 142 18.74 15.37 14.22
CA PRO A 142 18.36 16.25 13.10
C PRO A 142 18.81 15.59 11.81
N GLU A 143 19.73 14.64 11.96
CA GLU A 143 20.24 13.84 10.85
C GLU A 143 19.22 12.85 10.23
N ASN A 144 18.39 12.20 11.05
CA ASN A 144 17.29 11.34 10.55
C ASN A 144 15.97 11.33 11.41
N PRO A 145 15.13 12.36 11.24
CA PRO A 145 14.19 12.77 12.29
C PRO A 145 12.84 12.03 12.38
N GLY A 146 12.27 12.03 13.58
CA GLY A 146 10.88 11.58 13.78
C GLY A 146 10.00 12.76 13.49
N MET A 147 8.69 12.56 13.43
CA MET A 147 7.77 13.66 13.36
C MET A 147 6.92 13.44 14.56
N SER A 148 6.69 14.51 15.30
CA SER A 148 5.76 14.48 16.46
C SER A 148 4.54 15.30 16.12
N MET A 149 3.40 14.96 16.69
CA MET A 149 2.22 15.75 16.41
C MET A 149 1.47 16.04 17.69
N ILE A 150 0.91 17.25 17.77
CA ILE A 150 -0.12 17.57 18.74
C ILE A 150 -1.43 17.92 18.03
N LEU A 151 -2.51 17.34 18.53
CA LEU A 151 -3.88 17.60 18.12
C LEU A 151 -4.29 19.01 18.44
N GLY A 152 -4.82 19.74 17.45
CA GLY A 152 -5.22 21.13 17.62
C GLY A 152 -6.57 21.14 18.30
N PRO A 153 -6.86 22.18 19.08
CA PRO A 153 -8.20 22.21 19.75
C PRO A 153 -9.41 22.07 18.76
N GLN A 154 -9.42 22.82 17.65
CA GLN A 154 -10.44 22.75 16.54
C GLN A 154 -10.53 21.38 15.89
N PHE A 155 -9.36 20.81 15.57
CA PHE A 155 -9.30 19.46 15.05
C PHE A 155 -10.09 18.51 15.95
N MET A 156 -9.87 18.63 17.26
CA MET A 156 -10.51 17.75 18.24
C MET A 156 -12.01 17.99 18.28
N ALA A 157 -12.43 19.24 18.44
CA ALA A 157 -13.86 19.61 18.47
C ALA A 157 -14.64 19.29 17.18
N LEU A 158 -14.07 19.62 16.00
CA LEU A 158 -14.76 19.46 14.69
C LEU A 158 -14.63 18.11 14.05
N LYS A 159 -13.47 17.47 14.23
CA LYS A 159 -13.12 16.28 13.49
C LYS A 159 -12.87 15.00 14.29
N MET A 160 -12.79 15.04 15.64
CA MET A 160 -12.73 13.79 16.46
C MET A 160 -13.90 13.59 17.42
N PHE A 161 -14.31 14.64 18.13
CA PHE A 161 -15.27 14.55 19.24
C PHE A 161 -16.56 15.27 18.95
N GLN A 162 -16.91 15.42 17.66
CA GLN A 162 -18.05 16.28 17.28
C GLN A 162 -19.42 15.71 17.61
N ASN A 163 -19.50 14.42 17.88
CA ASN A 163 -20.73 13.81 18.39
C ASN A 163 -20.66 13.45 19.88
N CYS A 164 -19.61 13.97 20.54
CA CYS A 164 -19.37 13.76 21.97
C CYS A 164 -19.86 14.96 22.77
N SER A 165 -20.01 14.80 24.09
CA SER A 165 -20.27 15.92 24.99
C SER A 165 -19.04 16.87 25.07
N VAL A 166 -19.32 18.12 25.46
CA VAL A 166 -18.23 19.06 25.61
C VAL A 166 -17.29 18.58 26.73
N GLU A 167 -17.85 17.79 27.67
CA GLU A 167 -17.11 17.19 28.79
C GLU A 167 -15.98 16.30 28.28
N ASP A 168 -16.34 15.39 27.39
CA ASP A 168 -15.39 14.47 26.75
C ASP A 168 -14.36 15.21 25.92
N LEU A 169 -14.82 16.24 25.22
CA LEU A 169 -13.92 17.16 24.54
C LEU A 169 -12.96 17.83 25.57
N GLU A 170 -13.51 18.32 26.66
CA GLU A 170 -12.62 18.96 27.66
C GLU A 170 -11.57 18.04 28.28
N LEU A 171 -11.98 16.83 28.63
CA LEU A 171 -11.10 15.84 29.21
C LEU A 171 -9.91 15.55 28.32
N ALA A 172 -10.12 15.54 27.00
CA ALA A 172 -9.09 15.14 26.07
C ALA A 172 -8.10 16.23 25.86
N LYS A 173 -8.57 17.47 25.90
CA LYS A 173 -7.64 18.61 25.91
C LYS A 173 -6.72 18.59 27.13
N MET A 174 -7.28 18.19 28.28
CA MET A 174 -6.48 18.01 29.54
C MET A 174 -5.45 16.88 29.44
N LEU A 175 -5.77 15.86 28.64
CA LEU A 175 -5.03 14.60 28.69
C LEU A 175 -4.22 14.24 27.46
N THR A 176 -4.53 14.84 26.32
CA THR A 176 -3.87 14.49 25.08
C THR A 176 -2.41 14.92 25.18
N ARG A 177 -1.51 14.13 24.61
CA ARG A 177 -0.08 14.39 24.69
C ARG A 177 0.43 14.32 23.26
N PRO A 178 1.58 14.94 22.97
CA PRO A 178 2.29 14.74 21.70
C PRO A 178 2.35 13.27 21.26
N GLY A 179 2.08 13.00 20.00
CA GLY A 179 2.18 11.65 19.45
C GLY A 179 3.12 11.53 18.26
N SER A 180 3.38 10.29 17.83
CA SER A 180 4.13 9.98 16.57
C SER A 180 3.40 8.88 15.80
N LEU A 181 3.45 8.94 14.46
CA LEU A 181 2.87 7.87 13.63
C LEU A 181 3.97 6.95 13.17
N PHE A 182 5.17 7.23 13.63
CA PHE A 182 6.34 6.37 13.43
C PHE A 182 6.67 6.05 11.94
N PHE A 183 6.24 6.90 10.99
CA PHE A 183 6.35 6.59 9.55
C PHE A 183 7.77 6.11 9.16
N GLN A 184 8.82 6.78 9.64
CA GLN A 184 10.17 6.47 9.18
C GLN A 184 10.69 5.17 9.77
N ASP A 185 10.13 4.78 10.89
CA ASP A 185 10.48 3.50 11.50
C ASP A 185 9.64 2.41 10.88
N LEU A 186 8.34 2.65 10.74
CA LEU A 186 7.44 1.71 10.11
C LEU A 186 7.95 1.31 8.74
N ALA A 187 8.52 2.25 7.99
CA ALA A 187 9.19 2.00 6.71
C ALA A 187 10.40 1.09 6.77
N LYS A 188 10.84 0.73 7.97
CA LYS A 188 11.98 -0.15 8.14
C LYS A 188 11.59 -1.46 8.80
N ALA A 189 10.36 -1.53 9.32
CA ALA A 189 9.88 -2.71 10.03
C ALA A 189 9.69 -3.91 9.07
N LYS A 190 9.95 -5.11 9.58
CA LYS A 190 9.55 -6.32 8.91
C LYS A 190 8.04 -6.26 8.59
N LYS A 191 7.66 -6.73 7.41
CA LYS A 191 6.25 -6.91 7.07
C LYS A 191 5.65 -8.03 7.89
N PHE A 192 4.35 -7.93 8.09
CA PHE A 192 3.57 -9.03 8.57
C PHE A 192 3.45 -10.10 7.49
N SER A 193 3.15 -11.33 7.93
CA SER A 193 3.03 -12.45 7.04
C SER A 193 1.61 -12.99 7.12
N THR A 194 1.20 -13.80 6.13
CA THR A 194 -0.17 -14.34 6.17
C THR A 194 -0.21 -15.53 7.11
N GLU A 195 0.91 -16.21 7.28
CA GLU A 195 0.96 -17.35 8.19
C GLU A 195 0.67 -16.89 9.65
N ARG A 196 1.00 -15.66 9.96
CA ARG A 196 0.87 -15.19 11.31
C ARG A 196 -0.27 -14.19 11.43
N TYR A 197 0.06 -12.95 11.13
CA TYR A 197 -0.92 -11.89 11.14
C TYR A 197 -2.19 -12.37 10.45
N GLY A 198 -2.01 -12.99 9.28
CA GLY A 198 -3.11 -13.27 8.35
C GLY A 198 -4.00 -14.42 8.81
N SER A 199 -3.54 -15.18 9.80
CA SER A 199 -4.34 -16.29 10.37
C SER A 199 -5.36 -15.77 11.43
N VAL A 200 -5.30 -14.50 11.78
CA VAL A 200 -6.16 -14.01 12.85
C VAL A 200 -7.47 -13.49 12.28
N LYS A 201 -8.60 -14.05 12.72
CA LYS A 201 -9.90 -13.54 12.30
C LYS A 201 -9.90 -12.03 12.53
N ARG A 202 -10.54 -11.26 11.67
CA ARG A 202 -10.56 -9.83 11.81
C ARG A 202 -11.98 -9.29 11.87
N ALA A 203 -12.25 -8.28 12.68
CA ALA A 203 -13.54 -7.61 12.50
C ALA A 203 -13.36 -6.13 12.26
N TYR A 204 -14.40 -5.48 11.76
CA TYR A 204 -14.29 -4.06 11.47
C TYR A 204 -15.54 -3.40 12.02
N ILE A 205 -15.41 -2.21 12.55
CA ILE A 205 -16.60 -1.53 13.00
C ILE A 205 -16.46 -0.20 12.32
N PHE A 206 -17.36 0.10 11.40
CA PHE A 206 -17.45 1.45 10.82
C PHE A 206 -18.02 2.47 11.82
N CYS A 207 -17.42 3.67 11.79
CA CYS A 207 -17.99 4.81 12.49
C CYS A 207 -18.25 5.83 11.44
N ASN A 208 -19.53 5.91 11.05
CA ASN A 208 -19.92 6.52 9.78
C ASN A 208 -19.64 7.98 9.78
N GLU A 209 -19.41 8.54 10.99
CA GLU A 209 -19.40 9.97 11.06
C GLU A 209 -18.08 10.46 11.55
N ASP A 210 -17.09 9.61 11.34
CA ASP A 210 -15.76 9.95 11.67
C ASP A 210 -15.26 10.93 10.59
N LYS A 211 -15.00 12.18 10.95
CA LYS A 211 -14.49 13.17 9.97
C LYS A 211 -12.97 13.15 9.85
N SER A 212 -12.29 12.45 10.77
CA SER A 212 -10.83 12.36 10.70
C SER A 212 -10.33 11.20 9.81
N PHE A 213 -11.20 10.23 9.65
CA PHE A 213 -10.97 9.00 8.90
C PHE A 213 -12.28 8.65 8.13
N PRO A 214 -12.58 9.35 6.99
CA PRO A 214 -13.96 9.25 6.44
C PRO A 214 -14.40 7.81 6.16
N VAL A 215 -15.71 7.54 6.24
CA VAL A 215 -16.24 6.14 6.11
C VAL A 215 -15.90 5.47 4.74
N GLU A 216 -15.93 6.25 3.68
CA GLU A 216 -15.52 5.80 2.36
C GLU A 216 -14.09 5.19 2.40
N PHE A 217 -13.24 5.65 3.32
CA PHE A 217 -11.82 5.20 3.41
C PHE A 217 -11.70 4.00 4.37
N GLN A 218 -12.52 4.01 5.42
CA GLN A 218 -12.65 2.87 6.31
C GLN A 218 -13.13 1.74 5.45
N LYS A 219 -14.20 1.99 4.67
CA LYS A 219 -14.75 1.02 3.72
C LYS A 219 -13.69 0.49 2.76
N TRP A 220 -12.78 1.33 2.33
CA TRP A 220 -11.64 0.87 1.51
C TRP A 220 -10.71 -0.20 2.13
N PHE A 221 -10.46 -0.16 3.45
CA PHE A 221 -9.61 -1.20 4.08
C PHE A 221 -10.30 -2.56 4.10
N VAL A 222 -11.63 -2.58 4.29
CA VAL A 222 -12.39 -3.82 4.18
C VAL A 222 -12.43 -4.34 2.73
N GLU A 223 -12.59 -3.44 1.78
CA GLU A 223 -12.63 -3.92 0.39
C GLU A 223 -11.29 -4.41 -0.11
N SER A 224 -10.18 -3.86 0.35
CA SER A 224 -8.89 -4.30 -0.15
C SER A 224 -8.23 -5.35 0.71
N VAL A 225 -8.47 -5.37 2.01
CA VAL A 225 -7.86 -6.40 2.88
C VAL A 225 -8.86 -7.51 3.29
N GLY A 226 -10.14 -7.18 3.41
CA GLY A 226 -11.15 -8.11 3.92
C GLY A 226 -11.26 -8.12 5.46
N ALA A 227 -12.43 -8.56 5.90
CA ALA A 227 -12.73 -8.74 7.30
C ALA A 227 -13.82 -9.83 7.34
N ASP A 228 -13.75 -10.62 8.40
CA ASP A 228 -14.63 -11.73 8.67
C ASP A 228 -15.99 -11.19 9.10
N LYS A 229 -16.06 -10.37 10.14
CA LYS A 229 -17.31 -9.62 10.40
C LYS A 229 -17.11 -8.12 10.26
N VAL A 230 -18.23 -7.43 10.04
CA VAL A 230 -18.26 -6.02 9.77
C VAL A 230 -19.59 -5.49 10.35
N LYS A 231 -19.50 -4.45 11.20
CA LYS A 231 -20.67 -3.74 11.74
C LYS A 231 -20.55 -2.25 11.43
N GLU A 232 -21.64 -1.53 11.66
CA GLU A 232 -21.61 -0.05 11.58
C GLU A 232 -22.25 0.69 12.76
N ILE A 233 -21.67 1.82 13.08
CA ILE A 233 -22.32 2.72 13.96
C ILE A 233 -22.67 4.00 13.21
N LYS A 234 -23.95 4.08 12.85
CA LYS A 234 -24.48 5.22 12.10
C LYS A 234 -24.06 6.59 12.64
N GLU A 235 -23.82 6.67 13.95
CA GLU A 235 -23.59 7.96 14.55
C GLU A 235 -22.32 8.15 15.36
N ALA A 236 -21.46 7.13 15.35
CA ALA A 236 -20.17 7.25 15.97
C ALA A 236 -19.35 8.25 15.19
N ASP A 237 -18.59 9.06 15.91
CA ASP A 237 -17.61 9.93 15.32
C ASP A 237 -16.28 9.22 15.41
N ALA A 238 -15.17 9.94 15.33
CA ALA A 238 -13.89 9.26 15.46
C ALA A 238 -13.76 8.57 16.84
N MET A 239 -14.39 9.12 17.86
CA MET A 239 -14.37 8.62 19.28
C MET A 239 -15.69 7.90 19.62
N GLY A 240 -15.98 6.88 18.83
CA GLY A 240 -17.19 6.09 19.01
C GLY A 240 -17.35 5.55 20.41
N MET A 241 -16.23 5.29 21.09
CA MET A 241 -16.29 4.66 22.42
C MET A 241 -16.82 5.66 23.49
N LEU A 242 -16.79 6.95 23.12
CA LEU A 242 -17.21 8.04 23.94
C LEU A 242 -18.53 8.58 23.46
N SER A 243 -18.76 8.55 22.15
CA SER A 243 -20.02 9.12 21.61
C SER A 243 -21.14 8.09 21.51
N GLN A 244 -20.78 6.83 21.29
CA GLN A 244 -21.77 5.77 21.27
C GLN A 244 -21.23 4.59 22.05
N PRO A 245 -20.97 4.75 23.36
CA PRO A 245 -20.37 3.62 24.09
C PRO A 245 -21.24 2.34 24.17
N ARG A 246 -22.56 2.48 24.21
CA ARG A 246 -23.48 1.32 24.24
C ARG A 246 -23.52 0.53 22.93
N GLU A 247 -23.39 1.23 21.82
CA GLU A 247 -23.33 0.59 20.49
C GLU A 247 -22.01 -0.18 20.25
N VAL A 248 -20.87 0.32 20.76
CA VAL A 248 -19.56 -0.33 20.61
C VAL A 248 -19.55 -1.58 21.45
N CYS A 249 -20.17 -1.49 22.61
CA CYS A 249 -20.37 -2.63 23.47
C CYS A 249 -21.22 -3.73 22.78
N LYS A 250 -22.40 -3.36 22.29
CA LYS A 250 -23.27 -4.26 21.50
C LYS A 250 -22.60 -4.87 20.29
N CYS A 251 -21.88 -4.06 19.50
CA CYS A 251 -21.13 -4.57 18.34
C CYS A 251 -20.13 -5.62 18.77
N LEU A 252 -19.47 -5.36 19.90
CA LEU A 252 -18.33 -6.16 20.35
C LEU A 252 -18.75 -7.48 20.94
N LEU A 253 -19.98 -7.51 21.45
CA LEU A 253 -20.48 -8.74 22.06
C LEU A 253 -21.01 -9.63 20.91
N ASP A 254 -21.73 -9.01 19.98
CA ASP A 254 -22.03 -9.61 18.69
C ASP A 254 -20.83 -10.25 18.02
N ILE A 255 -19.78 -9.45 17.78
CA ILE A 255 -18.61 -9.95 17.07
C ILE A 255 -17.98 -11.14 17.75
N SER A 256 -18.02 -11.15 19.09
CA SER A 256 -17.17 -12.07 19.91
C SER A 256 -17.87 -13.32 20.39
N ASP A 257 -19.20 -13.27 20.42
CA ASP A 257 -20.01 -14.37 20.92
C ASP A 257 -19.99 -15.62 20.04
N GLN B 4 9.98 49.67 -22.70
CA GLN B 4 9.40 49.55 -21.34
C GLN B 4 8.30 48.50 -21.32
N LYS B 5 8.39 47.56 -20.38
CA LYS B 5 7.27 46.71 -20.03
C LYS B 5 6.64 47.23 -18.73
N HIS B 6 5.45 46.74 -18.43
CA HIS B 6 4.79 47.00 -17.21
C HIS B 6 4.63 45.63 -16.55
N PHE B 7 5.40 45.41 -15.48
CA PHE B 7 5.33 44.16 -14.73
C PHE B 7 4.33 44.26 -13.59
N VAL B 8 3.36 43.35 -13.59
CA VAL B 8 2.41 43.25 -12.51
C VAL B 8 2.80 42.10 -11.60
N LEU B 9 3.09 42.39 -10.33
CA LEU B 9 3.69 41.37 -9.42
C LEU B 9 2.60 40.88 -8.47
N VAL B 10 2.37 39.56 -8.44
CA VAL B 10 1.31 38.91 -7.65
C VAL B 10 1.82 37.85 -6.62
N HIS B 11 1.61 38.14 -5.31
CA HIS B 11 2.16 37.33 -4.20
C HIS B 11 1.33 36.11 -3.97
N GLY B 12 1.94 35.07 -3.38
CA GLY B 12 1.23 33.88 -2.88
C GLY B 12 0.39 34.05 -1.61
N GLY B 13 -0.06 32.93 -1.03
CA GLY B 13 -1.00 32.99 0.09
C GLY B 13 -0.26 33.52 1.31
N CYS B 14 -0.96 34.18 2.24
CA CYS B 14 -0.36 34.74 3.49
C CYS B 14 0.77 35.75 3.33
N LEU B 15 0.96 36.27 2.13
CA LEU B 15 2.00 37.27 1.86
C LEU B 15 1.43 38.56 1.31
N GLY B 16 2.22 39.43 0.70
CA GLY B 16 1.72 40.75 0.29
C GLY B 16 2.68 41.43 -0.65
N ALA B 17 2.31 42.61 -1.14
CA ALA B 17 3.12 43.31 -2.13
C ALA B 17 4.51 43.37 -1.61
N TRP B 18 4.62 43.50 -0.28
CA TRP B 18 5.86 43.80 0.39
C TRP B 18 6.92 42.80 -0.03
N ILE B 19 6.51 41.63 -0.44
CA ILE B 19 7.54 40.61 -0.75
C ILE B 19 8.46 40.98 -1.89
N TRP B 20 7.97 41.86 -2.76
CA TRP B 20 8.62 42.27 -3.99
C TRP B 20 9.54 43.48 -3.83
N TYR B 21 9.99 43.73 -2.58
CA TYR B 21 10.75 44.95 -2.28
C TYR B 21 12.17 44.97 -2.80
N LYS B 22 12.70 43.81 -3.13
CA LYS B 22 14.08 43.69 -3.67
C LYS B 22 14.02 43.54 -5.18
N LEU B 23 12.87 43.11 -5.69
CA LEU B 23 12.75 42.94 -7.12
C LEU B 23 12.31 44.25 -7.77
N LYS B 24 11.29 44.89 -7.18
CA LYS B 24 10.79 46.16 -7.73
C LYS B 24 11.85 47.17 -8.13
N PRO B 25 12.73 47.62 -7.20
CA PRO B 25 13.78 48.51 -7.65
C PRO B 25 14.65 47.95 -8.75
N LEU B 26 14.85 46.65 -8.80
CA LEU B 26 15.62 46.03 -9.84
C LEU B 26 14.98 46.21 -11.21
N LEU B 27 13.67 45.97 -11.29
CA LEU B 27 12.91 46.15 -12.55
C LEU B 27 12.89 47.61 -13.00
N GLU B 28 12.78 48.50 -12.02
CA GLU B 28 12.78 49.94 -12.32
C GLU B 28 14.15 50.44 -12.73
N SER B 29 15.18 50.06 -12.01
CA SER B 29 16.55 50.38 -12.44
C SER B 29 16.82 49.91 -13.86
N ALA B 30 16.11 48.87 -14.29
CA ALA B 30 16.20 48.37 -15.67
C ALA B 30 15.34 49.13 -16.69
N GLY B 31 14.43 49.98 -16.23
CA GLY B 31 13.71 50.92 -17.11
C GLY B 31 12.22 50.64 -17.21
N HIS B 32 11.70 49.70 -16.43
CA HIS B 32 10.33 49.28 -16.58
C HIS B 32 9.45 49.78 -15.47
N LYS B 33 8.16 49.56 -15.64
CA LYS B 33 7.15 50.02 -14.71
C LYS B 33 6.78 48.78 -13.92
N VAL B 34 6.64 48.92 -12.60
CA VAL B 34 6.20 47.82 -11.75
C VAL B 34 4.95 48.16 -10.93
N THR B 35 4.06 47.21 -10.79
CA THR B 35 2.91 47.38 -9.95
C THR B 35 2.84 46.13 -9.13
N ALA B 36 3.05 46.28 -7.81
CA ALA B 36 2.97 45.21 -6.83
C ALA B 36 1.69 45.36 -5.99
N VAL B 37 0.73 44.47 -6.19
CA VAL B 37 -0.62 44.59 -5.66
C VAL B 37 -0.74 43.81 -4.31
N ASP B 38 -1.54 44.30 -3.36
CA ASP B 38 -2.00 43.44 -2.29
C ASP B 38 -3.38 42.89 -2.61
N LEU B 39 -3.51 41.57 -2.53
CA LEU B 39 -4.83 40.98 -2.68
C LEU B 39 -5.64 41.11 -1.38
N SER B 40 -6.95 40.80 -1.42
CA SER B 40 -7.85 41.13 -0.32
C SER B 40 -7.41 40.41 0.96
N ALA B 41 -7.46 41.11 2.11
CA ALA B 41 -6.96 40.66 3.42
C ALA B 41 -5.47 40.26 3.36
N ALA B 42 -4.73 40.80 2.41
CA ALA B 42 -3.31 40.53 2.30
C ALA B 42 -2.52 41.84 2.47
N GLY B 43 -1.29 41.77 2.96
CA GLY B 43 -0.44 42.94 3.13
C GLY B 43 -1.17 43.96 3.92
N ILE B 44 -1.29 45.17 3.37
CA ILE B 44 -1.97 46.28 4.04
C ILE B 44 -3.34 46.56 3.46
N ASN B 45 -3.93 45.58 2.78
CA ASN B 45 -5.32 45.69 2.35
C ASN B 45 -6.21 45.72 3.61
N PRO B 46 -7.15 46.67 3.71
CA PRO B 46 -8.01 46.80 4.92
C PRO B 46 -9.04 45.71 5.20
N ARG B 47 -9.19 44.76 4.30
CA ARG B 47 -10.25 43.78 4.48
C ARG B 47 -9.75 42.72 5.45
N ARG B 48 -10.66 42.07 6.16
CA ARG B 48 -10.23 40.97 7.00
C ARG B 48 -10.62 39.66 6.35
N LEU B 49 -9.94 38.57 6.69
CA LEU B 49 -10.23 37.32 6.01
C LEU B 49 -11.71 36.92 6.06
N ASP B 50 -12.35 36.95 7.24
CA ASP B 50 -13.70 36.42 7.34
C ASP B 50 -14.76 37.20 6.56
N GLU B 51 -14.39 38.34 6.01
CA GLU B 51 -15.29 39.00 5.08
C GLU B 51 -14.96 38.63 3.62
N ILE B 52 -13.97 37.75 3.45
CA ILE B 52 -13.54 37.31 2.14
C ILE B 52 -13.60 35.80 2.06
N HIS B 53 -14.67 35.33 1.41
CA HIS B 53 -15.13 33.94 1.40
C HIS B 53 -15.08 33.26 0.02
N THR B 54 -14.80 34.05 -1.02
CA THR B 54 -14.73 33.54 -2.39
C THR B 54 -13.40 34.00 -2.98
N PHE B 55 -12.87 33.23 -3.94
CA PHE B 55 -11.66 33.58 -4.66
C PHE B 55 -11.67 34.87 -5.47
N ARG B 56 -12.78 35.12 -6.16
CA ARG B 56 -13.01 36.38 -6.86
C ARG B 56 -12.90 37.56 -5.91
N ASP B 57 -13.55 37.50 -4.75
CA ASP B 57 -13.33 38.53 -3.71
C ASP B 57 -11.83 38.67 -3.37
N TYR B 58 -11.12 37.55 -3.21
CA TYR B 58 -9.66 37.59 -2.94
C TYR B 58 -8.89 38.33 -4.02
N SER B 59 -9.18 37.99 -5.29
CA SER B 59 -8.36 38.46 -6.40
C SER B 59 -8.71 39.85 -6.91
N GLU B 60 -9.83 40.41 -6.47
CA GLU B 60 -10.20 41.77 -6.89
C GLU B 60 -9.12 42.87 -6.96
N PRO B 61 -8.23 43.04 -5.95
CA PRO B 61 -7.28 44.12 -6.26
C PRO B 61 -6.51 43.87 -7.55
N LEU B 62 -6.28 42.61 -7.92
CA LEU B 62 -5.62 42.31 -9.19
C LEU B 62 -6.53 42.62 -10.39
N MET B 63 -7.80 42.25 -10.30
CA MET B 63 -8.76 42.56 -11.36
C MET B 63 -9.05 44.04 -11.52
N GLU B 64 -8.92 44.85 -10.46
CA GLU B 64 -8.89 46.33 -10.61
C GLU B 64 -7.64 46.87 -11.29
N VAL B 65 -6.44 46.36 -10.96
CA VAL B 65 -5.24 46.77 -11.75
C VAL B 65 -5.42 46.36 -13.20
N MET B 66 -5.88 45.13 -13.44
CA MET B 66 -6.04 44.67 -14.83
C MET B 66 -7.13 45.49 -15.54
N ALA B 67 -8.33 45.56 -14.95
CA ALA B 67 -9.48 46.31 -15.50
C ALA B 67 -9.20 47.75 -15.94
N SER B 68 -8.11 48.30 -15.44
CA SER B 68 -7.75 49.71 -15.71
C SER B 68 -6.58 49.91 -16.71
N ILE B 69 -5.99 48.84 -17.22
CA ILE B 69 -5.02 48.92 -18.33
C ILE B 69 -5.76 49.52 -19.55
N PRO B 70 -5.17 50.54 -20.23
CA PRO B 70 -5.81 51.10 -21.43
C PRO B 70 -5.80 50.07 -22.56
N PRO B 71 -6.80 50.14 -23.48
CA PRO B 71 -6.85 49.20 -24.62
C PRO B 71 -5.55 49.06 -25.46
N ASP B 72 -4.68 50.08 -25.51
CA ASP B 72 -3.47 50.00 -26.38
C ASP B 72 -2.22 49.40 -25.75
N GLU B 73 -2.31 48.94 -24.50
CA GLU B 73 -1.12 48.49 -23.78
C GLU B 73 -1.20 47.07 -23.28
N LYS B 74 -0.04 46.53 -22.87
CA LYS B 74 0.02 45.16 -22.28
C LYS B 74 0.86 45.00 -20.99
N VAL B 75 0.59 43.94 -20.22
CA VAL B 75 1.38 43.66 -19.03
C VAL B 75 2.03 42.26 -19.02
N VAL B 76 3.20 42.20 -18.36
CA VAL B 76 3.83 40.95 -18.01
C VAL B 76 3.37 40.62 -16.58
N LEU B 77 2.69 39.49 -16.37
CA LEU B 77 2.33 39.02 -15.00
C LEU B 77 3.38 38.09 -14.45
N LEU B 78 3.76 38.29 -13.17
CA LEU B 78 4.59 37.32 -12.36
C LEU B 78 3.76 36.92 -11.14
N GLY B 79 3.61 35.61 -10.89
CA GLY B 79 2.81 35.07 -9.77
C GLY B 79 3.66 33.95 -9.19
N HIS B 80 3.76 33.88 -7.87
CA HIS B 80 4.39 32.74 -7.23
C HIS B 80 3.34 32.01 -6.40
N SER B 81 3.68 30.78 -6.02
CA SER B 81 2.80 29.88 -5.19
C SER B 81 1.34 29.97 -5.56
N PHE B 82 0.45 30.28 -4.63
CA PHE B 82 -1.00 30.42 -4.92
C PHE B 82 -1.29 31.62 -5.83
N GLY B 83 -0.32 32.54 -5.99
CA GLY B 83 -0.48 33.65 -6.93
C GLY B 83 -0.85 33.22 -8.38
N GLY B 84 -0.26 32.09 -8.83
CA GLY B 84 -0.69 31.38 -10.02
C GLY B 84 -2.19 31.32 -10.27
N MET B 85 -3.00 31.10 -9.25
CA MET B 85 -4.46 31.05 -9.48
C MET B 85 -5.02 32.39 -9.81
N SER B 86 -4.53 33.43 -9.13
CA SER B 86 -4.90 34.78 -9.49
C SER B 86 -4.45 35.22 -10.92
N LEU B 87 -3.23 34.82 -11.32
CA LEU B 87 -2.78 34.96 -12.72
C LEU B 87 -3.85 34.36 -13.63
N GLY B 88 -4.20 33.11 -13.38
CA GLY B 88 -5.23 32.44 -14.17
C GLY B 88 -6.52 33.22 -14.37
N LEU B 89 -7.05 33.82 -13.31
CA LEU B 89 -8.23 34.69 -13.42
C LEU B 89 -8.02 35.92 -14.33
N ALA B 90 -6.84 36.52 -14.25
CA ALA B 90 -6.71 37.78 -14.99
C ALA B 90 -6.57 37.44 -16.45
N MET B 91 -5.99 36.25 -16.71
CA MET B 91 -5.77 35.68 -18.00
C MET B 91 -7.10 35.30 -18.62
N GLU B 92 -8.00 34.71 -17.83
CA GLU B 92 -9.34 34.40 -18.32
C GLU B 92 -10.11 35.67 -18.67
N THR B 93 -9.94 36.72 -17.89
CA THR B 93 -10.84 37.91 -17.98
C THR B 93 -10.25 38.94 -18.91
N TYR B 94 -8.93 39.17 -18.87
CA TYR B 94 -8.27 40.19 -19.70
C TYR B 94 -7.17 39.61 -20.59
N PRO B 95 -7.48 38.60 -21.42
CA PRO B 95 -6.40 37.83 -22.08
C PRO B 95 -5.58 38.68 -23.00
N GLU B 96 -6.19 39.68 -23.62
CA GLU B 96 -5.54 40.59 -24.56
C GLU B 96 -4.62 41.66 -23.95
N LYS B 97 -4.69 41.82 -22.63
CA LYS B 97 -3.93 42.84 -21.94
C LYS B 97 -2.65 42.27 -21.36
N ILE B 98 -2.35 41.01 -21.70
CA ILE B 98 -1.21 40.30 -21.09
C ILE B 98 -0.28 39.78 -22.17
N SER B 99 0.92 40.33 -22.30
CA SER B 99 1.89 39.70 -23.23
C SER B 99 2.30 38.28 -22.77
N VAL B 100 2.74 38.15 -21.52
CA VAL B 100 3.09 36.82 -20.97
C VAL B 100 2.76 36.72 -19.48
N ALA B 101 2.22 35.57 -19.04
CA ALA B 101 2.13 35.28 -17.63
C ALA B 101 3.24 34.38 -17.18
N VAL B 102 3.96 34.85 -16.16
CA VAL B 102 5.02 34.04 -15.61
C VAL B 102 4.59 33.43 -14.30
N PHE B 103 4.62 32.10 -14.24
CA PHE B 103 4.33 31.36 -13.05
C PHE B 103 5.65 30.97 -12.43
N MET B 104 5.91 31.35 -11.19
CA MET B 104 7.20 31.02 -10.58
C MET B 104 7.01 30.07 -9.41
N SER B 105 7.51 28.83 -9.51
CA SER B 105 7.06 27.72 -8.63
C SER B 105 5.63 28.00 -8.11
N ALA B 106 4.69 27.94 -9.04
CA ALA B 106 3.32 28.27 -8.83
C ALA B 106 2.39 27.20 -9.46
N MET B 107 1.17 27.19 -8.97
CA MET B 107 0.02 26.51 -9.53
C MET B 107 -0.42 27.18 -10.83
N MET B 108 -0.49 26.39 -11.89
CA MET B 108 -0.81 26.86 -13.25
C MET B 108 -2.10 26.18 -13.61
N PRO B 109 -3.20 26.95 -13.72
CA PRO B 109 -4.51 26.41 -14.11
C PRO B 109 -4.49 25.72 -15.49
N ASP B 110 -5.30 24.66 -15.62
CA ASP B 110 -5.42 23.84 -16.84
C ASP B 110 -6.84 24.05 -17.34
N PRO B 111 -7.00 24.73 -18.49
CA PRO B 111 -8.32 25.05 -19.08
C PRO B 111 -9.17 23.79 -19.35
N ASN B 112 -8.52 22.63 -19.40
CA ASN B 112 -9.20 21.37 -19.65
C ASN B 112 -9.79 20.76 -18.35
N HIS B 113 -9.50 21.38 -17.21
CA HIS B 113 -9.83 20.82 -15.91
C HIS B 113 -10.47 21.83 -14.95
N SER B 114 -11.12 21.29 -13.92
CA SER B 114 -11.63 22.11 -12.80
C SER B 114 -10.53 23.00 -12.20
N LEU B 115 -10.97 24.11 -11.61
CA LEU B 115 -10.04 25.02 -10.90
C LEU B 115 -9.38 24.44 -9.64
N THR B 116 -9.87 23.29 -9.13
CA THR B 116 -9.24 22.62 -7.97
C THR B 116 -8.28 21.50 -8.42
N TYR B 117 -8.18 21.28 -9.74
CA TYR B 117 -7.22 20.33 -10.29
C TYR B 117 -5.75 20.61 -9.89
N PRO B 118 -5.29 21.86 -9.98
CA PRO B 118 -3.96 22.10 -9.47
C PRO B 118 -3.78 21.87 -7.93
N PHE B 119 -4.87 21.57 -7.22
CA PHE B 119 -4.79 21.14 -5.81
C PHE B 119 -4.64 19.61 -5.65
N GLU B 120 -4.92 18.85 -6.72
CA GLU B 120 -5.00 17.40 -6.64
C GLU B 120 -3.67 16.74 -6.36
N LYS B 121 -2.69 17.04 -7.19
CA LYS B 121 -1.39 16.37 -7.07
C LYS B 121 -0.68 16.57 -5.73
N TYR B 122 -0.75 17.81 -5.27
CA TYR B 122 -0.20 18.24 -4.01
C TYR B 122 -0.86 17.50 -2.85
N ASN B 123 -2.19 17.48 -2.85
CA ASN B 123 -2.96 16.74 -1.87
C ASN B 123 -2.82 15.22 -1.94
N GLU B 124 -2.32 14.70 -3.06
CA GLU B 124 -2.11 13.26 -3.29
C GLU B 124 -0.71 12.79 -2.86
N LYS B 125 0.28 13.68 -2.98
CA LYS B 125 1.69 13.36 -2.71
C LYS B 125 2.23 13.95 -1.43
N CYS B 126 1.57 14.97 -0.91
CA CYS B 126 2.06 15.64 0.29
C CYS B 126 1.40 15.06 1.54
N PRO B 127 2.18 14.95 2.64
CA PRO B 127 1.61 14.44 3.89
C PRO B 127 0.91 15.55 4.65
N ALA B 128 0.09 15.18 5.62
CA ALA B 128 -0.61 16.15 6.46
C ALA B 128 0.34 17.03 7.24
N ASP B 129 1.54 16.51 7.53
CA ASP B 129 2.57 17.28 8.22
C ASP B 129 3.40 18.17 7.31
N MET B 130 2.95 18.38 6.06
CA MET B 130 3.67 19.19 5.09
C MET B 130 4.00 20.59 5.60
N MET B 131 3.06 21.24 6.25
CA MET B 131 3.24 22.61 6.76
C MET B 131 3.66 22.78 8.24
N LEU B 132 4.08 21.69 8.86
CA LEU B 132 4.75 21.66 10.12
C LEU B 132 3.89 22.32 11.14
N ASP B 133 4.38 23.40 11.75
CA ASP B 133 3.69 24.03 12.87
C ASP B 133 2.66 25.06 12.41
N SER B 134 2.36 25.11 11.11
CA SER B 134 1.35 26.06 10.58
C SER B 134 -0.02 25.50 10.94
N GLN B 135 -1.08 26.27 10.82
CA GLN B 135 -2.37 25.83 11.35
C GLN B 135 -3.47 26.21 10.42
N PHE B 136 -4.41 25.29 10.21
CA PHE B 136 -5.58 25.57 9.38
C PHE B 136 -6.83 25.68 10.28
N SER B 137 -7.72 26.63 10.00
CA SER B 137 -9.02 26.78 10.72
C SER B 137 -10.25 26.98 9.87
N THR B 138 -11.39 26.55 10.39
CA THR B 138 -12.67 26.90 9.79
C THR B 138 -12.97 28.38 10.11
N TYR B 139 -13.91 28.98 9.41
CA TYR B 139 -14.29 30.39 9.66
C TYR B 139 -15.55 30.80 8.86
N GLY B 140 -16.13 31.96 9.19
CA GLY B 140 -17.42 32.36 8.61
C GLY B 140 -18.46 31.51 9.30
N ASN B 141 -19.50 31.11 8.56
CA ASN B 141 -20.57 30.29 9.12
C ASN B 141 -20.10 28.86 9.43
N PRO B 142 -20.74 28.21 10.43
CA PRO B 142 -20.29 26.88 10.88
C PRO B 142 -20.67 25.73 9.90
N GLU B 143 -21.79 25.88 9.19
CA GLU B 143 -22.33 24.85 8.32
C GLU B 143 -21.88 25.10 6.89
N ASN B 144 -21.12 26.16 6.72
CA ASN B 144 -20.60 26.53 5.43
C ASN B 144 -19.35 27.36 5.66
N PRO B 145 -18.31 26.68 6.21
CA PRO B 145 -17.05 27.33 6.59
C PRO B 145 -15.97 27.23 5.56
N GLY B 146 -15.24 28.32 5.41
CA GLY B 146 -14.04 28.30 4.59
C GLY B 146 -12.91 27.67 5.38
N MET B 147 -11.75 27.51 4.74
CA MET B 147 -10.56 27.00 5.40
C MET B 147 -9.46 28.04 5.41
N SER B 148 -9.04 28.41 6.61
CA SER B 148 -8.07 29.47 6.82
C SER B 148 -6.66 28.85 7.05
N MET B 149 -5.63 29.64 6.87
CA MET B 149 -4.28 29.15 7.18
C MET B 149 -3.45 30.31 7.66
N ILE B 150 -2.67 30.01 8.70
CA ILE B 150 -1.70 30.89 9.29
C ILE B 150 -0.39 30.11 9.16
N LEU B 151 0.71 30.76 8.78
CA LEU B 151 2.02 30.09 8.74
C LEU B 151 2.76 30.01 10.11
N GLY B 152 3.25 28.84 10.49
CA GLY B 152 4.05 28.68 11.72
C GLY B 152 5.46 29.14 11.38
N PRO B 153 6.23 29.65 12.38
CA PRO B 153 7.57 30.20 12.08
C PRO B 153 8.63 29.13 11.81
N GLN B 154 8.35 27.90 12.19
CA GLN B 154 9.26 26.83 11.91
C GLN B 154 9.08 26.45 10.44
N PHE B 155 7.82 26.35 10.01
CA PHE B 155 7.53 26.21 8.60
C PHE B 155 8.17 27.35 7.76
N MET B 156 8.04 28.59 8.20
CA MET B 156 8.63 29.65 7.44
C MET B 156 10.19 29.47 7.45
N ALA B 157 10.77 29.24 8.63
CA ALA B 157 12.22 29.16 8.72
C ALA B 157 12.83 28.08 7.83
N LEU B 158 12.19 26.91 7.83
CA LEU B 158 12.75 25.67 7.22
C LEU B 158 12.26 25.37 5.82
N LYS B 159 11.03 25.81 5.49
CA LYS B 159 10.43 25.43 4.22
C LYS B 159 10.11 26.59 3.24
N MET B 160 10.32 27.81 3.65
CA MET B 160 10.00 28.97 2.79
C MET B 160 11.22 29.91 2.67
N PHE B 161 11.90 30.19 3.81
CA PHE B 161 12.92 31.20 3.82
C PHE B 161 14.31 30.62 4.05
N GLN B 162 14.47 29.32 3.93
CA GLN B 162 15.74 28.72 4.33
C GLN B 162 16.98 29.30 3.59
N ASN B 163 16.80 29.92 2.44
CA ASN B 163 17.93 30.42 1.68
C ASN B 163 17.97 31.94 1.76
N CYS B 164 17.00 32.51 2.47
CA CYS B 164 16.92 33.96 2.70
C CYS B 164 17.74 34.38 3.93
N SER B 165 18.14 35.64 4.01
CA SER B 165 18.67 36.22 5.29
C SER B 165 17.68 36.06 6.48
N VAL B 166 18.20 36.12 7.72
CA VAL B 166 17.36 36.12 8.95
C VAL B 166 16.44 37.34 8.95
N GLU B 167 16.99 38.47 8.52
CA GLU B 167 16.21 39.66 8.28
C GLU B 167 14.90 39.42 7.51
N ASP B 168 14.98 38.76 6.34
CA ASP B 168 13.77 38.57 5.51
C ASP B 168 12.73 37.71 6.22
N LEU B 169 13.19 36.71 6.95
CA LEU B 169 12.30 35.87 7.74
C LEU B 169 11.61 36.67 8.80
N GLU B 170 12.42 37.40 9.56
CA GLU B 170 11.93 38.29 10.61
C GLU B 170 10.88 39.27 10.09
N LEU B 171 11.19 39.90 8.96
CA LEU B 171 10.23 40.73 8.25
C LEU B 171 8.97 39.90 7.92
N ALA B 172 9.15 38.68 7.37
CA ALA B 172 7.99 37.88 7.04
C ALA B 172 7.10 37.68 8.27
N LYS B 173 7.76 37.32 9.38
CA LYS B 173 7.01 37.08 10.66
C LYS B 173 6.15 38.26 11.12
N MET B 174 6.66 39.46 10.94
CA MET B 174 5.94 40.70 11.23
C MET B 174 4.81 41.13 10.28
N LEU B 175 4.77 40.53 9.08
CA LEU B 175 3.89 40.98 8.01
C LEU B 175 2.89 39.87 7.51
N THR B 176 3.24 38.59 7.65
CA THR B 176 2.34 37.51 7.22
C THR B 176 0.98 37.57 7.93
N ARG B 177 -0.09 37.35 7.19
CA ARG B 177 -1.47 37.41 7.74
C ARG B 177 -2.20 36.09 7.38
N PRO B 178 -3.34 35.76 8.06
CA PRO B 178 -4.06 34.55 7.64
C PRO B 178 -4.44 34.56 6.13
N GLY B 179 -4.40 33.39 5.50
CA GLY B 179 -4.84 33.34 4.09
C GLY B 179 -5.76 32.15 3.84
N SER B 180 -6.20 32.00 2.61
CA SER B 180 -7.00 30.84 2.22
C SER B 180 -6.65 30.51 0.79
N LEU B 181 -6.76 29.24 0.45
CA LEU B 181 -6.61 28.82 -0.96
C LEU B 181 -7.96 28.63 -1.58
N PHE B 182 -9.01 28.87 -0.80
CA PHE B 182 -10.41 28.94 -1.31
C PHE B 182 -10.79 27.76 -2.16
N PHE B 183 -10.62 26.54 -1.65
CA PHE B 183 -10.81 25.31 -2.44
C PHE B 183 -12.27 25.03 -2.74
N GLN B 184 -13.09 25.08 -1.68
CA GLN B 184 -14.51 24.87 -1.79
C GLN B 184 -15.17 25.78 -2.82
N ASP B 185 -14.75 27.02 -2.86
CA ASP B 185 -15.30 28.00 -3.77
C ASP B 185 -14.83 27.79 -5.22
N LEU B 186 -13.54 27.54 -5.41
CA LEU B 186 -12.97 27.14 -6.71
C LEU B 186 -13.58 25.84 -7.24
N ALA B 187 -14.02 24.98 -6.33
CA ALA B 187 -14.73 23.76 -6.68
C ALA B 187 -15.91 24.02 -7.60
N LYS B 188 -16.64 25.10 -7.37
CA LYS B 188 -17.87 25.37 -8.13
C LYS B 188 -17.81 26.58 -9.07
N ALA B 189 -16.62 27.14 -9.25
CA ALA B 189 -16.44 28.16 -10.26
C ALA B 189 -16.30 27.48 -11.63
N LYS B 190 -16.66 28.21 -12.68
CA LYS B 190 -16.42 27.75 -14.07
C LYS B 190 -14.95 27.64 -14.36
N LYS B 191 -14.64 26.68 -15.19
CA LYS B 191 -13.29 26.46 -15.63
C LYS B 191 -12.93 27.59 -16.55
N PHE B 192 -11.64 27.88 -16.61
CA PHE B 192 -11.06 28.77 -17.57
C PHE B 192 -11.17 28.10 -18.96
N SER B 193 -10.98 28.87 -20.02
CA SER B 193 -11.28 28.38 -21.36
C SER B 193 -10.05 28.45 -22.24
N THR B 194 -10.03 27.62 -23.27
CA THR B 194 -8.92 27.62 -24.21
C THR B 194 -8.93 28.91 -25.01
N GLU B 195 -10.12 29.47 -25.30
CA GLU B 195 -10.26 30.74 -26.02
C GLU B 195 -9.64 31.93 -25.25
N ARG B 196 -9.83 31.97 -23.94
CA ARG B 196 -9.45 33.17 -23.21
C ARG B 196 -8.17 32.92 -22.42
N TYR B 197 -8.27 32.13 -21.34
CA TYR B 197 -7.10 31.75 -20.56
C TYR B 197 -6.02 31.12 -21.43
N GLY B 198 -6.42 30.18 -22.27
CA GLY B 198 -5.47 29.42 -23.08
C GLY B 198 -4.80 30.17 -24.22
N SER B 199 -5.33 31.35 -24.56
CA SER B 199 -4.75 32.23 -25.58
C SER B 199 -3.53 33.00 -25.08
N VAL B 200 -3.31 33.06 -23.76
CA VAL B 200 -2.25 33.88 -23.21
C VAL B 200 -0.95 33.09 -23.16
N LYS B 201 0.15 33.70 -23.55
CA LYS B 201 1.44 33.04 -23.45
C LYS B 201 1.79 32.77 -21.97
N ARG B 202 2.34 31.59 -21.71
CA ARG B 202 2.68 31.23 -20.35
C ARG B 202 4.17 30.96 -20.33
N ALA B 203 4.86 31.49 -19.31
CA ALA B 203 6.22 31.05 -18.94
C ALA B 203 6.25 30.48 -17.50
N TYR B 204 7.25 29.65 -17.18
CA TYR B 204 7.40 29.06 -15.86
C TYR B 204 8.85 29.30 -15.44
N ILE B 205 9.04 29.60 -14.15
CA ILE B 205 10.36 29.62 -13.52
C ILE B 205 10.42 28.58 -12.41
N PHE B 206 11.31 27.64 -12.58
CA PHE B 206 11.56 26.67 -11.54
C PHE B 206 12.30 27.35 -10.41
N CYS B 207 11.91 27.05 -9.19
CA CYS B 207 12.75 27.40 -8.01
C CYS B 207 13.26 26.11 -7.41
N ASN B 208 14.52 25.80 -7.72
CA ASN B 208 14.95 24.41 -7.54
C ASN B 208 15.00 23.98 -6.11
N GLU B 209 15.26 24.94 -5.21
CA GLU B 209 15.31 24.62 -3.78
C GLU B 209 14.07 24.98 -2.99
N ASP B 210 12.90 25.01 -3.64
CA ASP B 210 11.65 25.30 -2.93
C ASP B 210 11.20 24.11 -2.11
N LYS B 211 11.14 24.23 -0.80
CA LYS B 211 10.80 23.05 0.04
C LYS B 211 9.30 23.01 0.31
N SER B 212 8.60 24.09 0.01
CA SER B 212 7.15 24.17 0.25
C SER B 212 6.40 23.62 -0.95
N PHE B 213 7.06 23.63 -2.09
CA PHE B 213 6.47 23.26 -3.36
C PHE B 213 7.54 22.59 -4.21
N PRO B 214 7.87 21.31 -3.88
CA PRO B 214 9.10 20.69 -4.35
C PRO B 214 9.20 20.66 -5.87
N VAL B 215 10.45 20.67 -6.38
CA VAL B 215 10.70 20.81 -7.82
C VAL B 215 9.98 19.74 -8.66
N GLU B 216 9.59 18.65 -8.02
CA GLU B 216 8.89 17.59 -8.70
C GLU B 216 7.41 17.88 -8.94
N PHE B 217 6.76 18.63 -8.06
CA PHE B 217 5.42 19.13 -8.38
C PHE B 217 5.53 20.22 -9.45
N GLN B 218 6.56 21.06 -9.35
CA GLN B 218 6.75 22.16 -10.31
C GLN B 218 6.93 21.56 -11.74
N LYS B 219 7.85 20.61 -11.83
CA LYS B 219 8.09 19.87 -13.06
C LYS B 219 6.84 19.17 -13.57
N TRP B 220 6.01 18.65 -12.68
CA TRP B 220 4.72 18.05 -13.04
C TRP B 220 3.75 19.04 -13.68
N PHE B 221 3.64 20.24 -13.13
CA PHE B 221 2.90 21.30 -13.79
C PHE B 221 3.43 21.61 -15.19
N VAL B 222 4.74 21.70 -15.32
CA VAL B 222 5.35 21.94 -16.61
C VAL B 222 5.08 20.82 -17.64
N GLU B 223 5.15 19.56 -17.23
CA GLU B 223 5.02 18.41 -18.16
C GLU B 223 3.58 18.16 -18.49
N SER B 224 2.71 18.41 -17.53
CA SER B 224 1.32 18.06 -17.69
C SER B 224 0.45 19.26 -18.13
N VAL B 225 0.68 20.43 -17.56
CA VAL B 225 -0.03 21.65 -17.99
C VAL B 225 0.68 22.37 -19.18
N GLY B 226 2.01 22.48 -19.12
CA GLY B 226 2.79 23.11 -20.18
C GLY B 226 3.00 24.62 -20.04
N ALA B 227 4.16 25.07 -20.45
CA ALA B 227 4.42 26.49 -20.60
C ALA B 227 5.23 26.66 -21.87
N ASP B 228 5.19 27.86 -22.41
CA ASP B 228 5.90 28.18 -23.63
C ASP B 228 7.38 28.41 -23.40
N LYS B 229 7.73 28.96 -22.23
CA LYS B 229 9.10 29.34 -21.91
C LYS B 229 9.36 28.92 -20.48
N VAL B 230 10.40 28.14 -20.27
CA VAL B 230 10.74 27.74 -18.92
C VAL B 230 12.17 28.12 -18.61
N LYS B 231 12.36 28.64 -17.39
CA LYS B 231 13.65 29.09 -16.85
C LYS B 231 13.78 28.37 -15.52
N GLU B 232 15.00 28.28 -14.98
CA GLU B 232 15.19 27.73 -13.64
C GLU B 232 16.13 28.57 -12.80
N ILE B 233 15.81 28.69 -11.51
CA ILE B 233 16.71 29.38 -10.56
C ILE B 233 17.13 28.33 -9.51
N LYS B 234 18.37 27.90 -9.67
CA LYS B 234 18.89 26.68 -9.08
C LYS B 234 18.98 26.76 -7.59
N GLU B 235 19.32 27.94 -7.10
CA GLU B 235 19.42 28.16 -5.65
C GLU B 235 18.25 29.02 -5.05
N ALA B 236 17.10 29.03 -5.73
CA ALA B 236 15.89 29.75 -5.23
C ALA B 236 15.15 28.86 -4.32
N ASP B 237 14.78 29.39 -3.16
CA ASP B 237 13.85 28.72 -2.25
C ASP B 237 12.46 29.19 -2.60
N ALA B 238 11.49 29.04 -1.66
CA ALA B 238 10.09 29.37 -1.91
C ALA B 238 9.85 30.84 -2.10
N MET B 239 10.82 31.63 -1.67
CA MET B 239 10.74 33.07 -1.74
C MET B 239 11.96 33.47 -2.54
N GLY B 240 11.99 33.16 -3.82
CA GLY B 240 13.13 33.51 -4.68
C GLY B 240 13.14 34.98 -5.01
N MET B 241 12.03 35.72 -4.87
CA MET B 241 12.15 37.18 -5.08
C MET B 241 12.93 37.84 -3.91
N LEU B 242 13.14 37.11 -2.84
CA LEU B 242 13.89 37.66 -1.67
C LEU B 242 15.20 36.94 -1.56
N SER B 243 15.24 35.66 -1.96
CA SER B 243 16.48 34.92 -1.81
C SER B 243 17.36 34.98 -3.04
N GLN B 244 16.79 35.03 -4.25
CA GLN B 244 17.59 35.26 -5.47
C GLN B 244 17.01 36.39 -6.35
N PRO B 245 16.95 37.62 -5.83
CA PRO B 245 16.15 38.58 -6.57
C PRO B 245 16.71 38.96 -7.93
N ARG B 246 18.03 39.11 -8.04
CA ARG B 246 18.71 39.46 -9.32
C ARG B 246 18.46 38.37 -10.36
N GLU B 247 18.42 37.13 -9.89
CA GLU B 247 18.10 35.96 -10.72
C GLU B 247 16.69 36.03 -11.24
N VAL B 248 15.73 36.32 -10.37
CA VAL B 248 14.35 36.47 -10.80
C VAL B 248 14.29 37.55 -11.86
N CYS B 249 14.89 38.70 -11.59
CA CYS B 249 14.84 39.83 -12.52
C CYS B 249 15.32 39.39 -13.93
N LYS B 250 16.54 38.85 -13.93
CA LYS B 250 17.17 38.35 -15.12
C LYS B 250 16.23 37.39 -15.84
N CYS B 251 15.80 36.34 -15.17
CA CYS B 251 14.79 35.45 -15.75
C CYS B 251 13.63 36.23 -16.38
N LEU B 252 13.07 37.18 -15.63
CA LEU B 252 11.89 37.96 -16.06
C LEU B 252 12.14 38.82 -17.31
N LEU B 253 13.31 39.44 -17.37
CA LEU B 253 13.63 40.28 -18.51
C LEU B 253 13.89 39.44 -19.76
N ASP B 254 14.36 38.22 -19.58
CA ASP B 254 14.49 37.24 -20.64
C ASP B 254 13.19 36.75 -21.22
N ILE B 255 12.33 36.22 -20.35
CA ILE B 255 10.98 35.82 -20.72
C ILE B 255 10.26 36.95 -21.45
N SER B 256 10.49 38.21 -21.04
CA SER B 256 9.70 39.38 -21.52
C SER B 256 10.13 40.01 -22.86
N ASP B 257 11.34 39.68 -23.32
CA ASP B 257 11.72 39.91 -24.71
C ASP B 257 10.73 39.25 -25.66
N GLN C 4 7.98 -32.47 0.62
CA GLN C 4 7.56 -32.70 -0.79
C GLN C 4 6.43 -31.77 -1.19
N LYS C 5 6.71 -31.02 -2.23
CA LYS C 5 5.77 -30.07 -2.75
C LYS C 5 5.28 -30.61 -4.08
N HIS C 6 4.05 -30.21 -4.42
CA HIS C 6 3.54 -30.32 -5.75
C HIS C 6 3.40 -28.90 -6.40
N PHE C 7 4.22 -28.70 -7.43
CA PHE C 7 4.22 -27.52 -8.29
C PHE C 7 3.33 -27.69 -9.51
N VAL C 8 2.47 -26.70 -9.72
CA VAL C 8 1.59 -26.67 -10.87
C VAL C 8 2.04 -25.50 -11.72
N LEU C 9 2.76 -25.78 -12.83
CA LEU C 9 3.39 -24.67 -13.61
C LEU C 9 2.44 -24.22 -14.72
N VAL C 10 2.30 -22.91 -14.85
CA VAL C 10 1.25 -22.32 -15.67
C VAL C 10 1.88 -21.26 -16.60
N HIS C 11 1.92 -21.59 -17.90
CA HIS C 11 2.54 -20.74 -18.93
C HIS C 11 1.71 -19.47 -19.19
N GLY C 12 2.35 -18.49 -19.80
CA GLY C 12 1.63 -17.28 -20.19
C GLY C 12 1.10 -17.42 -21.62
N GLY C 13 0.78 -16.29 -22.25
CA GLY C 13 0.03 -16.31 -23.52
C GLY C 13 0.89 -16.84 -24.65
N CYS C 14 0.24 -17.51 -25.62
CA CYS C 14 0.93 -17.97 -26.83
C CYS C 14 2.00 -19.09 -26.61
N LEU C 15 2.10 -19.56 -25.38
CA LEU C 15 3.13 -20.55 -24.98
C LEU C 15 2.45 -21.84 -24.58
N GLY C 16 3.18 -22.76 -23.98
CA GLY C 16 2.58 -24.05 -23.64
C GLY C 16 3.32 -24.68 -22.47
N ALA C 17 2.88 -25.86 -22.05
CA ALA C 17 3.64 -26.60 -21.03
C ALA C 17 5.11 -26.80 -21.38
N TRP C 18 5.44 -26.97 -22.67
CA TRP C 18 6.83 -27.14 -23.14
C TRP C 18 7.83 -26.10 -22.63
N ILE C 19 7.38 -24.89 -22.25
CA ILE C 19 8.33 -23.88 -21.70
C ILE C 19 9.01 -24.32 -20.41
N TRP C 20 8.43 -25.33 -19.75
CA TRP C 20 8.93 -25.74 -18.45
C TRP C 20 9.79 -26.94 -18.56
N TYR C 21 10.12 -27.30 -19.80
CA TYR C 21 10.86 -28.53 -20.04
C TYR C 21 12.20 -28.61 -19.32
N LYS C 22 12.78 -27.46 -18.96
CA LYS C 22 14.04 -27.47 -18.18
C LYS C 22 13.78 -27.31 -16.67
N LEU C 23 12.79 -26.51 -16.27
CA LEU C 23 12.51 -26.34 -14.85
C LEU C 23 12.03 -27.65 -14.20
N LYS C 24 11.09 -28.31 -14.87
CA LYS C 24 10.41 -29.52 -14.37
C LYS C 24 11.35 -30.64 -13.90
N PRO C 25 12.38 -31.00 -14.71
CA PRO C 25 13.42 -31.98 -14.30
C PRO C 25 14.26 -31.53 -13.11
N LEU C 26 14.45 -30.22 -13.00
CA LEU C 26 15.09 -29.58 -11.83
C LEU C 26 14.30 -29.73 -10.52
N LEU C 27 13.07 -29.22 -10.49
CA LEU C 27 12.19 -29.46 -9.36
C LEU C 27 12.19 -30.94 -9.01
N GLU C 28 11.81 -31.80 -9.97
CA GLU C 28 11.78 -33.24 -9.75
C GLU C 28 13.08 -33.80 -9.18
N SER C 29 14.22 -33.28 -9.62
CA SER C 29 15.52 -33.66 -9.02
C SER C 29 15.69 -33.25 -7.54
N ALA C 30 14.79 -32.42 -7.04
CA ALA C 30 14.70 -32.20 -5.60
C ALA C 30 13.58 -33.04 -4.99
N GLY C 31 12.84 -33.78 -5.81
CA GLY C 31 11.90 -34.77 -5.28
C GLY C 31 10.47 -34.29 -5.08
N HIS C 32 10.16 -33.19 -5.73
CA HIS C 32 8.82 -32.62 -5.78
C HIS C 32 8.06 -33.15 -7.00
N LYS C 33 6.73 -33.17 -6.91
CA LYS C 33 5.89 -33.52 -8.06
C LYS C 33 5.62 -32.25 -8.85
N VAL C 34 5.60 -32.37 -10.17
CA VAL C 34 5.46 -31.22 -11.08
C VAL C 34 4.40 -31.60 -12.07
N THR C 35 3.39 -30.73 -12.18
CA THR C 35 2.39 -30.77 -13.21
C THR C 35 2.57 -29.49 -14.02
N ALA C 36 2.83 -29.69 -15.31
CA ALA C 36 2.92 -28.60 -16.30
C ALA C 36 1.72 -28.70 -17.26
N VAL C 37 0.84 -27.69 -17.25
CA VAL C 37 -0.49 -27.80 -17.85
C VAL C 37 -0.47 -27.10 -19.22
N ASP C 38 -1.28 -27.58 -20.17
CA ASP C 38 -1.54 -26.81 -21.37
C ASP C 38 -2.91 -26.20 -21.14
N LEU C 39 -2.98 -24.88 -21.26
CA LEU C 39 -4.25 -24.22 -21.20
C LEU C 39 -4.88 -24.39 -22.58
N SER C 40 -6.14 -23.97 -22.70
CA SER C 40 -6.92 -24.35 -23.87
C SER C 40 -6.32 -23.67 -25.08
N ALA C 41 -6.22 -24.41 -26.17
CA ALA C 41 -5.67 -23.88 -27.41
C ALA C 41 -4.20 -23.47 -27.22
N ALA C 42 -3.53 -24.07 -26.22
CA ALA C 42 -2.10 -23.83 -26.00
C ALA C 42 -1.37 -25.13 -25.97
N GLY C 43 -0.09 -25.09 -26.28
CA GLY C 43 0.64 -26.33 -26.33
C GLY C 43 0.02 -27.26 -27.38
N ILE C 44 -0.13 -28.53 -26.99
CA ILE C 44 -0.76 -29.51 -27.83
C ILE C 44 -2.21 -29.72 -27.42
N ASN C 45 -2.75 -28.78 -26.65
CA ASN C 45 -4.15 -28.88 -26.26
C ASN C 45 -4.88 -28.92 -27.60
N PRO C 46 -5.84 -29.88 -27.75
CA PRO C 46 -6.44 -30.09 -29.07
C PRO C 46 -7.38 -28.98 -29.50
N ARG C 47 -7.78 -28.07 -28.61
CA ARG C 47 -8.74 -27.03 -29.00
C ARG C 47 -8.03 -26.01 -29.85
N ARG C 48 -8.78 -25.14 -30.50
CA ARG C 48 -8.18 -24.05 -31.27
C ARG C 48 -8.70 -22.76 -30.69
N LEU C 49 -7.86 -21.73 -30.75
CA LEU C 49 -8.19 -20.44 -30.15
C LEU C 49 -9.56 -19.96 -30.54
N ASP C 50 -9.89 -19.99 -31.82
CA ASP C 50 -11.17 -19.41 -32.21
C ASP C 50 -12.34 -20.19 -31.64
N GLU C 51 -12.05 -21.24 -30.88
CA GLU C 51 -13.07 -21.98 -30.15
C GLU C 51 -13.13 -21.53 -28.68
N ILE C 52 -12.19 -20.65 -28.28
CA ILE C 52 -12.11 -20.24 -26.88
C ILE C 52 -12.46 -18.77 -26.76
N HIS C 53 -13.60 -18.49 -26.13
CA HIS C 53 -14.14 -17.15 -26.13
C HIS C 53 -14.12 -16.50 -24.75
N THR C 54 -13.93 -17.32 -23.72
CA THR C 54 -13.99 -16.84 -22.34
C THR C 54 -12.71 -17.22 -21.66
N PHE C 55 -12.36 -16.45 -20.63
CA PHE C 55 -11.17 -16.68 -19.85
C PHE C 55 -11.27 -17.92 -19.03
N ARG C 56 -12.48 -18.16 -18.56
CA ARG C 56 -12.80 -19.41 -17.85
C ARG C 56 -12.49 -20.60 -18.71
N ASP C 57 -13.08 -20.72 -19.89
CA ASP C 57 -12.70 -21.91 -20.60
C ASP C 57 -11.23 -21.97 -21.08
N TYR C 58 -10.61 -20.81 -21.31
CA TYR C 58 -9.14 -20.76 -21.52
C TYR C 58 -8.39 -21.40 -20.38
N SER C 59 -8.89 -21.20 -19.16
CA SER C 59 -8.26 -21.59 -17.89
C SER C 59 -8.64 -22.97 -17.37
N GLU C 60 -9.59 -23.60 -18.03
CA GLU C 60 -10.15 -24.86 -17.56
C GLU C 60 -9.15 -26.03 -17.35
N PRO C 61 -8.16 -26.24 -18.27
CA PRO C 61 -7.17 -27.26 -17.92
C PRO C 61 -6.49 -27.08 -16.56
N LEU C 62 -6.29 -25.84 -16.12
CA LEU C 62 -5.75 -25.58 -14.79
C LEU C 62 -6.79 -25.94 -13.72
N MET C 63 -8.04 -25.52 -13.90
CA MET C 63 -9.14 -25.78 -12.95
C MET C 63 -9.46 -27.24 -12.79
N GLU C 64 -9.23 -28.02 -13.86
CA GLU C 64 -9.37 -29.48 -13.79
C GLU C 64 -8.18 -30.04 -13.00
N VAL C 65 -6.98 -29.48 -13.17
CA VAL C 65 -5.85 -29.95 -12.34
C VAL C 65 -6.22 -29.67 -10.87
N MET C 66 -6.72 -28.46 -10.63
CA MET C 66 -7.10 -27.99 -9.31
C MET C 66 -8.19 -28.85 -8.66
N ALA C 67 -9.24 -29.19 -9.43
CA ALA C 67 -10.31 -30.07 -8.94
C ALA C 67 -9.79 -31.44 -8.51
N SER C 68 -8.69 -31.89 -9.13
CA SER C 68 -8.22 -33.25 -8.97
C SER C 68 -7.35 -33.39 -7.73
N ILE C 69 -6.89 -32.27 -7.20
CA ILE C 69 -6.09 -32.25 -5.98
C ILE C 69 -6.92 -32.89 -4.83
N PRO C 70 -6.43 -34.03 -4.29
CA PRO C 70 -7.10 -34.80 -3.22
C PRO C 70 -7.32 -33.97 -1.94
N PRO C 71 -8.29 -34.36 -1.10
CA PRO C 71 -8.68 -33.61 0.13
C PRO C 71 -7.55 -33.11 1.08
N ASP C 72 -6.57 -33.97 1.40
CA ASP C 72 -5.54 -33.63 2.37
C ASP C 72 -4.28 -33.01 1.76
N GLU C 73 -4.38 -32.51 0.53
CA GLU C 73 -3.23 -31.96 -0.16
C GLU C 73 -3.38 -30.51 -0.53
N LYS C 74 -2.24 -29.93 -0.89
CA LYS C 74 -2.15 -28.56 -1.39
C LYS C 74 -1.10 -28.48 -2.50
N VAL C 75 -1.13 -27.36 -3.25
CA VAL C 75 -0.12 -27.09 -4.28
C VAL C 75 0.53 -25.71 -4.18
N VAL C 76 1.71 -25.59 -4.80
CA VAL C 76 2.36 -24.34 -5.11
C VAL C 76 2.01 -24.06 -6.59
N LEU C 77 1.51 -22.87 -6.91
CA LEU C 77 1.27 -22.50 -8.32
C LEU C 77 2.39 -21.57 -8.77
N LEU C 78 3.02 -21.79 -9.91
CA LEU C 78 4.02 -20.81 -10.42
C LEU C 78 3.50 -20.38 -11.77
N GLY C 79 3.37 -19.08 -12.01
CA GLY C 79 2.74 -18.61 -13.22
C GLY C 79 3.51 -17.43 -13.70
N HIS C 80 3.62 -17.26 -15.02
CA HIS C 80 4.35 -16.11 -15.54
C HIS C 80 3.54 -15.33 -16.57
N SER C 81 3.86 -14.05 -16.70
CA SER C 81 3.10 -13.12 -17.56
C SER C 81 1.55 -13.28 -17.41
N PHE C 82 0.81 -13.58 -18.48
CA PHE C 82 -0.69 -13.70 -18.42
C PHE C 82 -1.13 -14.93 -17.63
N GLY C 83 -0.21 -15.86 -17.40
CA GLY C 83 -0.47 -16.99 -16.50
C GLY C 83 -0.85 -16.52 -15.08
N GLY C 84 -0.47 -15.31 -14.70
CA GLY C 84 -0.92 -14.75 -13.43
C GLY C 84 -2.45 -14.69 -13.26
N MET C 85 -3.17 -14.54 -14.36
CA MET C 85 -4.61 -14.31 -14.34
C MET C 85 -5.33 -15.63 -14.13
N SER C 86 -4.73 -16.71 -14.63
CA SER C 86 -5.20 -18.09 -14.41
C SER C 86 -4.87 -18.57 -13.01
N LEU C 87 -3.72 -18.17 -12.45
CA LEU C 87 -3.42 -18.41 -11.01
C LEU C 87 -4.51 -17.79 -10.18
N GLY C 88 -4.86 -16.55 -10.51
CA GLY C 88 -5.86 -15.82 -9.77
C GLY C 88 -7.21 -16.51 -9.79
N LEU C 89 -7.63 -17.01 -10.95
CA LEU C 89 -8.87 -17.79 -11.03
C LEU C 89 -8.84 -19.06 -10.16
N ALA C 90 -7.66 -19.68 -10.07
CA ALA C 90 -7.50 -20.92 -9.31
C ALA C 90 -7.63 -20.60 -7.80
N MET C 91 -7.05 -19.46 -7.43
CA MET C 91 -7.03 -18.93 -6.08
C MET C 91 -8.44 -18.55 -5.67
N GLU C 92 -9.24 -17.90 -6.53
CA GLU C 92 -10.63 -17.61 -6.16
C GLU C 92 -11.48 -18.86 -5.93
N THR C 93 -11.22 -19.90 -6.72
CA THR C 93 -12.10 -21.06 -6.75
C THR C 93 -11.65 -22.11 -5.75
N TYR C 94 -10.34 -22.27 -5.64
CA TYR C 94 -9.68 -23.31 -4.78
C TYR C 94 -8.64 -22.80 -3.77
N PRO C 95 -8.96 -21.72 -2.99
CA PRO C 95 -7.92 -21.15 -2.13
C PRO C 95 -7.40 -22.12 -1.07
N GLU C 96 -8.28 -23.03 -0.61
CA GLU C 96 -7.91 -24.03 0.42
C GLU C 96 -6.89 -25.02 -0.10
N LYS C 97 -6.76 -25.12 -1.43
CA LYS C 97 -5.93 -26.18 -2.04
C LYS C 97 -4.56 -25.65 -2.40
N ILE C 98 -4.29 -24.40 -2.03
CA ILE C 98 -3.07 -23.70 -2.44
C ILE C 98 -2.32 -23.16 -1.21
N SER C 99 -1.06 -23.55 -1.08
CA SER C 99 -0.23 -23.04 -0.02
C SER C 99 0.39 -21.70 -0.41
N VAL C 100 1.05 -21.61 -1.57
CA VAL C 100 1.50 -20.31 -2.08
C VAL C 100 1.29 -20.19 -3.62
N ALA C 101 0.97 -18.97 -4.09
CA ALA C 101 0.89 -18.62 -5.51
C ALA C 101 2.06 -17.74 -5.86
N VAL C 102 2.96 -18.21 -6.72
CA VAL C 102 4.07 -17.38 -7.18
C VAL C 102 3.81 -16.76 -8.55
N PHE C 103 4.14 -15.47 -8.70
CA PHE C 103 3.90 -14.70 -9.90
C PHE C 103 5.28 -14.24 -10.35
N MET C 104 5.79 -14.83 -11.43
CA MET C 104 7.09 -14.49 -11.96
C MET C 104 6.91 -13.57 -13.16
N SER C 105 7.31 -12.32 -12.99
CA SER C 105 7.13 -11.32 -14.01
C SER C 105 5.74 -11.45 -14.64
N ALA C 106 4.72 -11.35 -13.79
CA ALA C 106 3.34 -11.64 -14.15
C ALA C 106 2.36 -10.60 -13.63
N MET C 107 1.21 -10.58 -14.29
CA MET C 107 -0.02 -9.91 -13.89
C MET C 107 -0.42 -10.55 -12.57
N MET C 108 -0.77 -9.75 -11.58
CA MET C 108 -1.20 -10.23 -10.27
C MET C 108 -2.49 -9.50 -9.96
N PRO C 109 -3.64 -10.20 -9.97
CA PRO C 109 -4.92 -9.49 -9.67
C PRO C 109 -5.07 -8.90 -8.25
N ASP C 110 -6.00 -7.96 -8.11
CA ASP C 110 -6.32 -7.26 -6.86
C ASP C 110 -7.84 -7.42 -6.64
N PRO C 111 -8.25 -8.09 -5.55
CA PRO C 111 -9.67 -8.27 -5.21
C PRO C 111 -10.47 -6.98 -5.14
N ASN C 112 -9.79 -5.89 -4.79
CA ASN C 112 -10.36 -4.55 -4.74
C ASN C 112 -10.66 -3.90 -6.13
N HIS C 113 -10.32 -4.59 -7.21
CA HIS C 113 -10.51 -4.03 -8.55
C HIS C 113 -11.05 -5.04 -9.57
N SER C 114 -11.61 -4.52 -10.67
CA SER C 114 -12.00 -5.43 -11.75
C SER C 114 -10.78 -6.13 -12.39
N LEU C 115 -11.06 -7.25 -13.04
CA LEU C 115 -10.04 -8.10 -13.64
C LEU C 115 -9.28 -7.52 -14.85
N THR C 116 -9.73 -6.39 -15.36
CA THR C 116 -8.97 -5.69 -16.39
C THR C 116 -7.98 -4.70 -15.79
N TYR C 117 -8.12 -4.45 -14.48
CA TYR C 117 -7.24 -3.56 -13.77
C TYR C 117 -5.75 -3.88 -13.93
N PRO C 118 -5.32 -5.18 -13.86
CA PRO C 118 -3.90 -5.47 -14.14
C PRO C 118 -3.38 -5.06 -15.53
N PHE C 119 -4.29 -4.78 -16.46
CA PHE C 119 -3.94 -4.25 -17.78
C PHE C 119 -3.65 -2.74 -17.80
N GLU C 120 -4.12 -2.03 -16.74
CA GLU C 120 -4.24 -0.58 -16.71
C GLU C 120 -2.91 0.03 -16.91
N LYS C 121 -1.97 -0.30 -16.04
CA LYS C 121 -0.68 0.40 -16.15
C LYS C 121 0.07 0.11 -17.46
N TYR C 122 -0.08 -1.12 -17.97
CA TYR C 122 0.65 -1.50 -19.19
C TYR C 122 0.05 -0.79 -20.42
N ASN C 123 -1.27 -0.65 -20.46
CA ASN C 123 -1.91 0.00 -21.60
C ASN C 123 -1.69 1.51 -21.61
N GLU C 124 -1.31 2.04 -20.45
CA GLU C 124 -1.01 3.45 -20.26
C GLU C 124 0.46 3.85 -20.52
N LYS C 125 1.46 3.03 -20.16
CA LYS C 125 2.87 3.40 -20.47
C LYS C 125 3.38 2.83 -21.76
N CYS C 126 2.87 1.66 -22.16
CA CYS C 126 3.37 0.95 -23.32
C CYS C 126 2.76 1.44 -24.65
N PRO C 127 3.64 1.74 -25.66
CA PRO C 127 3.17 2.27 -26.93
C PRO C 127 2.65 1.16 -27.85
N ALA C 128 1.90 1.53 -28.88
CA ALA C 128 1.30 0.52 -29.75
C ALA C 128 2.34 -0.32 -30.45
N ASP C 129 3.59 0.15 -30.58
CA ASP C 129 4.66 -0.68 -31.13
C ASP C 129 5.38 -1.52 -30.10
N MET C 130 4.84 -1.62 -28.89
CA MET C 130 5.45 -2.49 -27.87
C MET C 130 5.83 -3.92 -28.38
N MET C 131 4.98 -4.51 -29.19
CA MET C 131 5.10 -5.90 -29.59
C MET C 131 5.70 -6.11 -30.99
N LEU C 132 6.18 -5.00 -31.58
CA LEU C 132 6.96 -5.00 -32.81
C LEU C 132 6.20 -5.67 -33.98
N ASP C 133 6.75 -6.76 -34.52
CA ASP C 133 6.15 -7.50 -35.61
C ASP C 133 5.01 -8.50 -35.22
N SER C 134 4.72 -8.65 -33.92
CA SER C 134 3.50 -9.34 -33.47
C SER C 134 2.23 -8.72 -34.10
N GLN C 135 1.11 -9.46 -34.07
CA GLN C 135 -0.14 -9.00 -34.71
C GLN C 135 -1.39 -9.39 -33.90
N PHE C 136 -2.37 -8.50 -33.77
CA PHE C 136 -3.61 -8.77 -33.07
C PHE C 136 -4.71 -8.83 -34.08
N SER C 137 -5.69 -9.71 -33.93
CA SER C 137 -6.79 -9.77 -34.87
C SER C 137 -8.05 -10.13 -34.18
N THR C 138 -9.16 -9.60 -34.65
CA THR C 138 -10.48 -9.99 -34.14
C THR C 138 -10.86 -11.36 -34.69
N TYR C 139 -11.33 -12.22 -33.79
CA TYR C 139 -11.98 -13.49 -34.19
C TYR C 139 -13.45 -13.68 -33.68
N GLY C 140 -14.25 -14.45 -34.44
CA GLY C 140 -15.63 -14.77 -34.12
C GLY C 140 -16.64 -13.79 -34.69
N ASN C 141 -17.79 -13.62 -34.04
CA ASN C 141 -18.77 -12.69 -34.59
C ASN C 141 -18.24 -11.28 -34.55
N PRO C 142 -18.18 -10.62 -35.72
CA PRO C 142 -17.66 -9.27 -35.87
C PRO C 142 -18.53 -8.28 -35.07
N GLU C 143 -19.22 -8.83 -34.09
CA GLU C 143 -20.25 -8.16 -33.32
C GLU C 143 -19.84 -7.92 -31.87
N ASN C 144 -19.02 -8.82 -31.35
CA ASN C 144 -18.53 -8.84 -29.97
C ASN C 144 -17.32 -9.75 -30.12
N PRO C 145 -16.28 -9.28 -30.86
CA PRO C 145 -15.32 -10.22 -31.40
C PRO C 145 -14.32 -10.60 -30.37
N GLY C 146 -13.58 -11.70 -30.56
CA GLY C 146 -12.44 -12.03 -29.70
C GLY C 146 -11.25 -11.22 -30.18
N MET C 147 -10.19 -11.14 -29.38
CA MET C 147 -8.98 -10.52 -29.85
C MET C 147 -7.90 -11.54 -29.67
N SER C 148 -7.26 -11.96 -30.76
CA SER C 148 -6.15 -12.87 -30.69
C SER C 148 -4.85 -12.11 -30.90
N MET C 149 -3.76 -12.80 -30.61
CA MET C 149 -2.41 -12.26 -30.78
C MET C 149 -1.50 -13.37 -31.21
N ILE C 150 -0.65 -13.07 -32.18
CA ILE C 150 0.37 -14.01 -32.54
C ILE C 150 1.69 -13.30 -32.33
N LEU C 151 2.72 -14.03 -31.90
CA LEU C 151 3.99 -13.39 -31.60
C LEU C 151 4.84 -13.21 -32.89
N GLY C 152 5.39 -12.02 -33.17
CA GLY C 152 6.39 -11.90 -34.24
C GLY C 152 7.73 -12.49 -33.83
N PRO C 153 8.57 -12.92 -34.81
CA PRO C 153 9.89 -13.47 -34.48
C PRO C 153 10.92 -12.41 -34.06
N GLN C 154 10.77 -11.19 -34.54
CA GLN C 154 11.55 -10.06 -34.04
C GLN C 154 11.22 -9.73 -32.57
N PHE C 155 9.91 -9.55 -32.25
CA PHE C 155 9.47 -9.47 -30.85
C PHE C 155 9.96 -10.62 -29.94
N MET C 156 9.95 -11.86 -30.44
CA MET C 156 10.41 -12.99 -29.66
C MET C 156 11.91 -12.90 -29.47
N ALA C 157 12.65 -12.77 -30.56
CA ALA C 157 14.13 -12.67 -30.54
C ALA C 157 14.68 -11.60 -29.57
N LEU C 158 14.03 -10.41 -29.59
CA LEU C 158 14.59 -9.16 -29.03
C LEU C 158 13.97 -8.81 -27.71
N LYS C 159 12.67 -9.05 -27.57
CA LYS C 159 11.93 -8.68 -26.36
C LYS C 159 11.53 -9.83 -25.39
N MET C 160 11.58 -11.09 -25.84
CA MET C 160 11.22 -12.26 -24.98
C MET C 160 12.35 -13.19 -24.66
N PHE C 161 13.14 -13.58 -25.67
CA PHE C 161 14.12 -14.67 -25.53
C PHE C 161 15.54 -14.17 -25.68
N GLN C 162 15.78 -12.86 -25.52
CA GLN C 162 17.11 -12.26 -25.76
C GLN C 162 18.28 -12.71 -24.88
N ASN C 163 17.99 -13.23 -23.68
CA ASN C 163 18.96 -13.92 -22.75
C ASN C 163 18.98 -15.48 -22.87
N CYS C 164 18.08 -16.03 -23.69
CA CYS C 164 18.09 -17.48 -24.07
C CYS C 164 18.87 -17.78 -25.36
N SER C 165 19.27 -19.05 -25.51
CA SER C 165 20.01 -19.58 -26.64
C SER C 165 19.14 -19.41 -27.84
N VAL C 166 19.76 -19.45 -29.02
CA VAL C 166 19.00 -19.47 -30.28
C VAL C 166 18.18 -20.78 -30.43
N GLU C 167 18.71 -21.87 -29.87
CA GLU C 167 18.01 -23.16 -29.76
C GLU C 167 16.59 -22.99 -29.19
N ASP C 168 16.49 -22.34 -28.02
CA ASP C 168 15.21 -22.13 -27.33
C ASP C 168 14.32 -21.11 -27.96
N LEU C 169 14.91 -20.15 -28.69
CA LEU C 169 14.15 -19.23 -29.54
C LEU C 169 13.49 -20.01 -30.69
N GLU C 170 14.32 -20.80 -31.35
CA GLU C 170 13.85 -21.71 -32.40
C GLU C 170 12.69 -22.56 -31.93
N LEU C 171 12.87 -23.34 -30.85
CA LEU C 171 11.82 -24.23 -30.31
C LEU C 171 10.51 -23.46 -30.21
N ALA C 172 10.63 -22.20 -29.81
CA ALA C 172 9.49 -21.35 -29.51
C ALA C 172 8.76 -20.88 -30.75
N LYS C 173 9.53 -20.55 -31.77
CA LYS C 173 8.99 -20.30 -33.10
C LYS C 173 8.29 -21.51 -33.79
N MET C 174 8.67 -22.72 -33.39
CA MET C 174 8.05 -23.93 -33.94
C MET C 174 6.82 -24.36 -33.14
N LEU C 175 6.64 -23.74 -31.95
CA LEU C 175 5.61 -24.13 -30.98
C LEU C 175 4.60 -23.06 -30.53
N THR C 176 4.93 -21.78 -30.76
CA THR C 176 4.04 -20.69 -30.39
C THR C 176 2.72 -20.78 -31.21
N ARG C 177 1.61 -20.47 -30.56
CA ARG C 177 0.28 -20.62 -31.19
C ARG C 177 -0.47 -19.31 -30.90
N PRO C 178 -1.53 -18.96 -31.70
CA PRO C 178 -2.25 -17.77 -31.32
C PRO C 178 -2.73 -17.82 -29.85
N GLY C 179 -2.77 -16.64 -29.23
CA GLY C 179 -3.33 -16.51 -27.88
C GLY C 179 -4.32 -15.37 -27.74
N SER C 180 -4.68 -15.04 -26.51
CA SER C 180 -5.56 -13.93 -26.25
C SER C 180 -5.47 -13.60 -24.78
N LEU C 181 -5.69 -12.32 -24.45
CA LEU C 181 -5.78 -11.88 -23.05
C LEU C 181 -7.22 -11.68 -22.58
N PHE C 182 -8.19 -11.87 -23.49
CA PHE C 182 -9.57 -11.94 -23.05
C PHE C 182 -10.06 -10.70 -22.35
N PHE C 183 -9.47 -9.54 -22.70
CA PHE C 183 -9.79 -8.24 -22.11
C PHE C 183 -11.31 -7.96 -22.01
N GLN C 184 -12.05 -8.12 -23.11
CA GLN C 184 -13.49 -7.81 -23.10
C GLN C 184 -14.24 -8.75 -22.20
N ASP C 185 -13.77 -10.00 -22.13
CA ASP C 185 -14.38 -11.00 -21.23
C ASP C 185 -14.06 -10.74 -19.75
N LEU C 186 -12.79 -10.43 -19.49
CA LEU C 186 -12.33 -10.02 -18.15
C LEU C 186 -13.04 -8.76 -17.65
N ALA C 187 -13.41 -7.87 -18.57
CA ALA C 187 -14.14 -6.63 -18.25
C ALA C 187 -15.46 -6.91 -17.52
N LYS C 188 -16.11 -7.99 -17.91
CA LYS C 188 -17.38 -8.38 -17.33
C LYS C 188 -17.32 -9.62 -16.42
N ALA C 189 -16.12 -10.18 -16.23
CA ALA C 189 -15.99 -11.33 -15.34
C ALA C 189 -16.27 -10.87 -13.90
N LYS C 190 -16.73 -11.78 -13.04
CA LYS C 190 -16.92 -11.44 -11.61
C LYS C 190 -15.56 -11.26 -10.95
N LYS C 191 -15.39 -10.11 -10.33
CA LYS C 191 -14.14 -9.78 -9.66
C LYS C 191 -13.86 -10.74 -8.51
N PHE C 192 -12.58 -10.93 -8.20
CA PHE C 192 -12.14 -11.85 -7.16
C PHE C 192 -12.33 -11.27 -5.77
N SER C 193 -12.42 -12.12 -4.74
CA SER C 193 -12.76 -11.62 -3.39
C SER C 193 -11.59 -11.71 -2.42
N THR C 194 -11.62 -10.82 -1.44
CA THR C 194 -10.67 -10.84 -0.30
C THR C 194 -10.67 -12.16 0.50
N GLU C 195 -11.84 -12.76 0.65
CA GLU C 195 -12.04 -13.92 1.50
C GLU C 195 -11.52 -15.18 0.83
N ARG C 196 -11.65 -15.25 -0.50
CA ARG C 196 -11.18 -16.40 -1.29
C ARG C 196 -9.80 -16.14 -1.93
N TYR C 197 -9.70 -15.35 -2.98
CA TYR C 197 -8.39 -15.08 -3.60
C TYR C 197 -7.39 -14.41 -2.65
N GLY C 198 -7.91 -13.44 -1.92
CA GLY C 198 -7.14 -12.57 -1.03
C GLY C 198 -6.64 -13.30 0.20
N SER C 199 -7.19 -14.47 0.44
CA SER C 199 -6.84 -15.29 1.58
C SER C 199 -5.77 -16.29 1.23
N VAL C 200 -5.26 -16.27 -0.01
CA VAL C 200 -4.17 -17.16 -0.45
C VAL C 200 -2.85 -16.38 -0.43
N LYS C 201 -1.78 -17.07 -0.04
CA LYS C 201 -0.44 -16.46 0.06
C LYS C 201 0.17 -16.18 -1.32
N ARG C 202 0.57 -14.93 -1.61
CA ARG C 202 1.25 -14.62 -2.90
C ARG C 202 2.74 -14.35 -2.77
N ALA C 203 3.51 -14.60 -3.83
CA ALA C 203 4.90 -14.20 -3.81
C ALA C 203 5.29 -13.67 -5.18
N TYR C 204 6.33 -12.84 -5.27
CA TYR C 204 6.73 -12.24 -6.54
C TYR C 204 8.19 -12.56 -6.85
N ILE C 205 8.46 -12.99 -8.09
CA ILE C 205 9.82 -13.14 -8.60
C ILE C 205 10.04 -12.08 -9.67
N PHE C 206 10.94 -11.14 -9.42
CA PHE C 206 11.28 -10.18 -10.46
C PHE C 206 12.18 -10.89 -11.47
N CYS C 207 11.99 -10.51 -12.75
CA CYS C 207 12.88 -10.84 -13.86
C CYS C 207 13.33 -9.48 -14.39
N ASN C 208 14.53 -9.06 -13.93
CA ASN C 208 14.96 -7.68 -14.13
C ASN C 208 15.26 -7.32 -15.57
N GLU C 209 15.59 -8.30 -16.42
CA GLU C 209 15.88 -8.00 -17.84
C GLU C 209 14.70 -8.31 -18.79
N ASP C 210 13.49 -8.38 -18.23
CA ASP C 210 12.31 -8.68 -19.02
C ASP C 210 11.95 -7.47 -19.89
N LYS C 211 12.03 -7.60 -21.20
CA LYS C 211 11.74 -6.45 -22.04
C LYS C 211 10.29 -6.38 -22.51
N SER C 212 9.52 -7.45 -22.34
CA SER C 212 8.11 -7.39 -22.70
C SER C 212 7.26 -6.87 -21.55
N PHE C 213 7.86 -6.84 -20.39
CA PHE C 213 7.14 -6.49 -19.21
C PHE C 213 8.19 -5.92 -18.29
N PRO C 214 8.66 -4.71 -18.60
CA PRO C 214 9.81 -4.21 -17.86
C PRO C 214 9.67 -4.19 -16.36
N VAL C 215 10.83 -4.09 -15.73
CA VAL C 215 11.02 -4.18 -14.33
C VAL C 215 10.25 -3.04 -13.66
N GLU C 216 10.04 -1.94 -14.39
CA GLU C 216 9.14 -0.83 -13.99
C GLU C 216 7.68 -1.26 -13.73
N PHE C 217 7.09 -2.05 -14.63
CA PHE C 217 5.73 -2.56 -14.40
C PHE C 217 5.65 -3.61 -13.28
N GLN C 218 6.72 -4.40 -13.16
CA GLN C 218 6.74 -5.46 -12.15
C GLN C 218 6.68 -4.90 -10.71
N LYS C 219 7.48 -3.86 -10.48
CA LYS C 219 7.47 -3.07 -9.23
C LYS C 219 6.10 -2.37 -9.00
N TRP C 220 5.43 -1.86 -10.03
CA TRP C 220 4.05 -1.31 -9.83
C TRP C 220 3.15 -2.39 -9.22
N PHE C 221 3.32 -3.65 -9.64
CA PHE C 221 2.53 -4.75 -9.10
C PHE C 221 2.80 -5.12 -7.64
N VAL C 222 4.07 -5.32 -7.34
CA VAL C 222 4.57 -5.53 -6.00
C VAL C 222 4.23 -4.40 -5.03
N GLU C 223 4.40 -3.13 -5.45
CA GLU C 223 4.10 -1.96 -4.62
C GLU C 223 2.62 -1.69 -4.44
N SER C 224 1.82 -1.87 -5.49
CA SER C 224 0.43 -1.43 -5.37
C SER C 224 -0.52 -2.59 -5.21
N VAL C 225 -0.10 -3.78 -5.59
CA VAL C 225 -0.93 -4.94 -5.39
C VAL C 225 -0.31 -5.72 -4.28
N GLY C 226 1.01 -5.88 -4.34
CA GLY C 226 1.75 -6.51 -3.27
C GLY C 226 1.80 -8.02 -3.19
N ALA C 227 2.92 -8.51 -2.69
CA ALA C 227 3.09 -9.91 -2.34
C ALA C 227 3.58 -10.04 -0.90
N ASP C 228 3.30 -11.18 -0.29
CA ASP C 228 3.88 -11.56 0.97
C ASP C 228 5.40 -11.82 0.90
N LYS C 229 5.92 -12.13 -0.28
CA LYS C 229 7.35 -12.46 -0.42
C LYS C 229 7.80 -12.13 -1.82
N VAL C 230 9.05 -11.71 -1.95
CA VAL C 230 9.51 -11.11 -3.17
C VAL C 230 10.98 -11.45 -3.38
N LYS C 231 11.30 -12.19 -4.45
CA LYS C 231 12.69 -12.41 -4.87
C LYS C 231 12.92 -11.76 -6.25
N GLU C 232 14.16 -11.48 -6.61
CA GLU C 232 14.45 -11.00 -7.96
C GLU C 232 15.35 -11.96 -8.69
N ILE C 233 15.27 -11.98 -10.01
CA ILE C 233 16.28 -12.70 -10.76
C ILE C 233 17.00 -11.73 -11.67
N LYS C 234 18.21 -11.39 -11.28
CA LYS C 234 18.94 -10.32 -11.92
C LYS C 234 18.98 -10.39 -13.43
N GLU C 235 19.29 -11.55 -14.01
CA GLU C 235 19.47 -11.61 -15.46
C GLU C 235 18.41 -12.36 -16.28
N ALA C 236 17.24 -12.59 -15.69
CA ALA C 236 16.16 -13.31 -16.35
C ALA C 236 15.51 -12.36 -17.36
N ASP C 237 15.21 -12.89 -18.57
CA ASP C 237 14.41 -12.15 -19.57
C ASP C 237 12.99 -12.50 -19.26
N ALA C 238 12.11 -12.45 -20.26
CA ALA C 238 10.69 -12.75 -20.05
C ALA C 238 10.51 -14.22 -20.00
N MET C 239 11.57 -14.97 -20.38
CA MET C 239 11.51 -16.44 -20.29
C MET C 239 12.53 -16.97 -19.29
N GLY C 240 12.33 -16.52 -18.03
CA GLY C 240 13.23 -16.81 -16.93
C GLY C 240 13.45 -18.29 -16.70
N MET C 241 12.43 -19.13 -16.95
CA MET C 241 12.47 -20.59 -16.79
C MET C 241 13.32 -21.22 -17.89
N LEU C 242 13.63 -20.44 -18.92
CA LEU C 242 14.49 -20.94 -19.98
C LEU C 242 15.88 -20.31 -19.98
N SER C 243 15.95 -19.04 -19.61
CA SER C 243 17.23 -18.34 -19.60
C SER C 243 17.94 -18.47 -18.26
N GLN C 244 17.16 -18.50 -17.17
CA GLN C 244 17.74 -18.73 -15.83
C GLN C 244 16.97 -19.83 -15.06
N PRO C 245 16.79 -21.02 -15.67
CA PRO C 245 15.91 -22.07 -15.10
C PRO C 245 16.30 -22.51 -13.67
N ARG C 246 17.59 -22.47 -13.41
CA ARG C 246 18.17 -22.87 -12.15
C ARG C 246 18.01 -21.80 -11.03
N GLU C 247 17.89 -20.52 -11.43
CA GLU C 247 17.55 -19.42 -10.53
C GLU C 247 16.08 -19.47 -10.17
N VAL C 248 15.24 -19.85 -11.12
CA VAL C 248 13.81 -20.00 -10.89
C VAL C 248 13.56 -21.10 -9.89
N CYS C 249 14.22 -22.24 -10.14
CA CYS C 249 14.21 -23.41 -9.30
C CYS C 249 14.61 -23.02 -7.89
N LYS C 250 15.76 -22.33 -7.73
CA LYS C 250 16.20 -21.81 -6.42
C LYS C 250 15.13 -20.97 -5.71
N CYS C 251 14.75 -19.83 -6.31
CA CYS C 251 13.67 -18.95 -5.76
C CYS C 251 12.42 -19.67 -5.39
N LEU C 252 12.07 -20.68 -6.21
CA LEU C 252 10.80 -21.36 -6.13
C LEU C 252 10.75 -22.26 -4.90
N LEU C 253 11.91 -22.83 -4.59
CA LEU C 253 12.06 -23.71 -3.45
C LEU C 253 12.13 -22.91 -2.15
N ASP C 254 12.82 -21.75 -2.21
CA ASP C 254 13.03 -20.84 -1.08
C ASP C 254 11.78 -20.12 -0.67
N ILE C 255 10.94 -19.80 -1.64
CA ILE C 255 9.60 -19.22 -1.40
C ILE C 255 8.63 -20.22 -0.73
N SER C 256 8.76 -21.50 -1.09
CA SER C 256 7.91 -22.56 -0.54
C SER C 256 8.50 -23.35 0.64
N ASP C 257 9.82 -23.22 0.83
CA ASP C 257 10.65 -24.00 1.79
C ASP C 257 10.06 -25.35 2.24
N GLN D 4 -15.98 39.01 33.66
CA GLN D 4 -15.25 37.74 33.42
C GLN D 4 -14.17 37.52 34.46
N LYS D 5 -14.45 36.58 35.36
CA LYS D 5 -13.49 36.19 36.37
C LYS D 5 -12.55 35.15 35.77
N HIS D 6 -11.34 35.03 36.32
CA HIS D 6 -10.44 33.96 35.94
C HIS D 6 -10.41 32.93 37.08
N PHE D 7 -10.77 31.67 36.81
CA PHE D 7 -10.81 30.64 37.89
C PHE D 7 -9.66 29.70 37.81
N VAL D 8 -8.84 29.58 38.86
CA VAL D 8 -7.73 28.62 38.86
C VAL D 8 -8.04 27.43 39.74
N LEU D 9 -8.08 26.25 39.13
CA LEU D 9 -8.68 25.10 39.76
C LEU D 9 -7.56 24.16 40.17
N VAL D 10 -7.47 23.84 41.48
CA VAL D 10 -6.37 23.01 42.02
C VAL D 10 -6.83 21.67 42.66
N HIS D 11 -6.41 20.56 42.06
CA HIS D 11 -6.77 19.19 42.48
C HIS D 11 -6.11 18.74 43.79
N GLY D 12 -6.70 17.74 44.42
CA GLY D 12 -6.15 17.13 45.64
C GLY D 12 -5.14 16.03 45.26
N GLY D 13 -4.65 15.29 46.27
CA GLY D 13 -3.58 14.33 46.09
C GLY D 13 -4.04 13.14 45.30
N CYS D 14 -3.10 12.56 44.52
CA CYS D 14 -3.35 11.42 43.62
C CYS D 14 -4.33 11.66 42.47
N LEU D 15 -4.65 12.91 42.18
CA LEU D 15 -5.55 13.28 41.11
C LEU D 15 -4.82 14.11 40.06
N GLY D 16 -5.57 14.82 39.23
CA GLY D 16 -4.98 15.68 38.21
C GLY D 16 -5.99 16.73 37.81
N ALA D 17 -5.53 17.67 36.98
CA ALA D 17 -6.36 18.65 36.27
C ALA D 17 -7.63 18.00 35.67
N TRP D 18 -7.49 16.77 35.20
CA TRP D 18 -8.57 16.04 34.54
C TRP D 18 -9.88 15.94 35.37
N ILE D 19 -9.81 16.21 36.66
CA ILE D 19 -10.98 16.01 37.47
C ILE D 19 -11.93 17.16 37.30
N TRP D 20 -11.43 18.29 36.81
CA TRP D 20 -12.25 19.44 36.49
C TRP D 20 -12.81 19.48 35.07
N TYR D 21 -12.88 18.33 34.40
CA TYR D 21 -13.38 18.29 33.00
C TYR D 21 -14.87 18.57 32.88
N LYS D 22 -15.61 18.35 33.98
CA LYS D 22 -17.07 18.59 33.98
C LYS D 22 -17.36 19.99 34.45
N LEU D 23 -16.48 20.53 35.28
CA LEU D 23 -16.70 21.89 35.81
C LEU D 23 -16.18 22.95 34.89
N LYS D 24 -14.97 22.74 34.36
CA LYS D 24 -14.34 23.69 33.42
C LYS D 24 -15.23 24.25 32.27
N PRO D 25 -15.92 23.39 31.49
CA PRO D 25 -16.90 23.86 30.47
C PRO D 25 -18.08 24.69 31.01
N LEU D 26 -18.53 24.34 32.20
CA LEU D 26 -19.69 25.01 32.82
C LEU D 26 -19.31 26.43 33.16
N LEU D 27 -18.12 26.62 33.69
CA LEU D 27 -17.64 27.95 34.03
C LEU D 27 -17.34 28.72 32.78
N GLU D 28 -16.81 28.05 31.76
CA GLU D 28 -16.58 28.70 30.45
C GLU D 28 -17.87 29.08 29.75
N SER D 29 -18.93 28.32 29.94
CA SER D 29 -20.20 28.63 29.31
C SER D 29 -20.81 29.86 29.91
N ALA D 30 -20.32 30.25 31.08
CA ALA D 30 -20.87 31.41 31.81
C ALA D 30 -20.04 32.67 31.51
N GLY D 31 -19.03 32.50 30.66
CA GLY D 31 -18.25 33.61 30.13
C GLY D 31 -16.94 33.83 30.86
N HIS D 32 -16.47 32.82 31.58
CA HIS D 32 -15.26 32.98 32.40
C HIS D 32 -14.09 32.16 31.86
N LYS D 33 -12.89 32.60 32.22
CA LYS D 33 -11.63 31.96 31.90
C LYS D 33 -11.36 30.93 32.99
N VAL D 34 -10.70 29.82 32.65
CA VAL D 34 -10.44 28.75 33.63
C VAL D 34 -9.08 28.13 33.39
N THR D 35 -8.28 27.98 34.42
CA THR D 35 -6.97 27.32 34.29
C THR D 35 -6.97 26.20 35.27
N ALA D 36 -6.94 24.96 34.78
CA ALA D 36 -6.90 23.80 35.65
C ALA D 36 -5.49 23.20 35.56
N VAL D 37 -4.77 23.18 36.69
CA VAL D 37 -3.34 22.87 36.65
C VAL D 37 -2.98 21.46 37.11
N ASP D 38 -1.94 20.87 36.53
CA ASP D 38 -1.44 19.58 37.00
C ASP D 38 -0.26 19.92 37.91
N LEU D 39 -0.31 19.51 39.18
CA LEU D 39 0.79 19.74 40.12
C LEU D 39 1.88 18.72 39.79
N SER D 40 3.08 18.85 40.37
CA SER D 40 4.17 17.98 39.93
C SER D 40 3.84 16.51 40.15
N ALA D 41 4.26 15.65 39.22
CA ALA D 41 4.00 14.22 39.23
C ALA D 41 2.52 13.89 39.39
N ALA D 42 1.65 14.82 38.99
CA ALA D 42 0.24 14.50 38.85
C ALA D 42 -0.31 14.72 37.41
N GLY D 43 -1.31 13.91 37.04
CA GLY D 43 -2.01 14.01 35.76
C GLY D 43 -1.03 13.62 34.68
N ILE D 44 -0.87 14.49 33.70
CA ILE D 44 0.07 14.28 32.65
C ILE D 44 1.30 15.16 32.86
N ASN D 45 1.49 15.73 34.07
CA ASN D 45 2.77 16.37 34.40
C ASN D 45 3.89 15.34 34.26
N PRO D 46 5.05 15.74 33.70
CA PRO D 46 6.05 14.76 33.36
C PRO D 46 7.07 14.38 34.44
N ARG D 47 6.99 15.02 35.58
CA ARG D 47 7.83 14.70 36.69
C ARG D 47 7.32 13.39 37.28
N ARG D 48 8.22 12.56 37.79
CA ARG D 48 7.77 11.38 38.50
C ARG D 48 7.88 11.72 39.96
N LEU D 49 7.17 10.98 40.80
CA LEU D 49 7.15 11.30 42.23
C LEU D 49 8.52 11.25 42.88
N ASP D 50 9.33 10.25 42.57
CA ASP D 50 10.57 10.18 43.33
C ASP D 50 11.55 11.31 43.07
N GLU D 51 11.27 12.17 42.10
CA GLU D 51 12.07 13.40 41.98
C GLU D 51 11.44 14.67 42.59
N ILE D 52 10.28 14.52 43.23
CA ILE D 52 9.63 15.60 43.97
C ILE D 52 9.60 15.25 45.45
N HIS D 53 10.47 15.88 46.22
CA HIS D 53 10.58 15.67 47.67
C HIS D 53 9.98 16.74 48.57
N THR D 54 9.82 17.96 48.05
CA THR D 54 9.36 19.07 48.87
C THR D 54 8.05 19.54 48.37
N PHE D 55 7.25 20.09 49.28
CA PHE D 55 5.96 20.61 48.90
C PHE D 55 6.02 21.84 47.99
N ARG D 56 7.02 22.68 48.15
CA ARG D 56 7.25 23.71 47.15
C ARG D 56 7.51 23.12 45.76
N ASP D 57 8.34 22.09 45.65
CA ASP D 57 8.56 21.43 44.35
C ASP D 57 7.18 20.85 43.85
N TYR D 58 6.44 20.20 44.75
CA TYR D 58 5.10 19.74 44.38
C TYR D 58 4.21 20.85 43.81
N SER D 59 4.02 21.95 44.55
CA SER D 59 3.07 23.02 44.13
C SER D 59 3.59 23.92 42.97
N GLU D 60 4.81 23.66 42.53
CA GLU D 60 5.49 24.54 41.55
C GLU D 60 4.70 24.95 40.32
N PRO D 61 3.93 24.02 39.67
CA PRO D 61 3.08 24.46 38.51
C PRO D 61 2.03 25.50 38.86
N LEU D 62 1.42 25.39 40.05
CA LEU D 62 0.51 26.43 40.54
C LEU D 62 1.19 27.78 40.69
N MET D 63 2.35 27.82 41.34
CA MET D 63 3.09 29.01 41.55
C MET D 63 3.43 29.66 40.23
N GLU D 64 3.81 28.84 39.26
CA GLU D 64 4.05 29.35 37.90
C GLU D 64 2.84 30.09 37.35
N VAL D 65 1.64 29.54 37.52
CA VAL D 65 0.43 30.19 37.07
C VAL D 65 0.22 31.48 37.83
N MET D 66 0.36 31.43 39.16
CA MET D 66 0.31 32.64 40.00
C MET D 66 1.28 33.74 39.57
N ALA D 67 2.56 33.39 39.35
CA ALA D 67 3.58 34.39 38.98
C ALA D 67 3.30 35.07 37.63
N SER D 68 2.64 34.38 36.72
CA SER D 68 2.37 34.90 35.40
C SER D 68 1.10 35.77 35.32
N ILE D 69 0.40 35.95 36.45
CA ILE D 69 -0.81 36.83 36.52
C ILE D 69 -0.45 38.34 36.44
N PRO D 70 -1.10 39.10 35.51
CA PRO D 70 -0.86 40.52 35.37
C PRO D 70 -1.01 41.20 36.72
N PRO D 71 -0.07 42.13 37.05
CA PRO D 71 -0.15 42.83 38.35
C PRO D 71 -1.45 43.67 38.44
N ASP D 72 -2.22 43.74 37.34
CA ASP D 72 -3.47 44.49 37.35
C ASP D 72 -4.73 43.62 37.55
N GLU D 73 -4.54 42.31 37.75
CA GLU D 73 -5.65 41.36 37.71
C GLU D 73 -5.65 40.38 38.87
N LYS D 74 -6.79 39.75 39.09
CA LYS D 74 -6.92 38.71 40.11
C LYS D 74 -7.54 37.38 39.60
N VAL D 75 -7.38 36.35 40.42
CA VAL D 75 -7.88 35.01 40.13
C VAL D 75 -8.75 34.58 41.29
N VAL D 76 -9.67 33.68 40.98
CA VAL D 76 -10.45 33.00 42.02
C VAL D 76 -9.81 31.61 42.12
N LEU D 77 -9.42 31.20 43.33
CA LEU D 77 -8.81 29.86 43.54
C LEU D 77 -9.86 28.88 44.03
N LEU D 78 -9.76 27.62 43.61
CA LEU D 78 -10.63 26.58 44.16
C LEU D 78 -9.76 25.38 44.27
N GLY D 79 -9.65 24.82 45.48
CA GLY D 79 -8.86 23.62 45.74
C GLY D 79 -9.72 22.67 46.53
N HIS D 80 -9.44 21.39 46.40
CA HIS D 80 -10.20 20.37 47.14
C HIS D 80 -9.20 19.45 47.76
N SER D 81 -9.63 18.86 48.88
CA SER D 81 -8.77 17.99 49.66
C SER D 81 -7.38 18.64 49.86
N PHE D 82 -6.31 18.02 49.40
CA PHE D 82 -4.96 18.49 49.71
C PHE D 82 -4.60 19.80 48.95
N GLY D 83 -5.39 20.13 47.91
CA GLY D 83 -5.26 21.39 47.13
C GLY D 83 -5.32 22.60 48.05
N GLY D 84 -5.92 22.41 49.22
CA GLY D 84 -6.00 23.47 50.27
C GLY D 84 -4.63 23.98 50.66
N MET D 85 -3.64 23.12 50.65
CA MET D 85 -2.32 23.47 51.06
C MET D 85 -1.57 24.29 50.03
N SER D 86 -1.76 23.93 48.75
CA SER D 86 -1.36 24.71 47.57
C SER D 86 -2.09 26.03 47.46
N LEU D 87 -3.43 26.09 47.63
CA LEU D 87 -4.05 27.42 47.84
C LEU D 87 -3.29 28.18 48.90
N GLY D 88 -3.01 27.53 50.04
CA GLY D 88 -2.33 28.17 51.16
C GLY D 88 -1.04 28.81 50.70
N LEU D 89 -0.17 28.00 50.06
CA LEU D 89 1.11 28.52 49.56
C LEU D 89 0.92 29.67 48.55
N ALA D 90 0.00 29.53 47.59
CA ALA D 90 -0.27 30.63 46.66
C ALA D 90 -0.73 31.88 47.42
N MET D 91 -1.59 31.69 48.45
CA MET D 91 -2.10 32.81 49.27
C MET D 91 -1.01 33.54 50.09
N GLU D 92 -0.08 32.76 50.66
CA GLU D 92 1.03 33.34 51.36
C GLU D 92 1.89 34.11 50.37
N THR D 93 2.11 33.57 49.18
CA THR D 93 3.07 34.16 48.25
C THR D 93 2.48 35.33 47.44
N TYR D 94 1.28 35.15 46.88
CA TYR D 94 0.67 36.17 45.98
C TYR D 94 -0.69 36.69 46.46
N PRO D 95 -0.75 37.30 47.65
CA PRO D 95 -2.09 37.62 48.22
C PRO D 95 -2.91 38.60 47.40
N GLU D 96 -2.22 39.57 46.80
CA GLU D 96 -2.85 40.62 46.07
C GLU D 96 -3.33 40.16 44.66
N LYS D 97 -3.07 38.90 44.31
CA LYS D 97 -3.46 38.35 43.02
C LYS D 97 -4.72 37.53 43.18
N ILE D 98 -5.22 37.38 44.41
CA ILE D 98 -6.38 36.47 44.64
C ILE D 98 -7.56 37.27 45.15
N SER D 99 -8.65 37.29 44.42
CA SER D 99 -9.84 37.97 44.95
C SER D 99 -10.38 37.19 46.16
N VAL D 100 -10.46 35.86 46.04
CA VAL D 100 -10.99 34.95 47.05
C VAL D 100 -10.39 33.54 46.86
N ALA D 101 -10.00 32.88 47.94
CA ALA D 101 -9.59 31.43 47.97
C ALA D 101 -10.74 30.54 48.44
N VAL D 102 -11.20 29.61 47.58
CA VAL D 102 -12.34 28.73 47.85
C VAL D 102 -11.86 27.30 48.18
N PHE D 103 -12.24 26.79 49.37
CA PHE D 103 -11.81 25.51 49.91
C PHE D 103 -13.00 24.59 49.86
N MET D 104 -12.89 23.56 49.05
CA MET D 104 -14.05 22.73 48.88
C MET D 104 -13.73 21.39 49.46
N SER D 105 -14.36 21.06 50.60
CA SER D 105 -13.92 19.85 51.32
C SER D 105 -12.37 19.80 51.30
N ALA D 106 -11.75 20.89 51.75
CA ALA D 106 -10.33 21.04 51.69
C ALA D 106 -9.94 21.46 53.08
N MET D 107 -8.72 21.12 53.50
CA MET D 107 -8.16 21.74 54.67
C MET D 107 -7.76 23.21 54.39
N MET D 108 -8.16 24.06 55.32
CA MET D 108 -7.91 25.43 55.25
C MET D 108 -6.80 25.71 56.29
N PRO D 109 -5.54 26.07 55.87
CA PRO D 109 -4.51 26.51 56.85
C PRO D 109 -4.84 27.71 57.74
N ASP D 110 -4.04 27.83 58.79
CA ASP D 110 -4.22 28.73 59.92
C ASP D 110 -2.79 29.29 60.03
N PRO D 111 -2.63 30.62 59.91
CA PRO D 111 -1.29 31.20 60.08
C PRO D 111 -0.80 31.15 61.53
N ASN D 112 -1.65 30.67 62.45
CA ASN D 112 -1.30 30.59 63.85
C ASN D 112 -0.72 29.21 64.20
N HIS D 113 -0.67 28.32 63.21
CA HIS D 113 -0.09 26.97 63.40
C HIS D 113 0.91 26.65 62.33
N SER D 114 1.63 25.56 62.56
CA SER D 114 2.53 25.05 61.57
C SER D 114 1.70 24.45 60.47
N LEU D 115 2.36 24.28 59.35
CA LEU D 115 1.69 23.67 58.21
C LEU D 115 1.24 22.19 58.42
N THR D 116 1.86 21.48 59.38
CA THR D 116 1.48 20.10 59.69
C THR D 116 0.22 19.92 60.55
N TYR D 117 -0.28 21.03 61.08
CA TYR D 117 -1.37 21.03 62.05
C TYR D 117 -2.70 20.43 61.57
N PRO D 118 -3.14 20.75 60.34
CA PRO D 118 -4.36 20.08 59.83
C PRO D 118 -4.21 18.57 59.79
N PHE D 119 -2.97 18.10 59.61
CA PHE D 119 -2.69 16.69 59.39
C PHE D 119 -2.53 16.01 60.74
N GLU D 120 -2.02 16.71 61.76
CA GLU D 120 -2.10 16.12 63.12
C GLU D 120 -3.55 16.12 63.62
N LYS D 121 -4.38 17.09 63.25
CA LYS D 121 -5.79 17.06 63.68
C LYS D 121 -6.60 15.93 63.04
N TYR D 122 -6.28 15.62 61.77
CA TYR D 122 -6.87 14.52 61.02
C TYR D 122 -6.56 13.14 61.65
N ASN D 123 -5.30 12.89 61.95
CA ASN D 123 -4.89 11.76 62.77
C ASN D 123 -5.70 11.64 64.09
N GLU D 124 -5.83 12.76 64.81
CA GLU D 124 -6.60 12.87 66.06
C GLU D 124 -8.08 12.48 65.88
N LYS D 125 -8.73 12.98 64.85
CA LYS D 125 -10.15 12.81 64.68
C LYS D 125 -10.53 11.60 63.84
N CYS D 126 -9.57 11.07 63.08
CA CYS D 126 -9.79 9.90 62.24
C CYS D 126 -9.01 8.64 62.65
N PRO D 127 -9.61 7.44 62.42
CA PRO D 127 -8.88 6.22 62.76
C PRO D 127 -7.69 5.96 61.86
N ALA D 128 -6.77 5.12 62.30
CA ALA D 128 -5.60 4.81 61.47
C ALA D 128 -5.95 3.95 60.24
N ASP D 129 -7.15 3.44 60.17
CA ASP D 129 -7.52 2.72 58.95
C ASP D 129 -8.42 3.47 58.00
N MET D 130 -8.48 4.79 58.18
CA MET D 130 -9.35 5.68 57.39
C MET D 130 -9.31 5.42 55.88
N MET D 131 -8.09 5.15 55.36
CA MET D 131 -7.83 5.11 53.90
C MET D 131 -7.94 3.71 53.24
N LEU D 132 -8.64 2.82 53.94
CA LEU D 132 -9.00 1.49 53.48
C LEU D 132 -7.84 0.69 52.87
N ASP D 133 -7.97 0.35 51.60
CA ASP D 133 -6.97 -0.46 50.96
C ASP D 133 -5.90 0.40 50.26
N SER D 134 -5.82 1.71 50.57
CA SER D 134 -4.70 2.54 50.15
C SER D 134 -3.38 2.02 50.75
N GLN D 135 -2.29 2.24 50.01
CA GLN D 135 -0.97 1.70 50.38
C GLN D 135 0.11 2.77 50.36
N PHE D 136 0.95 2.79 51.39
CA PHE D 136 1.95 3.86 51.64
C PHE D 136 3.35 3.29 51.73
N SER D 137 4.33 4.02 51.18
CA SER D 137 5.69 3.57 51.30
C SER D 137 6.71 4.70 51.18
N THR D 138 7.82 4.58 51.87
CA THR D 138 8.84 5.61 51.89
C THR D 138 9.49 5.69 50.50
N TYR D 139 10.06 6.85 50.20
CA TYR D 139 10.94 7.05 49.04
C TYR D 139 11.86 8.20 49.30
N GLY D 140 12.92 8.27 48.49
CA GLY D 140 13.74 9.47 48.41
C GLY D 140 15.02 9.43 49.19
N ASN D 141 15.19 10.44 50.02
CA ASN D 141 16.34 10.54 50.92
C ASN D 141 16.29 9.38 51.93
N PRO D 142 17.11 8.32 51.72
CA PRO D 142 16.90 7.09 52.51
C PRO D 142 17.20 7.36 53.98
N GLU D 143 17.48 8.63 54.28
CA GLU D 143 17.77 9.12 55.63
C GLU D 143 16.46 9.74 56.19
N ASN D 144 16.19 11.01 55.89
CA ASN D 144 14.83 11.58 56.07
C ASN D 144 14.01 11.28 54.82
N PRO D 145 13.28 10.12 54.80
CA PRO D 145 12.62 9.78 53.54
C PRO D 145 11.22 10.40 53.52
N GLY D 146 10.65 10.63 52.34
CA GLY D 146 9.26 11.04 52.25
C GLY D 146 8.32 9.81 52.36
N MET D 147 7.03 10.03 52.43
CA MET D 147 6.04 8.95 52.38
C MET D 147 5.17 9.05 51.12
N SER D 148 5.12 8.00 50.27
CA SER D 148 4.17 8.01 49.14
C SER D 148 2.89 7.18 49.39
N MET D 149 1.82 7.52 48.68
CA MET D 149 0.56 6.79 48.76
C MET D 149 0.00 6.54 47.38
N ILE D 150 -0.74 5.44 47.25
CA ILE D 150 -1.49 5.07 46.06
C ILE D 150 -2.90 4.79 46.57
N LEU D 151 -3.90 5.37 45.95
CA LEU D 151 -5.29 5.17 46.37
C LEU D 151 -5.73 3.76 46.08
N GLY D 152 -6.26 3.10 47.09
CA GLY D 152 -6.87 1.80 46.89
C GLY D 152 -8.20 1.90 46.16
N PRO D 153 -8.55 0.86 45.36
CA PRO D 153 -9.82 0.70 44.62
C PRO D 153 -11.06 0.81 45.50
N GLN D 154 -11.04 0.18 46.66
CA GLN D 154 -12.17 0.31 47.60
C GLN D 154 -12.27 1.67 48.24
N PHE D 155 -11.11 2.26 48.56
CA PHE D 155 -11.11 3.63 49.10
C PHE D 155 -11.79 4.55 48.12
N MET D 156 -11.46 4.39 46.84
CA MET D 156 -12.02 5.22 45.78
C MET D 156 -13.52 4.96 45.56
N ALA D 157 -13.91 3.69 45.41
CA ALA D 157 -15.31 3.32 45.13
C ALA D 157 -16.26 3.75 46.26
N LEU D 158 -15.88 3.40 47.47
CA LEU D 158 -16.63 3.62 48.69
C LEU D 158 -16.37 4.92 49.39
N LYS D 159 -15.15 5.46 49.34
CA LYS D 159 -14.90 6.68 50.12
C LYS D 159 -14.65 7.98 49.35
N MET D 160 -14.61 7.96 48.01
CA MET D 160 -14.34 9.19 47.24
C MET D 160 -15.35 9.40 46.16
N PHE D 161 -15.73 8.31 45.47
CA PHE D 161 -16.57 8.34 44.26
C PHE D 161 -17.93 7.67 44.43
N GLN D 162 -18.46 7.69 45.64
CA GLN D 162 -19.64 6.85 45.89
C GLN D 162 -20.93 7.48 45.41
N ASN D 163 -20.96 8.80 45.17
CA ASN D 163 -22.16 9.36 44.56
C ASN D 163 -21.91 9.69 43.11
N CYS D 164 -20.79 9.23 42.55
CA CYS D 164 -20.44 9.52 41.15
C CYS D 164 -20.82 8.32 40.32
N SER D 165 -20.89 8.50 38.99
CA SER D 165 -21.10 7.35 38.11
C SER D 165 -19.89 6.43 38.18
N VAL D 166 -20.17 5.14 37.94
CA VAL D 166 -19.12 4.15 37.82
C VAL D 166 -18.12 4.48 36.67
N GLU D 167 -18.52 5.40 35.78
CA GLU D 167 -17.74 5.86 34.63
C GLU D 167 -16.61 6.72 35.17
N ASP D 168 -16.99 7.63 36.06
CA ASP D 168 -15.99 8.48 36.70
C ASP D 168 -15.03 7.72 37.60
N LEU D 169 -15.51 6.66 38.22
CA LEU D 169 -14.64 5.86 39.02
C LEU D 169 -13.67 5.15 38.09
N GLU D 170 -14.21 4.59 37.03
CA GLU D 170 -13.36 3.94 36.03
C GLU D 170 -12.30 4.88 35.50
N LEU D 171 -12.70 6.12 35.18
CA LEU D 171 -11.81 7.15 34.65
C LEU D 171 -10.73 7.37 35.65
N ALA D 172 -11.14 7.51 36.91
CA ALA D 172 -10.20 7.77 37.96
C ALA D 172 -9.19 6.63 38.15
N LYS D 173 -9.63 5.38 38.08
CA LYS D 173 -8.67 4.29 38.25
C LYS D 173 -7.60 4.27 37.11
N MET D 174 -7.94 4.87 35.98
CA MET D 174 -7.05 4.91 34.85
C MET D 174 -6.04 6.05 35.09
N LEU D 175 -6.46 7.10 35.77
CA LEU D 175 -5.64 8.28 35.78
C LEU D 175 -4.90 8.61 37.10
N THR D 176 -5.25 7.91 38.18
CA THR D 176 -4.66 8.20 39.51
C THR D 176 -3.20 7.81 39.52
N ARG D 177 -2.39 8.63 40.16
CA ARG D 177 -0.95 8.39 40.27
C ARG D 177 -0.51 8.44 41.72
N PRO D 178 0.64 7.82 42.04
CA PRO D 178 1.14 7.90 43.40
C PRO D 178 1.27 9.38 43.85
N GLY D 179 1.03 9.62 45.16
CA GLY D 179 1.13 10.99 45.70
C GLY D 179 1.96 11.00 46.99
N SER D 180 2.26 12.21 47.46
CA SER D 180 2.68 12.48 48.85
C SER D 180 1.82 13.63 49.49
N LEU D 181 1.70 13.63 50.83
CA LEU D 181 1.26 14.80 51.61
C LEU D 181 2.44 15.56 52.28
N PHE D 182 3.67 15.13 51.99
CA PHE D 182 4.87 15.89 52.35
C PHE D 182 4.97 16.29 53.81
N PHE D 183 4.57 15.43 54.74
CA PHE D 183 4.54 15.79 56.18
C PHE D 183 5.92 16.22 56.68
N GLN D 184 6.94 15.45 56.34
CA GLN D 184 8.30 15.72 56.84
C GLN D 184 8.85 17.07 56.36
N ASP D 185 8.50 17.43 55.13
CA ASP D 185 8.90 18.71 54.57
C ASP D 185 7.98 19.80 55.10
N LEU D 186 6.67 19.56 55.17
CA LEU D 186 5.77 20.59 55.76
C LEU D 186 6.21 20.99 57.21
N ALA D 187 6.62 20.01 58.02
CA ALA D 187 7.03 20.26 59.42
C ALA D 187 8.20 21.23 59.48
N LYS D 188 9.07 21.11 58.49
CA LYS D 188 10.30 21.91 58.38
C LYS D 188 10.01 23.32 57.86
N ALA D 189 8.84 23.51 57.26
CA ALA D 189 8.53 24.73 56.54
C ALA D 189 8.07 25.94 57.39
N LYS D 190 8.31 27.14 56.88
CA LYS D 190 7.93 28.38 57.50
C LYS D 190 6.41 28.55 57.40
N LYS D 191 5.80 28.87 58.52
CA LYS D 191 4.36 28.99 58.53
C LYS D 191 3.85 30.25 57.85
N PHE D 192 2.55 30.26 57.61
CA PHE D 192 1.92 31.33 56.89
C PHE D 192 1.68 32.48 57.87
N SER D 193 1.61 33.70 57.37
CA SER D 193 1.57 34.90 58.19
C SER D 193 0.21 35.56 57.99
N THR D 194 -0.31 36.23 59.03
CA THR D 194 -1.67 36.84 58.94
C THR D 194 -1.63 38.04 58.03
N GLU D 195 -0.46 38.65 57.87
CA GLU D 195 -0.31 39.81 56.99
C GLU D 195 -0.44 39.44 55.51
N ARG D 196 -0.03 38.23 55.14
CA ARG D 196 -0.08 37.78 53.74
C ARG D 196 -1.23 36.80 53.59
N TYR D 197 -1.03 35.55 53.98
CA TYR D 197 -2.08 34.55 53.79
C TYR D 197 -3.44 34.93 54.43
N GLY D 198 -3.44 35.59 55.61
CA GLY D 198 -4.67 36.03 56.32
C GLY D 198 -5.37 37.26 55.75
N SER D 199 -4.67 38.00 54.89
CA SER D 199 -5.28 39.18 54.20
C SER D 199 -6.21 38.78 53.03
N VAL D 200 -6.19 37.50 52.69
CA VAL D 200 -6.93 36.97 51.52
C VAL D 200 -8.36 36.50 51.91
N LYS D 201 -9.37 36.90 51.15
CA LYS D 201 -10.72 36.42 51.40
C LYS D 201 -10.73 34.91 51.23
N ARG D 202 -11.48 34.20 52.05
CA ARG D 202 -11.58 32.73 51.99
C ARG D 202 -13.03 32.38 51.92
N ALA D 203 -13.34 31.33 51.16
CA ALA D 203 -14.66 30.77 51.17
C ALA D 203 -14.59 29.27 51.40
N TYR D 204 -15.69 28.69 51.83
CA TYR D 204 -15.70 27.26 52.10
C TYR D 204 -16.93 26.63 51.44
N ILE D 205 -16.68 25.53 50.76
CA ILE D 205 -17.79 24.73 50.27
C ILE D 205 -17.82 23.37 50.92
N PHE D 206 -18.88 23.10 51.67
CA PHE D 206 -19.03 21.81 52.29
C PHE D 206 -19.52 20.80 51.28
N CYS D 207 -18.97 19.59 51.34
CA CYS D 207 -19.49 18.42 50.58
C CYS D 207 -20.01 17.44 51.60
N ASN D 208 -21.34 17.46 51.78
CA ASN D 208 -21.96 16.87 52.97
C ASN D 208 -21.75 15.35 53.09
N GLU D 209 -21.74 14.68 51.95
CA GLU D 209 -21.61 13.22 51.94
C GLU D 209 -20.17 12.74 51.63
N ASP D 210 -19.20 13.61 51.86
CA ASP D 210 -17.80 13.24 51.67
C ASP D 210 -17.32 12.29 52.76
N LYS D 211 -16.88 11.13 52.37
CA LYS D 211 -16.54 10.07 53.31
C LYS D 211 -15.03 9.94 53.61
N SER D 212 -14.21 10.62 52.82
CA SER D 212 -12.81 10.59 53.11
C SER D 212 -12.50 11.74 54.11
N PHE D 213 -13.40 12.71 54.16
CA PHE D 213 -13.14 13.95 54.85
C PHE D 213 -14.49 14.39 55.42
N PRO D 214 -14.95 13.78 56.55
CA PRO D 214 -16.34 13.90 56.98
C PRO D 214 -16.81 15.32 57.30
N VAL D 215 -18.11 15.62 57.09
CA VAL D 215 -18.55 17.03 57.11
C VAL D 215 -18.43 17.72 58.50
N GLU D 216 -18.47 16.93 59.56
CA GLU D 216 -18.22 17.41 60.91
C GLU D 216 -16.76 17.95 60.98
N PHE D 217 -15.82 17.25 60.30
CA PHE D 217 -14.43 17.70 60.26
C PHE D 217 -14.22 18.90 59.31
N GLN D 218 -14.88 18.91 58.15
CA GLN D 218 -14.83 20.12 57.37
C GLN D 218 -15.42 21.31 58.18
N LYS D 219 -16.55 21.13 58.89
CA LYS D 219 -17.09 22.16 59.77
C LYS D 219 -16.06 22.58 60.82
N TRP D 220 -15.29 21.63 61.34
CA TRP D 220 -14.29 22.02 62.33
C TRP D 220 -13.33 23.08 61.76
N PHE D 221 -13.10 23.05 60.46
CA PHE D 221 -12.15 23.98 59.86
C PHE D 221 -12.78 25.34 59.77
N VAL D 222 -14.10 25.37 59.55
CA VAL D 222 -14.86 26.60 59.45
C VAL D 222 -14.95 27.27 60.84
N GLU D 223 -15.28 26.49 61.84
CA GLU D 223 -15.45 27.05 63.22
C GLU D 223 -14.14 27.39 63.93
N SER D 224 -13.02 26.79 63.52
CA SER D 224 -11.74 27.07 64.11
C SER D 224 -10.92 28.06 63.32
N VAL D 225 -10.98 28.06 61.98
CA VAL D 225 -10.27 29.07 61.20
C VAL D 225 -11.18 30.18 60.64
N GLY D 226 -12.44 29.84 60.36
CA GLY D 226 -13.33 30.81 59.75
C GLY D 226 -13.19 30.99 58.23
N ALA D 227 -14.28 31.44 57.63
CA ALA D 227 -14.38 31.77 56.22
C ALA D 227 -15.37 32.92 56.11
N ASP D 228 -15.16 33.78 55.11
CA ASP D 228 -15.97 34.95 54.86
C ASP D 228 -17.28 34.59 54.16
N LYS D 229 -17.26 33.52 53.35
CA LYS D 229 -18.49 32.94 52.82
C LYS D 229 -18.43 31.42 52.92
N VAL D 230 -19.53 30.80 53.33
CA VAL D 230 -19.66 29.33 53.29
C VAL D 230 -20.91 28.86 52.54
N LYS D 231 -20.78 27.82 51.72
CA LYS D 231 -21.91 27.19 51.01
C LYS D 231 -21.88 25.68 51.29
N GLU D 232 -22.97 24.94 51.05
CA GLU D 232 -22.91 23.47 51.17
C GLU D 232 -23.52 22.76 49.94
N ILE D 233 -22.83 21.72 49.48
CA ILE D 233 -23.41 20.88 48.43
C ILE D 233 -23.84 19.57 49.06
N LYS D 234 -25.16 19.41 49.05
CA LYS D 234 -25.86 18.43 49.84
C LYS D 234 -25.60 16.99 49.48
N GLU D 235 -25.51 16.65 48.19
CA GLU D 235 -25.34 15.25 47.81
C GLU D 235 -23.96 15.01 47.22
N ALA D 236 -23.02 15.89 47.58
CA ALA D 236 -21.64 15.80 47.06
C ALA D 236 -20.73 14.88 47.90
N ASP D 237 -19.99 13.97 47.23
CA ASP D 237 -19.05 13.04 47.88
C ASP D 237 -17.72 13.75 47.93
N ALA D 238 -16.57 13.05 47.99
CA ALA D 238 -15.30 13.76 48.04
C ALA D 238 -15.01 14.45 46.71
N MET D 239 -15.63 13.95 45.65
CA MET D 239 -15.46 14.43 44.30
C MET D 239 -16.70 15.19 43.82
N GLY D 240 -17.09 16.19 44.59
CA GLY D 240 -18.21 17.07 44.22
C GLY D 240 -18.20 17.62 42.81
N MET D 241 -17.00 17.81 42.22
CA MET D 241 -16.85 18.46 40.90
C MET D 241 -17.28 17.47 39.76
N LEU D 242 -17.51 16.23 40.17
CA LEU D 242 -17.75 15.12 39.29
C LEU D 242 -19.16 14.59 39.57
N SER D 243 -19.52 14.41 40.84
CA SER D 243 -20.88 14.01 41.17
C SER D 243 -21.91 15.13 41.20
N GLN D 244 -21.47 16.37 41.46
CA GLN D 244 -22.39 17.54 41.53
C GLN D 244 -21.87 18.83 40.84
N PRO D 245 -21.35 18.71 39.60
CA PRO D 245 -20.66 19.83 38.93
C PRO D 245 -21.45 21.15 38.82
N ARG D 246 -22.77 21.05 38.54
CA ARG D 246 -23.67 22.19 38.46
C ARG D 246 -23.79 22.90 39.78
N GLU D 247 -23.98 22.14 40.84
CA GLU D 247 -23.96 22.66 42.20
C GLU D 247 -22.63 23.39 42.45
N VAL D 248 -21.49 22.71 42.26
CA VAL D 248 -20.22 23.37 42.40
C VAL D 248 -20.13 24.67 41.62
N CYS D 249 -20.64 24.66 40.40
CA CYS D 249 -20.58 25.83 39.53
C CYS D 249 -21.43 26.94 40.15
N LYS D 250 -22.58 26.58 40.68
CA LYS D 250 -23.48 27.59 41.25
C LYS D 250 -22.82 28.31 42.44
N CYS D 251 -22.39 27.52 43.43
CA CYS D 251 -21.70 28.01 44.61
C CYS D 251 -20.53 28.88 44.23
N LEU D 252 -19.73 28.40 43.28
CA LEU D 252 -18.53 29.13 42.85
C LEU D 252 -18.87 30.51 42.24
N LEU D 253 -19.99 30.57 41.52
CA LEU D 253 -20.48 31.86 40.99
C LEU D 253 -21.11 32.80 42.01
N ASP D 254 -21.78 32.25 43.02
CA ASP D 254 -22.27 33.04 44.14
C ASP D 254 -21.12 33.70 44.86
N ILE D 255 -20.13 32.90 45.18
CA ILE D 255 -19.00 33.30 46.01
C ILE D 255 -18.17 34.42 45.37
N SER D 256 -18.09 34.42 44.03
CA SER D 256 -17.31 35.43 43.32
C SER D 256 -18.13 36.63 42.85
N ASP D 257 -19.40 36.42 42.52
CA ASP D 257 -20.20 37.51 41.95
C ASP D 257 -20.75 38.39 43.07
N GLN E 4 24.20 -21.84 -51.19
CA GLN E 4 23.08 -21.66 -50.21
C GLN E 4 21.89 -22.55 -50.57
N LYS E 5 21.70 -23.61 -49.77
CA LYS E 5 20.65 -24.65 -50.01
C LYS E 5 19.35 -24.44 -49.19
N HIS E 6 18.25 -25.03 -49.67
CA HIS E 6 17.01 -25.06 -48.91
C HIS E 6 16.74 -26.45 -48.32
N PHE E 7 16.82 -26.59 -47.00
CA PHE E 7 16.65 -27.89 -46.37
C PHE E 7 15.22 -28.05 -45.83
N VAL E 8 14.52 -29.13 -46.23
CA VAL E 8 13.15 -29.37 -45.76
C VAL E 8 13.14 -30.60 -44.81
N LEU E 9 12.97 -30.33 -43.51
CA LEU E 9 13.09 -31.34 -42.45
C LEU E 9 11.74 -31.95 -42.08
N VAL E 10 11.73 -33.29 -41.95
CA VAL E 10 10.47 -34.08 -41.86
C VAL E 10 10.53 -35.15 -40.75
N HIS E 11 9.69 -34.96 -39.73
CA HIS E 11 9.56 -35.84 -38.54
C HIS E 11 8.86 -37.19 -38.83
N GLY E 12 9.04 -38.19 -37.97
CA GLY E 12 8.30 -39.45 -38.05
C GLY E 12 7.01 -39.27 -37.26
N GLY E 13 6.29 -40.36 -36.98
CA GLY E 13 5.02 -40.31 -36.27
C GLY E 13 5.12 -39.89 -34.82
N CYS E 14 4.02 -39.26 -34.37
CA CYS E 14 3.87 -38.84 -32.98
C CYS E 14 4.80 -37.66 -32.61
N LEU E 15 5.38 -37.04 -33.64
CA LEU E 15 6.29 -35.92 -33.44
C LEU E 15 5.79 -34.69 -34.14
N GLY E 16 6.70 -33.78 -34.45
CA GLY E 16 6.34 -32.45 -34.95
C GLY E 16 7.64 -31.73 -35.28
N ALA E 17 7.58 -30.58 -35.92
CA ALA E 17 8.76 -29.87 -36.35
C ALA E 17 9.73 -29.61 -35.23
N TRP E 18 9.21 -29.44 -33.99
CA TRP E 18 10.00 -29.07 -32.76
C TRP E 18 11.29 -29.90 -32.56
N ILE E 19 11.29 -31.14 -33.00
CA ILE E 19 12.43 -32.05 -32.73
C ILE E 19 13.70 -31.52 -33.46
N TRP E 20 13.46 -30.70 -34.51
CA TRP E 20 14.51 -30.09 -35.36
C TRP E 20 15.06 -28.77 -34.81
N TYR E 21 14.78 -28.47 -33.53
CA TYR E 21 15.14 -27.15 -32.92
C TYR E 21 16.60 -26.84 -32.72
N LYS E 22 17.42 -27.88 -32.55
CA LYS E 22 18.90 -27.79 -32.54
C LYS E 22 19.58 -27.84 -33.91
N LEU E 23 18.92 -28.48 -34.88
CA LEU E 23 19.53 -28.66 -36.20
C LEU E 23 19.25 -27.40 -37.05
N LYS E 24 18.00 -26.95 -37.00
CA LYS E 24 17.61 -25.72 -37.68
C LYS E 24 18.52 -24.48 -37.49
N PRO E 25 18.91 -24.11 -36.25
CA PRO E 25 19.85 -22.99 -36.04
C PRO E 25 21.24 -23.27 -36.59
N LEU E 26 21.66 -24.53 -36.48
CA LEU E 26 22.98 -24.93 -36.96
C LEU E 26 23.04 -24.79 -38.47
N LEU E 27 21.98 -25.19 -39.16
CA LEU E 27 21.95 -25.09 -40.62
C LEU E 27 21.78 -23.65 -41.12
N GLU E 28 21.04 -22.82 -40.38
CA GLU E 28 20.86 -21.38 -40.70
C GLU E 28 22.14 -20.56 -40.42
N SER E 29 22.88 -20.99 -39.40
CA SER E 29 24.20 -20.48 -39.12
C SER E 29 25.14 -20.72 -40.31
N ALA E 30 24.84 -21.78 -41.07
CA ALA E 30 25.67 -22.17 -42.21
C ALA E 30 25.37 -21.33 -43.45
N GLY E 31 24.39 -20.45 -43.37
CA GLY E 31 23.93 -19.71 -44.52
C GLY E 31 22.73 -20.28 -45.28
N HIS E 32 22.25 -21.46 -44.86
CA HIS E 32 21.16 -22.17 -45.54
C HIS E 32 19.75 -21.82 -45.04
N LYS E 33 18.78 -21.83 -45.95
CA LYS E 33 17.36 -21.72 -45.57
C LYS E 33 16.93 -23.05 -44.95
N VAL E 34 15.93 -23.04 -44.07
CA VAL E 34 15.39 -24.30 -43.50
C VAL E 34 13.85 -24.19 -43.30
N THR E 35 13.11 -25.18 -43.82
CA THR E 35 11.67 -25.29 -43.46
C THR E 35 11.45 -26.56 -42.68
N ALA E 36 10.86 -26.42 -41.49
CA ALA E 36 10.56 -27.52 -40.59
C ALA E 36 9.01 -27.63 -40.51
N VAL E 37 8.48 -28.71 -41.10
CA VAL E 37 7.06 -28.87 -41.42
C VAL E 37 6.43 -29.69 -40.30
N ASP E 38 5.26 -29.23 -39.79
CA ASP E 38 4.34 -30.07 -39.01
C ASP E 38 3.33 -30.67 -40.00
N LEU E 39 3.30 -32.02 -40.04
CA LEU E 39 2.43 -32.81 -40.93
C LEU E 39 1.07 -32.80 -40.30
N SER E 40 0.05 -33.35 -40.97
CA SER E 40 -1.31 -33.05 -40.49
C SER E 40 -1.56 -33.62 -39.08
N ALA E 41 -2.02 -32.77 -38.15
CA ALA E 41 -2.33 -33.20 -36.77
C ALA E 41 -1.08 -33.68 -35.97
N ALA E 42 0.09 -33.16 -36.39
CA ALA E 42 1.36 -33.39 -35.74
C ALA E 42 1.77 -32.00 -35.17
N GLY E 43 2.62 -31.97 -34.12
CA GLY E 43 3.11 -30.72 -33.50
C GLY E 43 1.91 -29.85 -33.15
N ILE E 44 1.88 -28.65 -33.72
CA ILE E 44 0.82 -27.69 -33.49
C ILE E 44 0.01 -27.42 -34.77
N ASN E 45 0.04 -28.38 -35.71
CA ASN E 45 -0.93 -28.38 -36.81
C ASN E 45 -2.32 -28.48 -36.18
N PRO E 46 -3.23 -27.53 -36.54
CA PRO E 46 -4.56 -27.32 -35.92
C PRO E 46 -5.44 -28.52 -36.02
N ARG E 47 -5.03 -29.54 -36.77
CA ARG E 47 -5.96 -30.65 -37.02
C ARG E 47 -5.86 -31.79 -36.01
N ARG E 48 -7.04 -32.25 -35.57
CA ARG E 48 -7.13 -33.46 -34.77
C ARG E 48 -6.98 -34.65 -35.68
N LEU E 49 -6.51 -35.77 -35.13
CA LEU E 49 -6.27 -36.99 -35.90
C LEU E 49 -7.53 -37.72 -36.43
N ASP E 50 -8.61 -37.73 -35.65
CA ASP E 50 -9.90 -38.37 -35.99
C ASP E 50 -10.66 -37.70 -37.17
N GLU E 51 -9.87 -37.31 -38.18
CA GLU E 51 -10.27 -36.59 -39.39
C GLU E 51 -9.09 -36.60 -40.41
N ILE E 52 -7.96 -37.19 -40.03
CA ILE E 52 -6.96 -37.59 -41.03
C ILE E 52 -6.99 -39.11 -41.09
N HIS E 53 -7.39 -39.61 -42.25
CA HIS E 53 -7.63 -41.03 -42.43
C HIS E 53 -6.86 -41.61 -43.62
N THR E 54 -6.36 -40.71 -44.49
CA THR E 54 -5.58 -41.09 -45.67
C THR E 54 -4.17 -40.46 -45.66
N PHE E 55 -3.13 -41.30 -45.73
CA PHE E 55 -1.75 -40.81 -45.62
C PHE E 55 -1.50 -39.51 -46.42
N ARG E 56 -2.01 -39.42 -47.65
CA ARG E 56 -1.89 -38.22 -48.45
C ARG E 56 -2.19 -36.94 -47.67
N ASP E 57 -3.32 -36.93 -46.97
CA ASP E 57 -3.76 -35.80 -46.15
C ASP E 57 -2.75 -35.49 -45.00
N TYR E 58 -2.22 -36.57 -44.42
CA TYR E 58 -1.29 -36.48 -43.34
C TYR E 58 -0.16 -35.62 -43.89
N SER E 59 0.25 -35.95 -45.11
CA SER E 59 1.46 -35.41 -45.74
C SER E 59 1.22 -34.05 -46.34
N GLU E 60 -0.04 -33.61 -46.35
CA GLU E 60 -0.40 -32.37 -47.04
C GLU E 60 0.55 -31.18 -46.85
N PRO E 61 0.98 -30.91 -45.59
CA PRO E 61 1.82 -29.76 -45.31
C PRO E 61 3.21 -29.85 -45.99
N LEU E 62 3.72 -31.05 -46.17
CA LEU E 62 4.98 -31.21 -46.89
C LEU E 62 4.73 -31.03 -48.38
N MET E 63 3.53 -31.38 -48.82
CA MET E 63 3.23 -31.23 -50.21
C MET E 63 3.14 -29.75 -50.59
N GLU E 64 2.57 -28.96 -49.67
CA GLU E 64 2.42 -27.52 -49.85
C GLU E 64 3.72 -26.77 -49.88
N VAL E 65 4.61 -27.04 -48.89
CA VAL E 65 6.04 -26.70 -49.01
C VAL E 65 6.56 -26.94 -50.46
N MET E 66 6.39 -28.18 -50.96
CA MET E 66 6.93 -28.62 -52.24
C MET E 66 6.31 -27.88 -53.41
N ALA E 67 5.01 -27.57 -53.27
CA ALA E 67 4.28 -26.80 -54.26
C ALA E 67 4.82 -25.36 -54.36
N SER E 68 5.40 -24.84 -53.28
CA SER E 68 6.04 -23.53 -53.37
C SER E 68 7.59 -23.61 -53.32
N ILE E 69 8.14 -24.35 -54.29
CA ILE E 69 9.54 -24.28 -54.66
C ILE E 69 9.53 -23.57 -56.03
N PRO E 70 10.27 -22.46 -56.19
CA PRO E 70 10.33 -21.81 -57.50
C PRO E 70 10.96 -22.75 -58.54
N PRO E 71 10.61 -22.61 -59.83
CA PRO E 71 11.08 -23.59 -60.82
C PRO E 71 12.61 -23.65 -60.96
N ASP E 72 13.25 -22.50 -60.76
CA ASP E 72 14.70 -22.37 -60.84
C ASP E 72 15.33 -23.15 -59.67
N GLU E 73 14.47 -23.54 -58.73
CA GLU E 73 14.89 -24.01 -57.40
C GLU E 73 14.64 -25.50 -57.10
N LYS E 74 15.23 -25.94 -56.00
CA LYS E 74 15.33 -27.35 -55.61
C LYS E 74 15.66 -27.43 -54.12
N VAL E 75 15.12 -28.43 -53.43
CA VAL E 75 15.42 -28.63 -52.01
C VAL E 75 16.17 -29.93 -51.73
N VAL E 76 16.83 -30.00 -50.58
CA VAL E 76 17.30 -31.26 -50.00
C VAL E 76 16.23 -31.76 -48.98
N LEU E 77 15.82 -33.01 -49.10
CA LEU E 77 14.92 -33.63 -48.11
C LEU E 77 15.68 -34.30 -46.97
N LEU E 78 15.26 -34.07 -45.72
CA LEU E 78 15.64 -34.92 -44.60
C LEU E 78 14.34 -35.36 -43.93
N GLY E 79 14.15 -36.69 -43.84
CA GLY E 79 13.10 -37.26 -43.00
C GLY E 79 13.57 -38.37 -42.09
N HIS E 80 12.96 -38.46 -40.91
CA HIS E 80 13.31 -39.60 -40.01
C HIS E 80 12.20 -40.64 -39.80
N SER E 81 12.58 -41.91 -39.63
CA SER E 81 11.60 -42.95 -39.34
C SER E 81 10.49 -42.87 -40.38
N PHE E 82 9.23 -42.98 -39.94
CA PHE E 82 8.07 -42.85 -40.81
C PHE E 82 8.14 -41.64 -41.75
N GLY E 83 9.05 -40.71 -41.46
CA GLY E 83 9.14 -39.47 -42.22
C GLY E 83 9.53 -39.73 -43.65
N GLY E 84 10.29 -40.82 -43.84
CA GLY E 84 10.83 -41.28 -45.14
C GLY E 84 9.73 -41.57 -46.17
N MET E 85 8.60 -42.07 -45.67
CA MET E 85 7.33 -42.19 -46.43
C MET E 85 6.77 -40.89 -47.01
N SER E 86 6.75 -39.86 -46.17
CA SER E 86 6.41 -38.55 -46.65
C SER E 86 7.42 -38.05 -47.71
N LEU E 87 8.73 -38.17 -47.45
CA LEU E 87 9.77 -37.98 -48.49
C LEU E 87 9.42 -38.73 -49.77
N GLY E 88 9.18 -40.04 -49.63
CA GLY E 88 8.87 -40.92 -50.76
C GLY E 88 7.75 -40.35 -51.63
N LEU E 89 6.74 -39.78 -50.97
CA LEU E 89 5.59 -39.21 -51.66
C LEU E 89 5.89 -37.87 -52.35
N ALA E 90 6.68 -37.00 -51.71
CA ALA E 90 7.21 -35.79 -52.36
C ALA E 90 8.14 -36.08 -53.56
N MET E 91 8.85 -37.20 -53.51
CA MET E 91 9.83 -37.58 -54.54
C MET E 91 9.13 -38.08 -55.81
N GLU E 92 7.98 -38.72 -55.58
CA GLU E 92 7.07 -39.17 -56.59
C GLU E 92 6.36 -38.01 -57.31
N THR E 93 6.05 -36.98 -56.54
CA THR E 93 5.09 -35.97 -56.95
C THR E 93 5.74 -34.68 -57.47
N TYR E 94 6.88 -34.34 -56.89
CA TYR E 94 7.66 -33.16 -57.30
C TYR E 94 9.16 -33.51 -57.50
N PRO E 95 9.47 -34.59 -58.27
CA PRO E 95 10.80 -35.21 -58.32
C PRO E 95 11.88 -34.28 -58.87
N GLU E 96 11.46 -33.33 -59.72
CA GLU E 96 12.34 -32.32 -60.30
C GLU E 96 12.91 -31.39 -59.23
N LYS E 97 12.14 -31.20 -58.15
CA LYS E 97 12.41 -30.19 -57.14
C LYS E 97 13.39 -30.66 -56.07
N ILE E 98 13.57 -31.98 -55.96
CA ILE E 98 14.42 -32.56 -54.93
C ILE E 98 15.85 -32.84 -55.46
N SER E 99 16.88 -32.15 -54.95
CA SER E 99 18.27 -32.51 -55.31
C SER E 99 18.79 -33.82 -54.69
N VAL E 100 18.52 -34.04 -53.41
CA VAL E 100 18.79 -35.33 -52.69
C VAL E 100 17.77 -35.47 -51.54
N ALA E 101 17.26 -36.69 -51.36
CA ALA E 101 16.37 -37.04 -50.27
C ALA E 101 17.19 -37.88 -49.33
N VAL E 102 17.22 -37.43 -48.07
CA VAL E 102 18.08 -38.03 -47.08
C VAL E 102 17.14 -38.72 -46.13
N PHE E 103 17.20 -40.05 -46.15
CA PHE E 103 16.51 -40.87 -45.17
C PHE E 103 17.38 -41.08 -43.93
N MET E 104 16.98 -40.46 -42.82
CA MET E 104 17.66 -40.74 -41.54
C MET E 104 16.94 -41.77 -40.61
N SER E 105 17.53 -42.96 -40.53
CA SER E 105 16.90 -44.11 -39.85
C SER E 105 15.40 -44.09 -40.19
N ALA E 106 15.14 -44.08 -41.49
CA ALA E 106 13.84 -43.93 -42.05
C ALA E 106 13.60 -45.07 -43.04
N MET E 107 12.35 -45.21 -43.42
CA MET E 107 11.97 -46.20 -44.36
C MET E 107 12.02 -45.58 -45.73
N MET E 108 12.60 -46.36 -46.64
CA MET E 108 12.91 -45.94 -47.98
C MET E 108 12.02 -46.72 -48.92
N PRO E 109 11.02 -46.04 -49.50
CA PRO E 109 10.09 -46.68 -50.47
C PRO E 109 10.82 -47.32 -51.67
N ASP E 110 10.32 -48.48 -52.09
CA ASP E 110 10.91 -49.25 -53.16
C ASP E 110 9.94 -49.19 -54.35
N PRO E 111 10.33 -48.48 -55.43
CA PRO E 111 9.43 -48.29 -56.60
C PRO E 111 8.94 -49.62 -57.20
N ASN E 112 9.63 -50.70 -56.84
CA ASN E 112 9.33 -52.03 -57.36
C ASN E 112 8.27 -52.76 -56.50
N HIS E 113 7.89 -52.14 -55.40
CA HIS E 113 7.04 -52.77 -54.38
C HIS E 113 5.96 -51.86 -53.83
N SER E 114 4.93 -52.50 -53.25
CA SER E 114 3.82 -51.79 -52.62
C SER E 114 4.36 -50.89 -51.57
N LEU E 115 3.57 -49.87 -51.23
CA LEU E 115 4.00 -48.90 -50.22
C LEU E 115 4.06 -49.47 -48.81
N THR E 116 3.46 -50.64 -48.60
CA THR E 116 3.49 -51.33 -47.30
C THR E 116 4.64 -52.33 -47.18
N TYR E 117 5.35 -52.53 -48.29
CA TYR E 117 6.56 -53.35 -48.30
C TYR E 117 7.59 -52.93 -47.22
N PRO E 118 7.94 -51.61 -47.13
CA PRO E 118 8.87 -51.24 -46.05
C PRO E 118 8.33 -51.49 -44.61
N PHE E 119 7.10 -52.01 -44.51
CA PHE E 119 6.49 -52.41 -43.20
C PHE E 119 6.61 -53.90 -42.98
N GLU E 120 7.01 -54.64 -44.02
CA GLU E 120 7.12 -56.09 -43.96
C GLU E 120 8.25 -56.63 -43.07
N LYS E 121 9.49 -56.23 -43.36
CA LYS E 121 10.69 -56.70 -42.64
C LYS E 121 10.54 -56.51 -41.14
N TYR E 122 10.20 -55.26 -40.78
CA TYR E 122 10.00 -54.83 -39.42
C TYR E 122 8.98 -55.74 -38.72
N ASN E 123 7.82 -55.93 -39.36
CA ASN E 123 6.75 -56.83 -38.85
C ASN E 123 7.08 -58.31 -38.91
N GLU E 124 8.21 -58.64 -39.54
CA GLU E 124 8.66 -60.03 -39.66
C GLU E 124 9.72 -60.41 -38.63
N LYS E 125 10.50 -59.41 -38.22
CA LYS E 125 11.63 -59.61 -37.31
C LYS E 125 11.43 -58.97 -35.92
N CYS E 126 10.56 -57.97 -35.84
CA CYS E 126 10.27 -57.35 -34.55
C CYS E 126 9.19 -58.11 -33.76
N PRO E 127 9.31 -58.12 -32.41
CA PRO E 127 8.25 -58.75 -31.60
C PRO E 127 7.12 -57.75 -31.30
N ALA E 128 5.98 -58.25 -30.83
CA ALA E 128 4.84 -57.40 -30.44
C ALA E 128 5.27 -56.40 -29.36
N ASP E 129 6.25 -56.82 -28.54
CA ASP E 129 6.71 -56.02 -27.39
C ASP E 129 7.73 -54.97 -27.78
N MET E 130 7.95 -54.83 -29.08
CA MET E 130 8.87 -53.81 -29.61
C MET E 130 8.58 -52.37 -29.12
N MET E 131 7.27 -52.06 -29.11
CA MET E 131 6.70 -50.73 -28.76
C MET E 131 6.53 -50.48 -27.25
N LEU E 132 6.79 -51.51 -26.44
CA LEU E 132 6.66 -51.45 -24.96
C LEU E 132 5.28 -51.00 -24.46
N ASP E 133 5.15 -49.74 -24.03
CA ASP E 133 3.93 -49.30 -23.33
C ASP E 133 3.05 -48.26 -24.07
N SER E 134 3.19 -48.18 -25.40
CA SER E 134 2.40 -47.25 -26.21
C SER E 134 0.92 -47.69 -26.31
N GLN E 135 -0.03 -46.75 -26.16
CA GLN E 135 -1.48 -47.06 -26.11
C GLN E 135 -2.08 -47.03 -27.52
N PHE E 136 -2.72 -48.13 -27.92
CA PHE E 136 -3.28 -48.21 -29.27
C PHE E 136 -4.80 -48.12 -29.18
N SER E 137 -5.40 -47.45 -30.15
CA SER E 137 -6.85 -47.36 -30.24
C SER E 137 -7.22 -47.10 -31.69
N THR E 138 -8.41 -47.57 -32.05
CA THR E 138 -8.81 -47.62 -33.43
C THR E 138 -9.89 -46.56 -33.69
N TYR E 139 -9.41 -45.43 -34.19
CA TYR E 139 -10.21 -44.23 -34.39
C TYR E 139 -11.12 -44.35 -35.60
N GLY E 140 -11.93 -43.32 -35.81
CA GLY E 140 -12.82 -43.26 -36.94
C GLY E 140 -13.96 -44.25 -36.80
N ASN E 141 -14.44 -44.76 -37.92
CA ASN E 141 -15.56 -45.70 -37.93
C ASN E 141 -15.12 -47.07 -37.41
N PRO E 142 -16.06 -47.83 -36.82
CA PRO E 142 -15.73 -49.12 -36.19
C PRO E 142 -15.51 -50.27 -37.18
N GLU E 143 -16.10 -50.17 -38.36
CA GLU E 143 -16.00 -51.23 -39.35
C GLU E 143 -14.96 -50.89 -40.41
N ASN E 144 -14.31 -49.74 -40.24
CA ASN E 144 -13.25 -49.28 -41.14
C ASN E 144 -12.31 -48.37 -40.36
N PRO E 145 -11.69 -48.92 -39.30
CA PRO E 145 -10.93 -48.12 -38.36
C PRO E 145 -9.46 -48.02 -38.71
N GLY E 146 -8.88 -46.86 -38.45
CA GLY E 146 -7.44 -46.68 -38.54
C GLY E 146 -6.75 -47.23 -37.31
N MET E 147 -5.42 -47.22 -37.35
CA MET E 147 -4.62 -47.63 -36.20
C MET E 147 -3.85 -46.44 -35.62
N SER E 148 -4.42 -45.86 -34.55
CA SER E 148 -3.79 -44.76 -33.78
C SER E 148 -2.94 -45.26 -32.63
N MET E 149 -1.76 -44.67 -32.52
CA MET E 149 -0.82 -45.00 -31.47
C MET E 149 -0.47 -43.73 -30.74
N ILE E 150 -0.41 -43.80 -29.41
CA ILE E 150 0.25 -42.75 -28.65
C ILE E 150 1.48 -43.39 -27.98
N LEU E 151 2.64 -42.74 -28.17
CA LEU E 151 3.91 -43.21 -27.58
C LEU E 151 3.82 -43.16 -26.06
N GLY E 152 4.32 -44.19 -25.39
CA GLY E 152 4.23 -44.27 -23.94
C GLY E 152 5.50 -43.77 -23.28
N PRO E 153 5.44 -43.44 -21.97
CA PRO E 153 6.63 -42.90 -21.31
C PRO E 153 7.83 -43.81 -21.53
N GLN E 154 7.68 -45.08 -21.17
CA GLN E 154 8.78 -46.05 -21.24
C GLN E 154 9.36 -46.29 -22.64
N PHE E 155 8.49 -46.50 -23.63
CA PHE E 155 8.95 -46.66 -24.99
C PHE E 155 9.85 -45.49 -25.38
N MET E 156 9.41 -44.28 -25.02
CA MET E 156 10.15 -43.05 -25.33
C MET E 156 11.51 -43.01 -24.64
N ALA E 157 11.51 -43.19 -23.33
CA ALA E 157 12.76 -43.09 -22.54
C ALA E 157 13.72 -44.16 -22.98
N LEU E 158 13.21 -45.38 -23.07
CA LEU E 158 14.06 -46.54 -23.31
C LEU E 158 14.51 -46.76 -24.77
N LYS E 159 13.61 -46.52 -25.74
CA LYS E 159 13.84 -46.93 -27.15
C LYS E 159 13.80 -45.79 -28.21
N MET E 160 13.59 -44.56 -27.77
CA MET E 160 13.75 -43.43 -28.68
C MET E 160 14.79 -42.40 -28.21
N PHE E 161 14.77 -42.10 -26.92
CA PHE E 161 15.49 -40.95 -26.40
C PHE E 161 16.66 -41.31 -25.50
N GLN E 162 17.12 -42.55 -25.57
CA GLN E 162 18.11 -43.04 -24.59
C GLN E 162 19.45 -42.32 -24.63
N ASN E 163 19.86 -41.81 -25.80
CA ASN E 163 21.11 -41.02 -25.92
C ASN E 163 20.89 -39.50 -25.72
N CYS E 164 19.67 -39.11 -25.31
CA CYS E 164 19.27 -37.70 -25.22
C CYS E 164 19.32 -37.13 -23.78
N SER E 165 19.33 -35.80 -23.68
CA SER E 165 19.26 -35.19 -22.37
C SER E 165 17.92 -35.56 -21.71
N VAL E 166 17.81 -35.41 -20.40
CA VAL E 166 16.49 -35.61 -19.77
C VAL E 166 15.48 -34.53 -20.17
N GLU E 167 15.94 -33.30 -20.33
CA GLU E 167 15.12 -32.21 -20.90
C GLU E 167 14.47 -32.50 -22.25
N ASP E 168 15.19 -33.11 -23.20
CA ASP E 168 14.55 -33.43 -24.48
C ASP E 168 13.48 -34.50 -24.30
N LEU E 169 13.70 -35.39 -23.33
CA LEU E 169 12.66 -36.37 -23.01
C LEU E 169 11.45 -35.68 -22.38
N GLU E 170 11.70 -34.73 -21.47
CA GLU E 170 10.61 -33.91 -20.92
C GLU E 170 9.79 -33.26 -22.02
N LEU E 171 10.53 -32.61 -22.91
CA LEU E 171 9.97 -31.92 -24.06
C LEU E 171 9.17 -32.87 -24.94
N ALA E 172 9.68 -34.08 -25.17
CA ALA E 172 8.93 -35.09 -25.94
C ALA E 172 7.64 -35.47 -25.25
N LYS E 173 7.73 -35.60 -23.92
CA LYS E 173 6.58 -35.99 -23.08
C LYS E 173 5.41 -34.98 -23.08
N MET E 174 5.75 -33.71 -23.23
CA MET E 174 4.77 -32.63 -23.30
C MET E 174 4.30 -32.37 -24.75
N LEU E 175 4.99 -32.90 -25.76
CA LEU E 175 4.63 -32.48 -27.09
C LEU E 175 4.17 -33.56 -28.06
N THR E 176 4.14 -34.79 -27.60
CA THR E 176 3.85 -35.89 -28.47
C THR E 176 2.33 -36.06 -28.56
N ARG E 177 1.89 -36.48 -29.74
CA ARG E 177 0.48 -36.53 -30.05
C ARG E 177 0.10 -37.90 -30.63
N PRO E 178 -1.21 -38.31 -30.52
CA PRO E 178 -1.62 -39.55 -31.21
C PRO E 178 -1.21 -39.53 -32.68
N GLY E 179 -0.57 -40.59 -33.17
CA GLY E 179 -0.21 -40.74 -34.58
C GLY E 179 -0.78 -42.00 -35.24
N SER E 180 -0.80 -42.02 -36.57
CA SER E 180 -1.26 -43.19 -37.35
C SER E 180 -0.31 -43.48 -38.51
N LEU E 181 -0.05 -44.77 -38.72
CA LEU E 181 0.84 -45.23 -39.80
C LEU E 181 0.10 -45.40 -41.13
N PHE E 182 -1.24 -45.35 -41.07
CA PHE E 182 -2.08 -45.48 -42.27
C PHE E 182 -1.84 -46.77 -43.08
N PHE E 183 -1.32 -47.83 -42.43
CA PHE E 183 -0.89 -49.06 -43.13
C PHE E 183 -1.95 -49.47 -44.14
N GLN E 184 -3.18 -49.58 -43.64
CA GLN E 184 -4.32 -49.94 -44.44
C GLN E 184 -4.52 -49.02 -45.65
N ASP E 185 -4.23 -47.73 -45.49
CA ASP E 185 -4.42 -46.76 -46.56
C ASP E 185 -3.31 -46.80 -47.61
N LEU E 186 -2.09 -47.08 -47.14
CA LEU E 186 -0.92 -47.29 -48.00
C LEU E 186 -1.02 -48.62 -48.77
N ALA E 187 -1.71 -49.60 -48.17
CA ALA E 187 -2.01 -50.88 -48.81
C ALA E 187 -2.62 -50.70 -50.19
N LYS E 188 -3.44 -49.66 -50.35
CA LYS E 188 -4.23 -49.44 -51.55
C LYS E 188 -3.87 -48.21 -52.38
N ALA E 189 -2.80 -47.53 -52.03
CA ALA E 189 -2.32 -46.42 -52.83
C ALA E 189 -1.47 -47.00 -53.94
N LYS E 190 -1.39 -46.31 -55.07
CA LYS E 190 -0.45 -46.68 -56.13
C LYS E 190 0.97 -46.61 -55.61
N LYS E 191 1.80 -47.50 -56.13
CA LYS E 191 3.20 -47.53 -55.81
C LYS E 191 3.91 -46.34 -56.46
N PHE E 192 5.10 -46.03 -55.95
CA PHE E 192 5.92 -45.00 -56.55
C PHE E 192 6.59 -45.57 -57.80
N SER E 193 7.02 -44.70 -58.72
CA SER E 193 7.48 -45.14 -60.03
C SER E 193 8.97 -44.96 -60.18
N THR E 194 9.60 -45.80 -60.99
CA THR E 194 10.99 -45.58 -61.31
C THR E 194 11.17 -44.22 -62.02
N GLU E 195 10.21 -43.84 -62.90
CA GLU E 195 10.25 -42.53 -63.63
C GLU E 195 10.22 -41.32 -62.73
N ARG E 196 9.41 -41.37 -61.68
CA ARG E 196 9.28 -40.19 -60.85
C ARG E 196 10.11 -40.33 -59.59
N TYR E 197 9.68 -41.21 -58.68
CA TYR E 197 10.35 -41.41 -57.41
C TYR E 197 11.77 -41.94 -57.54
N GLY E 198 11.99 -42.82 -58.51
CA GLY E 198 13.32 -43.42 -58.75
C GLY E 198 14.32 -42.47 -59.39
N SER E 199 13.83 -41.36 -59.94
CA SER E 199 14.72 -40.37 -60.57
C SER E 199 15.50 -39.56 -59.57
N VAL E 200 14.94 -39.45 -58.37
CA VAL E 200 15.51 -38.60 -57.32
C VAL E 200 16.72 -39.25 -56.64
N LYS E 201 17.85 -38.54 -56.54
CA LYS E 201 19.01 -39.07 -55.78
C LYS E 201 18.70 -39.40 -54.32
N ARG E 202 19.40 -40.39 -53.77
CA ARG E 202 19.12 -40.87 -52.40
C ARG E 202 20.34 -41.03 -51.47
N ALA E 203 20.19 -40.51 -50.25
CA ALA E 203 21.18 -40.70 -49.19
C ALA E 203 20.52 -41.29 -47.95
N TYR E 204 21.28 -42.12 -47.22
CA TYR E 204 20.84 -42.67 -45.94
C TYR E 204 21.86 -42.31 -44.86
N ILE E 205 21.36 -41.79 -43.75
CA ILE E 205 22.19 -41.59 -42.55
C ILE E 205 21.84 -42.60 -41.46
N PHE E 206 22.72 -43.57 -41.29
CA PHE E 206 22.55 -44.58 -40.25
C PHE E 206 22.66 -43.99 -38.86
N CYS E 207 21.70 -44.29 -38.00
CA CYS E 207 21.81 -44.04 -36.54
C CYS E 207 22.13 -45.35 -35.82
N ASN E 208 23.40 -45.52 -35.44
CA ASN E 208 23.89 -46.83 -35.08
C ASN E 208 23.24 -47.38 -33.81
N GLU E 209 22.92 -46.47 -32.89
CA GLU E 209 22.43 -46.83 -31.56
C GLU E 209 20.91 -46.67 -31.44
N ASP E 210 20.21 -46.75 -32.56
CA ASP E 210 18.75 -46.61 -32.52
C ASP E 210 18.07 -47.90 -32.05
N LYS E 211 17.19 -47.80 -31.07
CA LYS E 211 16.58 -49.00 -30.49
C LYS E 211 15.24 -49.41 -31.07
N SER E 212 14.56 -48.49 -31.76
CA SER E 212 13.24 -48.80 -32.36
C SER E 212 13.34 -49.19 -33.85
N PHE E 213 14.53 -49.00 -34.41
CA PHE E 213 14.81 -49.27 -35.81
C PHE E 213 16.29 -49.74 -35.85
N PRO E 214 16.53 -51.01 -35.45
CA PRO E 214 17.90 -51.53 -35.32
C PRO E 214 18.71 -51.41 -36.60
N VAL E 215 19.99 -51.08 -36.44
CA VAL E 215 20.91 -50.83 -37.55
C VAL E 215 20.89 -51.95 -38.61
N GLU E 216 20.43 -53.16 -38.22
CA GLU E 216 20.35 -54.28 -39.15
C GLU E 216 19.19 -54.11 -40.12
N PHE E 217 18.04 -53.61 -39.65
CA PHE E 217 16.92 -53.26 -40.55
C PHE E 217 17.33 -52.09 -41.43
N GLN E 218 18.03 -51.10 -40.83
CA GLN E 218 18.56 -49.92 -41.55
C GLN E 218 19.43 -50.37 -42.70
N LYS E 219 20.49 -51.12 -42.38
CA LYS E 219 21.35 -51.79 -43.36
C LYS E 219 20.58 -52.62 -44.41
N TRP E 220 19.59 -53.42 -43.99
CA TRP E 220 18.72 -54.15 -44.94
C TRP E 220 18.08 -53.25 -46.02
N PHE E 221 17.54 -52.10 -45.60
CA PHE E 221 16.98 -51.13 -46.55
C PHE E 221 18.07 -50.73 -47.53
N VAL E 222 19.24 -50.40 -47.00
CA VAL E 222 20.38 -50.00 -47.82
C VAL E 222 20.81 -51.06 -48.85
N GLU E 223 20.87 -52.33 -48.43
CA GLU E 223 21.33 -53.41 -49.33
C GLU E 223 20.22 -53.80 -50.32
N SER E 224 18.98 -53.77 -49.86
CA SER E 224 17.89 -54.26 -50.67
C SER E 224 17.23 -53.13 -51.48
N VAL E 225 17.01 -51.98 -50.86
CA VAL E 225 16.50 -50.82 -51.61
C VAL E 225 17.64 -50.13 -52.40
N GLY E 226 18.73 -49.80 -51.72
CA GLY E 226 19.85 -49.03 -52.31
C GLY E 226 19.75 -47.52 -52.08
N ALA E 227 20.89 -46.91 -51.83
CA ALA E 227 21.01 -45.44 -51.76
C ALA E 227 22.29 -45.01 -52.45
N ASP E 228 22.33 -43.77 -52.92
CA ASP E 228 23.51 -43.33 -53.67
C ASP E 228 24.64 -42.99 -52.73
N LYS E 229 24.28 -42.48 -51.56
CA LYS E 229 25.22 -41.89 -50.61
C LYS E 229 24.81 -42.27 -49.21
N VAL E 230 25.75 -42.72 -48.38
CA VAL E 230 25.42 -43.11 -46.99
C VAL E 230 26.43 -42.59 -45.94
N LYS E 231 25.90 -42.08 -44.82
CA LYS E 231 26.69 -41.75 -43.63
C LYS E 231 26.24 -42.63 -42.43
N GLU E 232 26.98 -42.55 -41.32
CA GLU E 232 26.56 -43.17 -40.07
C GLU E 232 26.79 -42.26 -38.87
N ILE E 233 25.80 -42.17 -38.00
CA ILE E 233 26.04 -41.48 -36.74
C ILE E 233 26.16 -42.53 -35.64
N LYS E 234 27.39 -42.83 -35.25
CA LYS E 234 27.69 -43.90 -34.28
C LYS E 234 26.97 -43.84 -32.92
N GLU E 235 26.61 -42.66 -32.44
CA GLU E 235 25.97 -42.57 -31.12
C GLU E 235 24.62 -41.86 -31.20
N ALA E 236 24.07 -41.85 -32.40
CA ALA E 236 22.73 -41.36 -32.57
C ALA E 236 21.76 -42.45 -32.16
N ASP E 237 20.72 -42.05 -31.43
CA ASP E 237 19.60 -42.94 -31.08
C ASP E 237 18.48 -42.74 -32.10
N ALA E 238 17.27 -43.19 -31.80
CA ALA E 238 16.16 -42.92 -32.73
C ALA E 238 16.06 -41.40 -33.00
N MET E 239 16.49 -40.59 -32.05
CA MET E 239 16.30 -39.11 -32.15
C MET E 239 17.66 -38.41 -32.27
N GLY E 240 18.45 -38.80 -33.28
CA GLY E 240 19.80 -38.29 -33.50
C GLY E 240 19.90 -36.81 -33.78
N MET E 241 18.84 -36.19 -34.30
CA MET E 241 18.81 -34.70 -34.42
C MET E 241 18.78 -33.96 -33.06
N LEU E 242 18.50 -34.71 -31.99
CA LEU E 242 18.47 -34.18 -30.61
C LEU E 242 19.63 -34.73 -29.86
N SER E 243 20.03 -35.96 -30.19
CA SER E 243 21.04 -36.66 -29.42
C SER E 243 22.43 -36.40 -30.02
N GLN E 244 22.50 -36.08 -31.32
CA GLN E 244 23.75 -35.67 -31.97
C GLN E 244 23.45 -34.64 -33.08
N PRO E 245 22.92 -33.43 -32.73
CA PRO E 245 22.52 -32.54 -33.83
C PRO E 245 23.67 -32.07 -34.75
N ARG E 246 24.81 -31.69 -34.17
CA ARG E 246 25.87 -31.19 -35.05
C ARG E 246 26.48 -32.28 -35.93
N GLU E 247 26.32 -33.54 -35.54
CA GLU E 247 26.72 -34.64 -36.39
C GLU E 247 25.76 -34.78 -37.57
N VAL E 248 24.44 -34.70 -37.30
CA VAL E 248 23.45 -34.78 -38.37
C VAL E 248 23.67 -33.63 -39.35
N CYS E 249 24.05 -32.48 -38.81
CA CYS E 249 24.41 -31.31 -39.60
C CYS E 249 25.68 -31.46 -40.47
N LYS E 250 26.68 -32.20 -39.99
CA LYS E 250 27.91 -32.40 -40.79
C LYS E 250 27.57 -33.35 -41.95
N CYS E 251 27.11 -34.54 -41.60
CA CYS E 251 26.34 -35.41 -42.51
C CYS E 251 25.47 -34.65 -43.49
N LEU E 252 24.61 -33.79 -43.04
CA LEU E 252 23.65 -33.24 -43.99
C LEU E 252 24.37 -32.31 -44.97
N LEU E 253 25.24 -31.46 -44.46
CA LEU E 253 26.05 -30.59 -45.29
C LEU E 253 26.99 -31.35 -46.22
N ASP E 254 27.54 -32.48 -45.74
CA ASP E 254 28.48 -33.31 -46.52
C ASP E 254 27.82 -34.03 -47.71
N ILE E 255 26.63 -34.55 -47.47
CA ILE E 255 25.82 -35.26 -48.47
C ILE E 255 25.30 -34.33 -49.55
N SER E 256 24.94 -33.10 -49.17
CA SER E 256 24.35 -32.12 -50.09
C SER E 256 25.36 -31.20 -50.79
N ASP E 257 26.63 -31.58 -50.81
CA ASP E 257 27.72 -30.71 -51.24
C ASP E 257 28.57 -31.37 -52.31
CAA EVS F . -4.26 11.02 16.22
CAE EVS F . -4.98 11.76 15.07
CAP EVS F . -4.94 11.13 13.81
CAK EVS F . -5.60 11.67 12.66
NAY EVS F . -5.73 10.63 11.58
CAX EVS F . -6.42 9.45 12.18
CAL EVS F . -6.70 8.32 11.12
CAR EVS F . -5.55 8.12 10.28
CAU EVS F . -5.34 7.15 9.39
CAJ EVS F . -6.13 6.12 9.00
CAH EVS F . -5.70 5.19 8.04
CAG EVS F . -4.43 5.39 7.49
CAI EVS F . -3.68 6.48 7.95
CAT EVS F . -4.13 7.34 8.89
NAN EVS F . -3.59 8.43 9.44
CAS EVS F . -4.45 8.93 10.31
CAW EVS F . -4.36 10.10 11.16
CAM EVS F . -3.46 9.85 12.40
CAV EVS F . -4.36 9.87 13.66
CAZ EVS F . -5.68 9.09 13.55
CAF EVS F . -5.67 7.69 14.18
OAC EVS F . -5.06 7.79 15.51
CAA EVS G . 1.45 30.13 1.96
CAE EVS G . 2.28 28.84 2.04
CAP EVS G . 1.85 27.79 1.26
CAK EVS G . 2.55 26.53 1.23
NAY EVS G . 1.99 25.58 0.20
CAX EVS G . 2.10 26.19 -1.10
CAL EVS G . 1.47 25.34 -2.20
CAR EVS G . 0.30 24.70 -1.78
CAU EVS G . -0.59 24.00 -2.49
CAJ EVS G . -0.63 23.69 -3.82
CAH EVS G . -1.69 22.92 -4.32
CAG EVS G . -2.68 22.50 -3.39
CAI EVS G . -2.60 22.86 -2.01
CAT EVS G . -1.57 23.60 -1.63
NAN EVS G . -1.25 24.06 -0.42
CAS EVS G . -0.11 24.73 -0.51
CAW EVS G . 0.57 25.40 0.51
CAM EVS G . -0.17 26.77 0.71
CAV EVS G . 0.80 27.93 0.38
CAZ EVS G . 1.64 27.73 -0.94
CAF EVS G . 1.24 28.62 -2.14
OAC EVS G . 0.95 29.92 -1.63
CAA EVS H . 2.63 -13.56 -25.24
CAE EVS H . 3.44 -12.27 -25.30
CAP EVS H . 3.10 -11.30 -24.36
CAK EVS H . 3.79 -10.06 -24.30
NAY EVS H . 3.13 -9.14 -23.33
CAX EVS H . 3.18 -9.72 -21.96
CAL EVS H . 2.36 -8.91 -20.90
CAR EVS H . 1.28 -8.21 -21.49
CAU EVS H . 0.39 -7.38 -20.92
CAJ EVS H . 0.25 -6.97 -19.64
CAH EVS H . -0.76 -6.09 -19.28
CAG EVS H . -1.63 -5.66 -20.29
CAI EVS H . -1.47 -6.12 -21.61
CAT EVS H . -0.46 -6.95 -21.89
NAN EVS H . -0.08 -7.51 -23.04
CAS EVS H . 0.97 -8.28 -22.81
CAW EVS H . 1.70 -9.06 -23.71
CAM EVS H . 1.01 -10.46 -23.71
CAV EVS H . 2.10 -11.51 -23.42
CAZ EVS H . 2.86 -11.29 -22.10
CAF EVS H . 2.31 -12.12 -20.96
OAC EVS H . 2.44 -13.48 -21.39
CAA EVS I . -5.53 11.39 48.26
CAE EVS I . -6.50 10.80 49.32
CAP EVS I . -6.71 11.55 50.51
CAK EVS I . -7.58 11.09 51.56
NAY EVS I . -7.70 12.14 52.66
CAX EVS I . -8.29 13.33 52.03
CAL EVS I . -8.67 14.34 53.14
CAR EVS I . -7.60 14.57 54.02
CAU EVS I . -7.44 15.55 54.94
CAJ EVS I . -8.22 16.60 55.34
CAH EVS I . -7.81 17.53 56.34
CAG EVS I . -6.56 17.35 56.92
CAI EVS I . -5.81 16.25 56.48
CAT EVS I . -6.25 15.38 55.51
NAN EVS I . -5.69 14.26 54.97
CAS EVS I . -6.51 13.77 54.05
CAW EVS I . -6.36 12.61 53.21
CAM EVS I . -5.34 12.84 52.06
CAV EVS I . -6.11 12.79 50.70
CAZ EVS I . -7.37 13.69 50.70
CAF EVS I . -7.08 15.08 50.20
OAC EVS I . -6.45 14.96 48.90
#